data_6K21
# 
_entry.id   6K21 
# 
_audit_conform.dict_name       mmcif_pdbx.dic 
_audit_conform.dict_version    5.387 
_audit_conform.dict_location   http://mmcif.pdb.org/dictionaries/ascii/mmcif_pdbx.dic 
# 
loop_
_database_2.database_id 
_database_2.database_code 
_database_2.pdbx_database_accession 
_database_2.pdbx_DOI 
PDB   6K21         pdb_00006k21 10.2210/pdb6k21/pdb 
WWPDB D_1300012175 ?            ?                   
# 
loop_
_pdbx_audit_revision_history.ordinal 
_pdbx_audit_revision_history.data_content_type 
_pdbx_audit_revision_history.major_revision 
_pdbx_audit_revision_history.minor_revision 
_pdbx_audit_revision_history.revision_date 
1 'Structure model' 1 0 2019-10-02 
2 'Structure model' 1 1 2024-03-27 
# 
_pdbx_audit_revision_details.ordinal             1 
_pdbx_audit_revision_details.revision_ordinal    1 
_pdbx_audit_revision_details.data_content_type   'Structure model' 
_pdbx_audit_revision_details.provider            repository 
_pdbx_audit_revision_details.type                'Initial release' 
_pdbx_audit_revision_details.description         ? 
_pdbx_audit_revision_details.details             ? 
# 
loop_
_pdbx_audit_revision_group.ordinal 
_pdbx_audit_revision_group.revision_ordinal 
_pdbx_audit_revision_group.data_content_type 
_pdbx_audit_revision_group.group 
1 2 'Structure model' 'Data collection'     
2 2 'Structure model' 'Database references' 
# 
loop_
_pdbx_audit_revision_category.ordinal 
_pdbx_audit_revision_category.revision_ordinal 
_pdbx_audit_revision_category.data_content_type 
_pdbx_audit_revision_category.category 
1 2 'Structure model' chem_comp_atom 
2 2 'Structure model' chem_comp_bond 
3 2 'Structure model' database_2     
# 
loop_
_pdbx_audit_revision_item.ordinal 
_pdbx_audit_revision_item.revision_ordinal 
_pdbx_audit_revision_item.data_content_type 
_pdbx_audit_revision_item.item 
1 2 'Structure model' '_database_2.pdbx_DOI'                
2 2 'Structure model' '_database_2.pdbx_database_accession' 
# 
_pdbx_database_status.status_code                     REL 
_pdbx_database_status.status_code_sf                  REL 
_pdbx_database_status.status_code_mr                  ? 
_pdbx_database_status.entry_id                        6K21 
_pdbx_database_status.recvd_initial_deposition_date   2019-05-13 
_pdbx_database_status.SG_entry                        N 
_pdbx_database_status.deposit_site                    PDBJ 
_pdbx_database_status.process_site                    PDBJ 
_pdbx_database_status.status_code_cs                  ? 
_pdbx_database_status.methods_development_category    ? 
_pdbx_database_status.pdb_format_compatible           Y 
_pdbx_database_status.status_code_nmr_data            ? 
# 
_audit_author.name               'Su, J.' 
_audit_author.pdbx_ordinal       1 
_audit_author.identifier_ORCID   ? 
# 
_citation.abstract                  ? 
_citation.abstract_id_CAS           ? 
_citation.book_id_ISBN              ? 
_citation.book_publisher            ? 
_citation.book_publisher_city       ? 
_citation.book_title                ? 
_citation.coordinate_linkage        ? 
_citation.country                   CH 
_citation.database_id_Medline       ? 
_citation.details                   ? 
_citation.id                        primary 
_citation.journal_abbrev            'Int J Mol Sci' 
_citation.journal_id_ASTM           ? 
_citation.journal_id_CSD            ? 
_citation.journal_id_ISSN           1422-0067 
_citation.journal_full              ? 
_citation.journal_issue             ? 
_citation.journal_volume            20 
_citation.language                  ? 
_citation.page_first                ? 
_citation.page_last                 ? 
_citation.title                     
;Crystal Structures of Pyrophosphatase from Acinetobacter baumannii: Snapshots of Pyrophosphate Binding and Identification of a Phosphorylated Enzyme Intermediate.
;
_citation.year                      2019 
_citation.database_id_CSD           ? 
_citation.pdbx_database_id_DOI      10.3390/ijms20184394 
_citation.pdbx_database_id_PubMed   31500178 
_citation.unpublished_flag          ? 
# 
loop_
_citation_author.citation_id 
_citation_author.name 
_citation_author.ordinal 
_citation_author.identifier_ORCID 
primary 'Si, Y.'      1 ?                   
primary 'Wang, X.'    2 ?                   
primary 'Yang, G.'    3 ?                   
primary 'Yang, T.'    4 ?                   
primary 'Li, Y.'      5 ?                   
primary 'Ayala, G.J.' 6 ?                   
primary 'Li, X.'      7 ?                   
primary 'Wang, H.'    8 ?                   
primary 'Su, J.'      9 0000-0001-8406-1676 
# 
loop_
_entity.id 
_entity.type 
_entity.src_method 
_entity.pdbx_description 
_entity.formula_weight 
_entity.pdbx_number_of_molecules 
_entity.pdbx_ec 
_entity.pdbx_mutation 
_entity.pdbx_fragment 
_entity.details 
1 polymer     man 'Inorganic pyrophosphatase' 19503.141 1   3.6.1.1 A139S ? ? 
2 non-polymer syn 'MAGNESIUM ION'             24.305    1   ?       ?     ? ? 
3 non-polymer syn 'SODIUM ION'                22.990    1   ?       ?     ? ? 
4 water       nat water                       18.015    206 ?       ?     ? ? 
# 
_entity_name_com.entity_id   1 
_entity_name_com.name        'Pyrophosphate phospho-hydrolase,PPase' 
# 
_entity_poly.entity_id                      1 
_entity_poly.type                           'polypeptide(L)' 
_entity_poly.nstd_linkage                   no 
_entity_poly.nstd_monomer                   no 
_entity_poly.pdbx_seq_one_letter_code       
;GSHMSYNNIPAGKDAPNDIYVIIEIPANAAPIKYEIDKDSDALFVDRFMGTAMFYPANYGYVPNTLSEDGDPLDVLVVTP
YPVAAGSVIRCRPVGKLNMEDDGGIDAKLIAVPHEKLSPLYKDVKEYTDLPQLLINQVEHFFSHYKDLEPGKWVKISGWE
GADVAKAEVIKAIEAAK
;
_entity_poly.pdbx_seq_one_letter_code_can   
;GSHMSYNNIPAGKDAPNDIYVIIEIPANAAPIKYEIDKDSDALFVDRFMGTAMFYPANYGYVPNTLSEDGDPLDVLVVTP
YPVAAGSVIRCRPVGKLNMEDDGGIDAKLIAVPHEKLSPLYKDVKEYTDLPQLLINQVEHFFSHYKDLEPGKWVKISGWE
GADVAKAEVIKAIEAAK
;
_entity_poly.pdbx_strand_id                 A 
_entity_poly.pdbx_target_identifier         ? 
# 
loop_
_pdbx_entity_nonpoly.entity_id 
_pdbx_entity_nonpoly.name 
_pdbx_entity_nonpoly.comp_id 
2 'MAGNESIUM ION' MG  
3 'SODIUM ION'    NA  
4 water           HOH 
# 
loop_
_entity_poly_seq.entity_id 
_entity_poly_seq.num 
_entity_poly_seq.mon_id 
_entity_poly_seq.hetero 
1 1   GLY n 
1 2   SER n 
1 3   HIS n 
1 4   MET n 
1 5   SER n 
1 6   TYR n 
1 7   ASN n 
1 8   ASN n 
1 9   ILE n 
1 10  PRO n 
1 11  ALA n 
1 12  GLY n 
1 13  LYS n 
1 14  ASP n 
1 15  ALA n 
1 16  PRO n 
1 17  ASN n 
1 18  ASP n 
1 19  ILE n 
1 20  TYR n 
1 21  VAL n 
1 22  ILE n 
1 23  ILE n 
1 24  GLU n 
1 25  ILE n 
1 26  PRO n 
1 27  ALA n 
1 28  ASN n 
1 29  ALA n 
1 30  ALA n 
1 31  PRO n 
1 32  ILE n 
1 33  LYS n 
1 34  TYR n 
1 35  GLU n 
1 36  ILE n 
1 37  ASP n 
1 38  LYS n 
1 39  ASP n 
1 40  SER n 
1 41  ASP n 
1 42  ALA n 
1 43  LEU n 
1 44  PHE n 
1 45  VAL n 
1 46  ASP n 
1 47  ARG n 
1 48  PHE n 
1 49  MET n 
1 50  GLY n 
1 51  THR n 
1 52  ALA n 
1 53  MET n 
1 54  PHE n 
1 55  TYR n 
1 56  PRO n 
1 57  ALA n 
1 58  ASN n 
1 59  TYR n 
1 60  GLY n 
1 61  TYR n 
1 62  VAL n 
1 63  PRO n 
1 64  ASN n 
1 65  THR n 
1 66  LEU n 
1 67  SER n 
1 68  GLU n 
1 69  ASP n 
1 70  GLY n 
1 71  ASP n 
1 72  PRO n 
1 73  LEU n 
1 74  ASP n 
1 75  VAL n 
1 76  LEU n 
1 77  VAL n 
1 78  VAL n 
1 79  THR n 
1 80  PRO n 
1 81  TYR n 
1 82  PRO n 
1 83  VAL n 
1 84  ALA n 
1 85  ALA n 
1 86  GLY n 
1 87  SER n 
1 88  VAL n 
1 89  ILE n 
1 90  ARG n 
1 91  CYS n 
1 92  ARG n 
1 93  PRO n 
1 94  VAL n 
1 95  GLY n 
1 96  LYS n 
1 97  LEU n 
1 98  ASN n 
1 99  MET n 
1 100 GLU n 
1 101 ASP n 
1 102 ASP n 
1 103 GLY n 
1 104 GLY n 
1 105 ILE n 
1 106 ASP n 
1 107 ALA n 
1 108 LYS n 
1 109 LEU n 
1 110 ILE n 
1 111 ALA n 
1 112 VAL n 
1 113 PRO n 
1 114 HIS n 
1 115 GLU n 
1 116 LYS n 
1 117 LEU n 
1 118 SER n 
1 119 PRO n 
1 120 LEU n 
1 121 TYR n 
1 122 LYS n 
1 123 ASP n 
1 124 VAL n 
1 125 LYS n 
1 126 GLU n 
1 127 TYR n 
1 128 THR n 
1 129 ASP n 
1 130 LEU n 
1 131 PRO n 
1 132 GLN n 
1 133 LEU n 
1 134 LEU n 
1 135 ILE n 
1 136 ASN n 
1 137 GLN n 
1 138 VAL n 
1 139 GLU n 
1 140 HIS n 
1 141 PHE n 
1 142 PHE n 
1 143 SER n 
1 144 HIS n 
1 145 TYR n 
1 146 LYS n 
1 147 ASP n 
1 148 LEU n 
1 149 GLU n 
1 150 PRO n 
1 151 GLY n 
1 152 LYS n 
1 153 TRP n 
1 154 VAL n 
1 155 LYS n 
1 156 ILE n 
1 157 SER n 
1 158 GLY n 
1 159 TRP n 
1 160 GLU n 
1 161 GLY n 
1 162 ALA n 
1 163 ASP n 
1 164 VAL n 
1 165 ALA n 
1 166 LYS n 
1 167 ALA n 
1 168 GLU n 
1 169 VAL n 
1 170 ILE n 
1 171 LYS n 
1 172 ALA n 
1 173 ILE n 
1 174 GLU n 
1 175 ALA n 
1 176 ALA n 
1 177 LYS n 
# 
_entity_src_gen.entity_id                          1 
_entity_src_gen.pdbx_src_id                        1 
_entity_src_gen.pdbx_alt_source_flag               sample 
_entity_src_gen.pdbx_seq_type                      'Biological sequence' 
_entity_src_gen.pdbx_beg_seq_num                   1 
_entity_src_gen.pdbx_end_seq_num                   177 
_entity_src_gen.gene_src_common_name               ? 
_entity_src_gen.gene_src_genus                     ? 
_entity_src_gen.pdbx_gene_src_gene                 ppa 
_entity_src_gen.gene_src_species                   ? 
_entity_src_gen.gene_src_strain                    ? 
_entity_src_gen.gene_src_tissue                    ? 
_entity_src_gen.gene_src_tissue_fraction           ? 
_entity_src_gen.gene_src_details                   ? 
_entity_src_gen.pdbx_gene_src_fragment             ? 
_entity_src_gen.pdbx_gene_src_scientific_name      'Acinetobacter baumannii' 
_entity_src_gen.pdbx_gene_src_ncbi_taxonomy_id     470 
_entity_src_gen.pdbx_gene_src_variant              ? 
_entity_src_gen.pdbx_gene_src_cell_line            ? 
_entity_src_gen.pdbx_gene_src_atcc                 ? 
_entity_src_gen.pdbx_gene_src_organ                ? 
_entity_src_gen.pdbx_gene_src_organelle            ? 
_entity_src_gen.pdbx_gene_src_cell                 ? 
_entity_src_gen.pdbx_gene_src_cellular_location    ? 
_entity_src_gen.host_org_common_name               ? 
_entity_src_gen.pdbx_host_org_scientific_name      'Escherichia coli' 
_entity_src_gen.pdbx_host_org_ncbi_taxonomy_id     562 
_entity_src_gen.host_org_genus                     ? 
_entity_src_gen.pdbx_host_org_gene                 ? 
_entity_src_gen.pdbx_host_org_organ                ? 
_entity_src_gen.host_org_species                   ? 
_entity_src_gen.pdbx_host_org_tissue               ? 
_entity_src_gen.pdbx_host_org_tissue_fraction      ? 
_entity_src_gen.pdbx_host_org_strain               ? 
_entity_src_gen.pdbx_host_org_variant              ? 
_entity_src_gen.pdbx_host_org_cell_line            ? 
_entity_src_gen.pdbx_host_org_atcc                 ? 
_entity_src_gen.pdbx_host_org_culture_collection   ? 
_entity_src_gen.pdbx_host_org_cell                 ? 
_entity_src_gen.pdbx_host_org_organelle            ? 
_entity_src_gen.pdbx_host_org_cellular_location    ? 
_entity_src_gen.pdbx_host_org_vector_type          ? 
_entity_src_gen.pdbx_host_org_vector               ? 
_entity_src_gen.host_org_details                   ? 
_entity_src_gen.expression_system_id               ? 
_entity_src_gen.plasmid_name                       ? 
_entity_src_gen.plasmid_details                    ? 
_entity_src_gen.pdbx_description                   ? 
# 
loop_
_chem_comp.id 
_chem_comp.type 
_chem_comp.mon_nstd_flag 
_chem_comp.name 
_chem_comp.pdbx_synonyms 
_chem_comp.formula 
_chem_comp.formula_weight 
ALA 'L-peptide linking' y ALANINE         ? 'C3 H7 N O2'     89.093  
ARG 'L-peptide linking' y ARGININE        ? 'C6 H15 N4 O2 1' 175.209 
ASN 'L-peptide linking' y ASPARAGINE      ? 'C4 H8 N2 O3'    132.118 
ASP 'L-peptide linking' y 'ASPARTIC ACID' ? 'C4 H7 N O4'     133.103 
CYS 'L-peptide linking' y CYSTEINE        ? 'C3 H7 N O2 S'   121.158 
GLN 'L-peptide linking' y GLUTAMINE       ? 'C5 H10 N2 O3'   146.144 
GLU 'L-peptide linking' y 'GLUTAMIC ACID' ? 'C5 H9 N O4'     147.129 
GLY 'peptide linking'   y GLYCINE         ? 'C2 H5 N O2'     75.067  
HIS 'L-peptide linking' y HISTIDINE       ? 'C6 H10 N3 O2 1' 156.162 
HOH non-polymer         . WATER           ? 'H2 O'           18.015  
ILE 'L-peptide linking' y ISOLEUCINE      ? 'C6 H13 N O2'    131.173 
LEU 'L-peptide linking' y LEUCINE         ? 'C6 H13 N O2'    131.173 
LYS 'L-peptide linking' y LYSINE          ? 'C6 H15 N2 O2 1' 147.195 
MET 'L-peptide linking' y METHIONINE      ? 'C5 H11 N O2 S'  149.211 
MG  non-polymer         . 'MAGNESIUM ION' ? 'Mg 2'           24.305  
NA  non-polymer         . 'SODIUM ION'    ? 'Na 1'           22.990  
PHE 'L-peptide linking' y PHENYLALANINE   ? 'C9 H11 N O2'    165.189 
PRO 'L-peptide linking' y PROLINE         ? 'C5 H9 N O2'     115.130 
SER 'L-peptide linking' y SERINE          ? 'C3 H7 N O3'     105.093 
THR 'L-peptide linking' y THREONINE       ? 'C4 H9 N O3'     119.119 
TRP 'L-peptide linking' y TRYPTOPHAN      ? 'C11 H12 N2 O2'  204.225 
TYR 'L-peptide linking' y TYROSINE        ? 'C9 H11 N O3'    181.189 
VAL 'L-peptide linking' y VALINE          ? 'C5 H11 N O2'    117.146 
# 
loop_
_pdbx_poly_seq_scheme.asym_id 
_pdbx_poly_seq_scheme.entity_id 
_pdbx_poly_seq_scheme.seq_id 
_pdbx_poly_seq_scheme.mon_id 
_pdbx_poly_seq_scheme.ndb_seq_num 
_pdbx_poly_seq_scheme.pdb_seq_num 
_pdbx_poly_seq_scheme.auth_seq_num 
_pdbx_poly_seq_scheme.pdb_mon_id 
_pdbx_poly_seq_scheme.auth_mon_id 
_pdbx_poly_seq_scheme.pdb_strand_id 
_pdbx_poly_seq_scheme.pdb_ins_code 
_pdbx_poly_seq_scheme.hetero 
A 1 1   GLY 1   -3  ?   ?   ?   A . n 
A 1 2   SER 2   -2  ?   ?   ?   A . n 
A 1 3   HIS 3   -1  ?   ?   ?   A . n 
A 1 4   MET 4   0   ?   ?   ?   A . n 
A 1 5   SER 5   1   1   SER SER A . n 
A 1 6   TYR 6   2   2   TYR TYR A . n 
A 1 7   ASN 7   3   3   ASN ASN A . n 
A 1 8   ASN 8   4   4   ASN ASN A . n 
A 1 9   ILE 9   5   5   ILE ILE A . n 
A 1 10  PRO 10  6   6   PRO PRO A . n 
A 1 11  ALA 11  7   7   ALA ALA A . n 
A 1 12  GLY 12  8   8   GLY GLY A . n 
A 1 13  LYS 13  9   9   LYS LYS A . n 
A 1 14  ASP 14  10  10  ASP ASP A . n 
A 1 15  ALA 15  11  11  ALA ALA A . n 
A 1 16  PRO 16  12  12  PRO PRO A . n 
A 1 17  ASN 17  13  13  ASN ASN A . n 
A 1 18  ASP 18  14  14  ASP ASP A . n 
A 1 19  ILE 19  15  15  ILE ILE A . n 
A 1 20  TYR 20  16  16  TYR TYR A . n 
A 1 21  VAL 21  17  17  VAL VAL A . n 
A 1 22  ILE 22  18  18  ILE ILE A . n 
A 1 23  ILE 23  19  19  ILE ILE A . n 
A 1 24  GLU 24  20  20  GLU GLU A . n 
A 1 25  ILE 25  21  21  ILE ILE A . n 
A 1 26  PRO 26  22  22  PRO PRO A . n 
A 1 27  ALA 27  23  23  ALA ALA A . n 
A 1 28  ASN 28  24  24  ASN ASN A . n 
A 1 29  ALA 29  25  25  ALA ALA A . n 
A 1 30  ALA 30  26  26  ALA ALA A . n 
A 1 31  PRO 31  27  27  PRO PRO A . n 
A 1 32  ILE 32  28  28  ILE ILE A . n 
A 1 33  LYS 33  29  29  LYS LYS A . n 
A 1 34  TYR 34  30  30  TYR TYR A . n 
A 1 35  GLU 35  31  31  GLU GLU A . n 
A 1 36  ILE 36  32  32  ILE ILE A . n 
A 1 37  ASP 37  33  33  ASP ASP A . n 
A 1 38  LYS 38  34  34  LYS LYS A . n 
A 1 39  ASP 39  35  35  ASP ASP A . n 
A 1 40  SER 40  36  36  SER SER A . n 
A 1 41  ASP 41  37  37  ASP ASP A . n 
A 1 42  ALA 42  38  38  ALA ALA A . n 
A 1 43  LEU 43  39  39  LEU LEU A . n 
A 1 44  PHE 44  40  40  PHE PHE A . n 
A 1 45  VAL 45  41  41  VAL VAL A . n 
A 1 46  ASP 46  42  42  ASP ASP A . n 
A 1 47  ARG 47  43  43  ARG ARG A . n 
A 1 48  PHE 48  44  44  PHE PHE A . n 
A 1 49  MET 49  45  45  MET MET A . n 
A 1 50  GLY 50  46  46  GLY GLY A . n 
A 1 51  THR 51  47  47  THR THR A . n 
A 1 52  ALA 52  48  48  ALA ALA A . n 
A 1 53  MET 53  49  49  MET MET A . n 
A 1 54  PHE 54  50  50  PHE PHE A . n 
A 1 55  TYR 55  51  51  TYR TYR A . n 
A 1 56  PRO 56  52  52  PRO PRO A . n 
A 1 57  ALA 57  53  53  ALA ALA A . n 
A 1 58  ASN 58  54  54  ASN ASN A . n 
A 1 59  TYR 59  55  55  TYR TYR A . n 
A 1 60  GLY 60  56  56  GLY GLY A . n 
A 1 61  TYR 61  57  57  TYR TYR A . n 
A 1 62  VAL 62  58  58  VAL VAL A . n 
A 1 63  PRO 63  59  59  PRO PRO A . n 
A 1 64  ASN 64  60  60  ASN ASN A . n 
A 1 65  THR 65  61  61  THR THR A . n 
A 1 66  LEU 66  62  62  LEU LEU A . n 
A 1 67  SER 67  63  63  SER SER A . n 
A 1 68  GLU 68  64  64  GLU GLU A . n 
A 1 69  ASP 69  65  65  ASP ASP A . n 
A 1 70  GLY 70  66  66  GLY GLY A . n 
A 1 71  ASP 71  67  67  ASP ASP A . n 
A 1 72  PRO 72  68  68  PRO PRO A . n 
A 1 73  LEU 73  69  69  LEU LEU A . n 
A 1 74  ASP 74  70  70  ASP ASP A . n 
A 1 75  VAL 75  71  71  VAL VAL A . n 
A 1 76  LEU 76  72  72  LEU LEU A . n 
A 1 77  VAL 77  73  73  VAL VAL A . n 
A 1 78  VAL 78  74  74  VAL VAL A . n 
A 1 79  THR 79  75  75  THR THR A . n 
A 1 80  PRO 80  76  76  PRO PRO A . n 
A 1 81  TYR 81  77  77  TYR TYR A . n 
A 1 82  PRO 82  78  78  PRO PRO A . n 
A 1 83  VAL 83  79  79  VAL VAL A . n 
A 1 84  ALA 84  80  80  ALA ALA A . n 
A 1 85  ALA 85  81  81  ALA ALA A . n 
A 1 86  GLY 86  82  82  GLY GLY A . n 
A 1 87  SER 87  83  83  SER SER A . n 
A 1 88  VAL 88  84  84  VAL VAL A . n 
A 1 89  ILE 89  85  85  ILE ILE A . n 
A 1 90  ARG 90  86  86  ARG ARG A . n 
A 1 91  CYS 91  87  87  CYS CYS A . n 
A 1 92  ARG 92  88  88  ARG ARG A . n 
A 1 93  PRO 93  89  89  PRO PRO A . n 
A 1 94  VAL 94  90  90  VAL VAL A . n 
A 1 95  GLY 95  91  91  GLY GLY A . n 
A 1 96  LYS 96  92  92  LYS LYS A . n 
A 1 97  LEU 97  93  93  LEU LEU A . n 
A 1 98  ASN 98  94  94  ASN ASN A . n 
A 1 99  MET 99  95  95  MET MET A . n 
A 1 100 GLU 100 96  96  GLU GLU A . n 
A 1 101 ASP 101 97  97  ASP ASP A . n 
A 1 102 ASP 102 98  98  ASP ASP A . n 
A 1 103 GLY 103 99  99  GLY GLY A . n 
A 1 104 GLY 104 100 100 GLY GLY A . n 
A 1 105 ILE 105 101 101 ILE ILE A . n 
A 1 106 ASP 106 102 102 ASP ASP A . n 
A 1 107 ALA 107 103 103 ALA ALA A . n 
A 1 108 LYS 108 104 104 LYS LYS A . n 
A 1 109 LEU 109 105 105 LEU LEU A . n 
A 1 110 ILE 110 106 106 ILE ILE A . n 
A 1 111 ALA 111 107 107 ALA ALA A . n 
A 1 112 VAL 112 108 108 VAL VAL A . n 
A 1 113 PRO 113 109 109 PRO PRO A . n 
A 1 114 HIS 114 110 110 HIS HIS A . n 
A 1 115 GLU 115 111 111 GLU GLU A . n 
A 1 116 LYS 116 112 112 LYS LYS A . n 
A 1 117 LEU 117 113 113 LEU LEU A . n 
A 1 118 SER 118 114 114 SER SER A . n 
A 1 119 PRO 119 115 115 PRO PRO A . n 
A 1 120 LEU 120 116 116 LEU LEU A . n 
A 1 121 TYR 121 117 117 TYR TYR A . n 
A 1 122 LYS 122 118 118 LYS LYS A . n 
A 1 123 ASP 123 119 119 ASP ASP A . n 
A 1 124 VAL 124 120 120 VAL VAL A . n 
A 1 125 LYS 125 121 121 LYS LYS A . n 
A 1 126 GLU 126 122 122 GLU GLU A . n 
A 1 127 TYR 127 123 123 TYR TYR A . n 
A 1 128 THR 128 124 124 THR THR A . n 
A 1 129 ASP 129 125 125 ASP ASP A . n 
A 1 130 LEU 130 126 126 LEU LEU A . n 
A 1 131 PRO 131 127 127 PRO PRO A . n 
A 1 132 GLN 132 128 128 GLN GLN A . n 
A 1 133 LEU 133 129 129 LEU LEU A . n 
A 1 134 LEU 134 130 130 LEU LEU A . n 
A 1 135 ILE 135 131 131 ILE ILE A . n 
A 1 136 ASN 136 132 132 ASN ASN A . n 
A 1 137 GLN 137 133 133 GLN GLN A . n 
A 1 138 VAL 138 134 134 VAL VAL A . n 
A 1 139 GLU 139 135 135 GLU GLU A . n 
A 1 140 HIS 140 136 136 HIS HIS A . n 
A 1 141 PHE 141 137 137 PHE PHE A . n 
A 1 142 PHE 142 138 138 PHE PHE A . n 
A 1 143 SER 143 139 139 SER SER A . n 
A 1 144 HIS 144 140 140 HIS HIS A . n 
A 1 145 TYR 145 141 141 TYR TYR A . n 
A 1 146 LYS 146 142 142 LYS LYS A . n 
A 1 147 ASP 147 143 143 ASP ASP A . n 
A 1 148 LEU 148 144 144 LEU LEU A . n 
A 1 149 GLU 149 145 145 GLU GLU A . n 
A 1 150 PRO 150 146 146 PRO PRO A . n 
A 1 151 GLY 151 147 147 GLY GLY A . n 
A 1 152 LYS 152 148 148 LYS LYS A . n 
A 1 153 TRP 153 149 149 TRP TRP A . n 
A 1 154 VAL 154 150 150 VAL VAL A . n 
A 1 155 LYS 155 151 151 LYS LYS A . n 
A 1 156 ILE 156 152 152 ILE ILE A . n 
A 1 157 SER 157 153 153 SER SER A . n 
A 1 158 GLY 158 154 154 GLY GLY A . n 
A 1 159 TRP 159 155 155 TRP TRP A . n 
A 1 160 GLU 160 156 156 GLU GLU A . n 
A 1 161 GLY 161 157 157 GLY GLY A . n 
A 1 162 ALA 162 158 158 ALA ALA A . n 
A 1 163 ASP 163 159 159 ASP ASP A . n 
A 1 164 VAL 164 160 160 VAL VAL A . n 
A 1 165 ALA 165 161 161 ALA ALA A . n 
A 1 166 LYS 166 162 162 LYS LYS A . n 
A 1 167 ALA 167 163 163 ALA ALA A . n 
A 1 168 GLU 168 164 164 GLU GLU A . n 
A 1 169 VAL 169 165 165 VAL VAL A . n 
A 1 170 ILE 170 166 166 ILE ILE A . n 
A 1 171 LYS 171 167 167 LYS LYS A . n 
A 1 172 ALA 172 168 168 ALA ALA A . n 
A 1 173 ILE 173 169 169 ILE ILE A . n 
A 1 174 GLU 174 170 170 GLU GLU A . n 
A 1 175 ALA 175 171 171 ALA ALA A . n 
A 1 176 ALA 176 172 172 ALA ALA A . n 
A 1 177 LYS 177 173 173 LYS LYS A . n 
# 
loop_
_pdbx_nonpoly_scheme.asym_id 
_pdbx_nonpoly_scheme.entity_id 
_pdbx_nonpoly_scheme.mon_id 
_pdbx_nonpoly_scheme.ndb_seq_num 
_pdbx_nonpoly_scheme.pdb_seq_num 
_pdbx_nonpoly_scheme.auth_seq_num 
_pdbx_nonpoly_scheme.pdb_mon_id 
_pdbx_nonpoly_scheme.auth_mon_id 
_pdbx_nonpoly_scheme.pdb_strand_id 
_pdbx_nonpoly_scheme.pdb_ins_code 
B 2 MG  1   401 401 MG  MG  A . 
C 3 NA  1   402 501 NA  NA  A . 
D 4 HOH 1   501 117 HOH HOH A . 
D 4 HOH 2   502 28  HOH HOH A . 
D 4 HOH 3   503 150 HOH HOH A . 
D 4 HOH 4   504 159 HOH HOH A . 
D 4 HOH 5   505 24  HOH HOH A . 
D 4 HOH 6   506 102 HOH HOH A . 
D 4 HOH 7   507 196 HOH HOH A . 
D 4 HOH 8   508 44  HOH HOH A . 
D 4 HOH 9   509 135 HOH HOH A . 
D 4 HOH 10  510 70  HOH HOH A . 
D 4 HOH 11  511 60  HOH HOH A . 
D 4 HOH 12  512 163 HOH HOH A . 
D 4 HOH 13  513 39  HOH HOH A . 
D 4 HOH 14  514 84  HOH HOH A . 
D 4 HOH 15  515 40  HOH HOH A . 
D 4 HOH 16  516 34  HOH HOH A . 
D 4 HOH 17  517 6   HOH HOH A . 
D 4 HOH 18  518 59  HOH HOH A . 
D 4 HOH 19  519 122 HOH HOH A . 
D 4 HOH 20  520 86  HOH HOH A . 
D 4 HOH 21  521 42  HOH HOH A . 
D 4 HOH 22  522 126 HOH HOH A . 
D 4 HOH 23  523 41  HOH HOH A . 
D 4 HOH 24  524 5   HOH HOH A . 
D 4 HOH 25  525 46  HOH HOH A . 
D 4 HOH 26  526 38  HOH HOH A . 
D 4 HOH 27  527 160 HOH HOH A . 
D 4 HOH 28  528 100 HOH HOH A . 
D 4 HOH 29  529 56  HOH HOH A . 
D 4 HOH 30  530 35  HOH HOH A . 
D 4 HOH 31  531 78  HOH HOH A . 
D 4 HOH 32  532 134 HOH HOH A . 
D 4 HOH 33  533 89  HOH HOH A . 
D 4 HOH 34  534 16  HOH HOH A . 
D 4 HOH 35  535 63  HOH HOH A . 
D 4 HOH 36  536 203 HOH HOH A . 
D 4 HOH 37  537 29  HOH HOH A . 
D 4 HOH 38  538 92  HOH HOH A . 
D 4 HOH 39  539 189 HOH HOH A . 
D 4 HOH 40  540 62  HOH HOH A . 
D 4 HOH 41  541 90  HOH HOH A . 
D 4 HOH 42  542 103 HOH HOH A . 
D 4 HOH 43  543 137 HOH HOH A . 
D 4 HOH 44  544 147 HOH HOH A . 
D 4 HOH 45  545 106 HOH HOH A . 
D 4 HOH 46  546 53  HOH HOH A . 
D 4 HOH 47  547 72  HOH HOH A . 
D 4 HOH 48  548 13  HOH HOH A . 
D 4 HOH 49  549 162 HOH HOH A . 
D 4 HOH 50  550 119 HOH HOH A . 
D 4 HOH 51  551 58  HOH HOH A . 
D 4 HOH 52  552 10  HOH HOH A . 
D 4 HOH 53  553 30  HOH HOH A . 
D 4 HOH 54  554 2   HOH HOH A . 
D 4 HOH 55  555 51  HOH HOH A . 
D 4 HOH 56  556 18  HOH HOH A . 
D 4 HOH 57  557 32  HOH HOH A . 
D 4 HOH 58  558 57  HOH HOH A . 
D 4 HOH 59  559 172 HOH HOH A . 
D 4 HOH 60  560 181 HOH HOH A . 
D 4 HOH 61  561 9   HOH HOH A . 
D 4 HOH 62  562 91  HOH HOH A . 
D 4 HOH 63  563 164 HOH HOH A . 
D 4 HOH 64  564 149 HOH HOH A . 
D 4 HOH 65  565 17  HOH HOH A . 
D 4 HOH 66  566 65  HOH HOH A . 
D 4 HOH 67  567 201 HOH HOH A . 
D 4 HOH 68  568 124 HOH HOH A . 
D 4 HOH 69  569 23  HOH HOH A . 
D 4 HOH 70  570 33  HOH HOH A . 
D 4 HOH 71  571 25  HOH HOH A . 
D 4 HOH 72  572 188 HOH HOH A . 
D 4 HOH 73  573 82  HOH HOH A . 
D 4 HOH 74  574 138 HOH HOH A . 
D 4 HOH 75  575 19  HOH HOH A . 
D 4 HOH 76  576 7   HOH HOH A . 
D 4 HOH 77  577 76  HOH HOH A . 
D 4 HOH 78  578 96  HOH HOH A . 
D 4 HOH 79  579 83  HOH HOH A . 
D 4 HOH 80  580 80  HOH HOH A . 
D 4 HOH 81  581 37  HOH HOH A . 
D 4 HOH 82  582 142 HOH HOH A . 
D 4 HOH 83  583 144 HOH HOH A . 
D 4 HOH 84  584 45  HOH HOH A . 
D 4 HOH 85  585 14  HOH HOH A . 
D 4 HOH 86  586 66  HOH HOH A . 
D 4 HOH 87  587 127 HOH HOH A . 
D 4 HOH 88  588 12  HOH HOH A . 
D 4 HOH 89  589 64  HOH HOH A . 
D 4 HOH 90  590 4   HOH HOH A . 
D 4 HOH 91  591 143 HOH HOH A . 
D 4 HOH 92  592 49  HOH HOH A . 
D 4 HOH 93  593 116 HOH HOH A . 
D 4 HOH 94  594 108 HOH HOH A . 
D 4 HOH 95  595 193 HOH HOH A . 
D 4 HOH 96  596 109 HOH HOH A . 
D 4 HOH 97  597 136 HOH HOH A . 
D 4 HOH 98  598 88  HOH HOH A . 
D 4 HOH 99  599 183 HOH HOH A . 
D 4 HOH 100 600 140 HOH HOH A . 
D 4 HOH 101 601 145 HOH HOH A . 
D 4 HOH 102 602 128 HOH HOH A . 
D 4 HOH 103 603 101 HOH HOH A . 
D 4 HOH 104 604 146 HOH HOH A . 
D 4 HOH 105 605 115 HOH HOH A . 
D 4 HOH 106 606 20  HOH HOH A . 
D 4 HOH 107 607 54  HOH HOH A . 
D 4 HOH 108 608 133 HOH HOH A . 
D 4 HOH 109 609 110 HOH HOH A . 
D 4 HOH 110 610 3   HOH HOH A . 
D 4 HOH 111 611 204 HOH HOH A . 
D 4 HOH 112 612 21  HOH HOH A . 
D 4 HOH 113 613 184 HOH HOH A . 
D 4 HOH 114 614 11  HOH HOH A . 
D 4 HOH 115 615 43  HOH HOH A . 
D 4 HOH 116 616 180 HOH HOH A . 
D 4 HOH 117 617 118 HOH HOH A . 
D 4 HOH 118 618 179 HOH HOH A . 
D 4 HOH 119 619 61  HOH HOH A . 
D 4 HOH 120 620 8   HOH HOH A . 
D 4 HOH 121 621 27  HOH HOH A . 
D 4 HOH 122 622 205 HOH HOH A . 
D 4 HOH 123 623 185 HOH HOH A . 
D 4 HOH 124 624 93  HOH HOH A . 
D 4 HOH 125 625 197 HOH HOH A . 
D 4 HOH 126 626 22  HOH HOH A . 
D 4 HOH 127 627 132 HOH HOH A . 
D 4 HOH 128 628 79  HOH HOH A . 
D 4 HOH 129 629 152 HOH HOH A . 
D 4 HOH 130 630 1   HOH HOH A . 
D 4 HOH 131 631 48  HOH HOH A . 
D 4 HOH 132 632 113 HOH HOH A . 
D 4 HOH 133 633 190 HOH HOH A . 
D 4 HOH 134 634 75  HOH HOH A . 
D 4 HOH 135 635 168 HOH HOH A . 
D 4 HOH 136 636 85  HOH HOH A . 
D 4 HOH 137 637 129 HOH HOH A . 
D 4 HOH 138 638 175 HOH HOH A . 
D 4 HOH 139 639 131 HOH HOH A . 
D 4 HOH 140 640 156 HOH HOH A . 
D 4 HOH 141 641 36  HOH HOH A . 
D 4 HOH 142 642 47  HOH HOH A . 
D 4 HOH 143 643 97  HOH HOH A . 
D 4 HOH 144 644 173 HOH HOH A . 
D 4 HOH 145 645 73  HOH HOH A . 
D 4 HOH 146 646 158 HOH HOH A . 
D 4 HOH 147 647 98  HOH HOH A . 
D 4 HOH 148 648 148 HOH HOH A . 
D 4 HOH 149 649 167 HOH HOH A . 
D 4 HOH 150 650 81  HOH HOH A . 
D 4 HOH 151 651 105 HOH HOH A . 
D 4 HOH 152 652 125 HOH HOH A . 
D 4 HOH 153 653 123 HOH HOH A . 
D 4 HOH 154 654 169 HOH HOH A . 
D 4 HOH 155 655 15  HOH HOH A . 
D 4 HOH 156 656 194 HOH HOH A . 
D 4 HOH 157 657 153 HOH HOH A . 
D 4 HOH 158 658 195 HOH HOH A . 
D 4 HOH 159 659 165 HOH HOH A . 
D 4 HOH 160 660 151 HOH HOH A . 
D 4 HOH 161 661 187 HOH HOH A . 
D 4 HOH 162 662 174 HOH HOH A . 
D 4 HOH 163 663 104 HOH HOH A . 
D 4 HOH 164 664 202 HOH HOH A . 
D 4 HOH 165 665 77  HOH HOH A . 
D 4 HOH 166 666 71  HOH HOH A . 
D 4 HOH 167 667 111 HOH HOH A . 
D 4 HOH 168 668 198 HOH HOH A . 
D 4 HOH 169 669 177 HOH HOH A . 
D 4 HOH 170 670 139 HOH HOH A . 
D 4 HOH 171 671 200 HOH HOH A . 
D 4 HOH 172 672 69  HOH HOH A . 
D 4 HOH 173 673 161 HOH HOH A . 
D 4 HOH 174 674 114 HOH HOH A . 
D 4 HOH 175 675 186 HOH HOH A . 
D 4 HOH 176 676 166 HOH HOH A . 
D 4 HOH 177 677 112 HOH HOH A . 
D 4 HOH 178 678 206 HOH HOH A . 
D 4 HOH 179 679 67  HOH HOH A . 
D 4 HOH 180 680 155 HOH HOH A . 
D 4 HOH 181 681 154 HOH HOH A . 
D 4 HOH 182 682 141 HOH HOH A . 
D 4 HOH 183 683 130 HOH HOH A . 
D 4 HOH 184 684 55  HOH HOH A . 
D 4 HOH 185 685 178 HOH HOH A . 
D 4 HOH 186 686 199 HOH HOH A . 
D 4 HOH 187 687 170 HOH HOH A . 
D 4 HOH 188 688 50  HOH HOH A . 
D 4 HOH 189 689 26  HOH HOH A . 
D 4 HOH 190 690 207 HOH HOH A . 
D 4 HOH 191 691 192 HOH HOH A . 
D 4 HOH 192 692 31  HOH HOH A . 
D 4 HOH 193 693 171 HOH HOH A . 
D 4 HOH 194 694 121 HOH HOH A . 
D 4 HOH 195 695 52  HOH HOH A . 
D 4 HOH 196 696 191 HOH HOH A . 
D 4 HOH 197 697 176 HOH HOH A . 
D 4 HOH 198 698 120 HOH HOH A . 
D 4 HOH 199 699 94  HOH HOH A . 
D 4 HOH 200 700 99  HOH HOH A . 
D 4 HOH 201 701 87  HOH HOH A . 
D 4 HOH 202 702 95  HOH HOH A . 
D 4 HOH 203 703 182 HOH HOH A . 
D 4 HOH 204 704 74  HOH HOH A . 
D 4 HOH 205 705 68  HOH HOH A . 
D 4 HOH 206 706 107 HOH HOH A . 
# 
loop_
_pdbx_unobs_or_zero_occ_atoms.id 
_pdbx_unobs_or_zero_occ_atoms.PDB_model_num 
_pdbx_unobs_or_zero_occ_atoms.polymer_flag 
_pdbx_unobs_or_zero_occ_atoms.occupancy_flag 
_pdbx_unobs_or_zero_occ_atoms.auth_asym_id 
_pdbx_unobs_or_zero_occ_atoms.auth_comp_id 
_pdbx_unobs_or_zero_occ_atoms.auth_seq_id 
_pdbx_unobs_or_zero_occ_atoms.PDB_ins_code 
_pdbx_unobs_or_zero_occ_atoms.auth_atom_id 
_pdbx_unobs_or_zero_occ_atoms.label_alt_id 
_pdbx_unobs_or_zero_occ_atoms.label_asym_id 
_pdbx_unobs_or_zero_occ_atoms.label_comp_id 
_pdbx_unobs_or_zero_occ_atoms.label_seq_id 
_pdbx_unobs_or_zero_occ_atoms.label_atom_id 
1 1 Y 1 A LYS 118 ? CG ? A LYS 122 CG 
2 1 Y 1 A LYS 118 ? CD ? A LYS 122 CD 
3 1 Y 1 A LYS 118 ? CE ? A LYS 122 CE 
4 1 Y 1 A LYS 118 ? NZ ? A LYS 122 NZ 
# 
_software.citation_id            ? 
_software.classification         refinement 
_software.compiler_name          ? 
_software.compiler_version       ? 
_software.contact_author         ? 
_software.contact_author_email   ? 
_software.date                   ? 
_software.description            ? 
_software.dependencies           ? 
_software.hardware               ? 
_software.language               ? 
_software.location               ? 
_software.mods                   ? 
_software.name                   PHENIX 
_software.os                     ? 
_software.os_version             ? 
_software.type                   ? 
_software.version                1.12_2829 
_software.pdbx_ordinal           1 
# 
_cell.angle_alpha                  90.000 
_cell.angle_alpha_esd              ? 
_cell.angle_beta                   90.000 
_cell.angle_beta_esd               ? 
_cell.angle_gamma                  120.000 
_cell.angle_gamma_esd              ? 
_cell.entry_id                     6K21 
_cell.details                      ? 
_cell.formula_units_Z              ? 
_cell.length_a                     102.813 
_cell.length_a_esd                 ? 
_cell.length_b                     102.813 
_cell.length_b_esd                 ? 
_cell.length_c                     100.776 
_cell.length_c_esd                 ? 
_cell.volume                       ? 
_cell.volume_esd                   ? 
_cell.Z_PDB                        12 
_cell.reciprocal_angle_alpha       ? 
_cell.reciprocal_angle_beta        ? 
_cell.reciprocal_angle_gamma       ? 
_cell.reciprocal_angle_alpha_esd   ? 
_cell.reciprocal_angle_beta_esd    ? 
_cell.reciprocal_angle_gamma_esd   ? 
_cell.reciprocal_length_a          ? 
_cell.reciprocal_length_b          ? 
_cell.reciprocal_length_c          ? 
_cell.reciprocal_length_a_esd      ? 
_cell.reciprocal_length_b_esd      ? 
_cell.reciprocal_length_c_esd      ? 
_cell.pdbx_unique_axis             ? 
# 
_symmetry.entry_id                         6K21 
_symmetry.cell_setting                     ? 
_symmetry.Int_Tables_number                182 
_symmetry.space_group_name_Hall            ? 
_symmetry.space_group_name_H-M             'P 63 2 2' 
_symmetry.pdbx_full_space_group_name_H-M   ? 
# 
_exptl.absorpt_coefficient_mu     ? 
_exptl.absorpt_correction_T_max   ? 
_exptl.absorpt_correction_T_min   ? 
_exptl.absorpt_correction_type    ? 
_exptl.absorpt_process_details    ? 
_exptl.entry_id                   6K21 
_exptl.crystals_number            1 
_exptl.details                    ? 
_exptl.method                     'X-RAY DIFFRACTION' 
_exptl.method_details             ? 
# 
_exptl_crystal.colour                      ? 
_exptl_crystal.density_diffrn              ? 
_exptl_crystal.density_Matthews            4.03 
_exptl_crystal.density_method              ? 
_exptl_crystal.density_percent_sol         69.46 
_exptl_crystal.description                 ? 
_exptl_crystal.F_000                       ? 
_exptl_crystal.id                          1 
_exptl_crystal.preparation                 ? 
_exptl_crystal.size_max                    ? 
_exptl_crystal.size_mid                    ? 
_exptl_crystal.size_min                    ? 
_exptl_crystal.size_rad                    ? 
_exptl_crystal.colour_lustre               ? 
_exptl_crystal.colour_modifier             ? 
_exptl_crystal.colour_primary              ? 
_exptl_crystal.density_meas                ? 
_exptl_crystal.density_meas_esd            ? 
_exptl_crystal.density_meas_gt             ? 
_exptl_crystal.density_meas_lt             ? 
_exptl_crystal.density_meas_temp           ? 
_exptl_crystal.density_meas_temp_esd       ? 
_exptl_crystal.density_meas_temp_gt        ? 
_exptl_crystal.density_meas_temp_lt        ? 
_exptl_crystal.pdbx_crystal_image_url      ? 
_exptl_crystal.pdbx_crystal_image_format   ? 
_exptl_crystal.pdbx_mosaicity              ? 
_exptl_crystal.pdbx_mosaicity_esd          ? 
# 
_exptl_crystal_grow.apparatus       ? 
_exptl_crystal_grow.atmosphere      ? 
_exptl_crystal_grow.crystal_id      1 
_exptl_crystal_grow.details         ? 
_exptl_crystal_grow.method          'VAPOR DIFFUSION, HANGING DROP' 
_exptl_crystal_grow.method_ref      ? 
_exptl_crystal_grow.pH              ? 
_exptl_crystal_grow.pressure        ? 
_exptl_crystal_grow.pressure_esd    ? 
_exptl_crystal_grow.seeding         ? 
_exptl_crystal_grow.seeding_ref     ? 
_exptl_crystal_grow.temp            298 
_exptl_crystal_grow.temp_details    ? 
_exptl_crystal_grow.temp_esd        ? 
_exptl_crystal_grow.time            ? 
_exptl_crystal_grow.pdbx_details    'malic acid' 
_exptl_crystal_grow.pdbx_pH_range   ? 
# 
_diffrn.ambient_environment              ? 
_diffrn.ambient_temp                     100 
_diffrn.ambient_temp_details             ? 
_diffrn.ambient_temp_esd                 ? 
_diffrn.crystal_id                       1 
_diffrn.crystal_support                  ? 
_diffrn.crystal_treatment                ? 
_diffrn.details                          ? 
_diffrn.id                               1 
_diffrn.ambient_pressure                 ? 
_diffrn.ambient_pressure_esd             ? 
_diffrn.ambient_pressure_gt              ? 
_diffrn.ambient_pressure_lt              ? 
_diffrn.ambient_temp_gt                  ? 
_diffrn.ambient_temp_lt                  ? 
_diffrn.pdbx_serial_crystal_experiment   N 
# 
_diffrn_detector.details                      ? 
_diffrn_detector.detector                     PIXEL 
_diffrn_detector.diffrn_id                    1 
_diffrn_detector.type                         'DECTRIS PILATUS3 S 6M' 
_diffrn_detector.area_resol_mean              ? 
_diffrn_detector.dtime                        ? 
_diffrn_detector.pdbx_frames_total            ? 
_diffrn_detector.pdbx_collection_time_total   ? 
_diffrn_detector.pdbx_collection_date         2018-06-19 
_diffrn_detector.pdbx_frequency               ? 
# 
_diffrn_radiation.collimation                      ? 
_diffrn_radiation.diffrn_id                        1 
_diffrn_radiation.filter_edge                      ? 
_diffrn_radiation.inhomogeneity                    ? 
_diffrn_radiation.monochromator                    ? 
_diffrn_radiation.polarisn_norm                    ? 
_diffrn_radiation.polarisn_ratio                   ? 
_diffrn_radiation.probe                            ? 
_diffrn_radiation.type                             ? 
_diffrn_radiation.xray_symbol                      ? 
_diffrn_radiation.wavelength_id                    1 
_diffrn_radiation.pdbx_monochromatic_or_laue_m_l   M 
_diffrn_radiation.pdbx_wavelength_list             ? 
_diffrn_radiation.pdbx_wavelength                  ? 
_diffrn_radiation.pdbx_diffrn_protocol             'SINGLE WAVELENGTH' 
_diffrn_radiation.pdbx_analyzer                    ? 
_diffrn_radiation.pdbx_scattering_type             x-ray 
# 
_diffrn_radiation_wavelength.id           1 
_diffrn_radiation_wavelength.wavelength   0.98 
_diffrn_radiation_wavelength.wt           1.0 
# 
_diffrn_source.current                     ? 
_diffrn_source.details                     ? 
_diffrn_source.diffrn_id                   1 
_diffrn_source.power                       ? 
_diffrn_source.size                        ? 
_diffrn_source.source                      SYNCHROTRON 
_diffrn_source.target                      ? 
_diffrn_source.type                        'SSRF BEAMLINE BL18U1' 
_diffrn_source.voltage                     ? 
_diffrn_source.take-off_angle              ? 
_diffrn_source.pdbx_wavelength_list        0.98 
_diffrn_source.pdbx_wavelength             ? 
_diffrn_source.pdbx_synchrotron_beamline   BL18U1 
_diffrn_source.pdbx_synchrotron_site       SSRF 
# 
_reflns.B_iso_Wilson_estimate            ? 
_reflns.entry_id                         6K21 
_reflns.data_reduction_details           ? 
_reflns.data_reduction_method            ? 
_reflns.d_resolution_high                2 
_reflns.d_resolution_low                 19.90 
_reflns.details                          ? 
_reflns.limit_h_max                      ? 
_reflns.limit_h_min                      ? 
_reflns.limit_k_max                      ? 
_reflns.limit_k_min                      ? 
_reflns.limit_l_max                      ? 
_reflns.limit_l_min                      ? 
_reflns.number_all                       ? 
_reflns.number_obs                       21726 
_reflns.observed_criterion               ? 
_reflns.observed_criterion_F_max         ? 
_reflns.observed_criterion_F_min         ? 
_reflns.observed_criterion_I_max         ? 
_reflns.observed_criterion_I_min         ? 
_reflns.observed_criterion_sigma_F       ? 
_reflns.observed_criterion_sigma_I       ? 
_reflns.percent_possible_obs             99.8 
_reflns.R_free_details                   ? 
_reflns.Rmerge_F_all                     ? 
_reflns.Rmerge_F_obs                     ? 
_reflns.Friedel_coverage                 ? 
_reflns.number_gt                        ? 
_reflns.threshold_expression             ? 
_reflns.pdbx_redundancy                  9.8 
_reflns.pdbx_Rmerge_I_obs                ? 
_reflns.pdbx_Rmerge_I_all                ? 
_reflns.pdbx_Rsym_value                  ? 
_reflns.pdbx_netI_over_av_sigmaI         ? 
_reflns.pdbx_netI_over_sigmaI            9.0 
_reflns.pdbx_res_netI_over_av_sigmaI_2   ? 
_reflns.pdbx_res_netI_over_sigmaI_2      ? 
_reflns.pdbx_chi_squared                 ? 
_reflns.pdbx_scaling_rejects             ? 
_reflns.pdbx_d_res_high_opt              ? 
_reflns.pdbx_d_res_low_opt               ? 
_reflns.pdbx_d_res_opt_method            ? 
_reflns.phase_calculation_details        ? 
_reflns.pdbx_Rrim_I_all                  ? 
_reflns.pdbx_Rpim_I_all                  ? 
_reflns.pdbx_d_opt                       ? 
_reflns.pdbx_number_measured_all         ? 
_reflns.pdbx_diffrn_id                   1 
_reflns.pdbx_ordinal                     1 
_reflns.pdbx_CC_half                     ? 
_reflns.pdbx_R_split                     ? 
# 
_reflns_shell.d_res_high                  2 
_reflns_shell.d_res_low                   2.05 
_reflns_shell.meanI_over_sigI_all         ? 
_reflns_shell.meanI_over_sigI_obs         ? 
_reflns_shell.number_measured_all         ? 
_reflns_shell.number_measured_obs         ? 
_reflns_shell.number_possible             ? 
_reflns_shell.number_unique_all           ? 
_reflns_shell.number_unique_obs           1576 
_reflns_shell.percent_possible_all        ? 
_reflns_shell.percent_possible_obs        ? 
_reflns_shell.Rmerge_F_all                ? 
_reflns_shell.Rmerge_F_obs                ? 
_reflns_shell.Rmerge_I_all                ? 
_reflns_shell.Rmerge_I_obs                ? 
_reflns_shell.meanI_over_sigI_gt          ? 
_reflns_shell.meanI_over_uI_all           ? 
_reflns_shell.meanI_over_uI_gt            ? 
_reflns_shell.number_measured_gt          ? 
_reflns_shell.number_unique_gt            ? 
_reflns_shell.percent_possible_gt         ? 
_reflns_shell.Rmerge_F_gt                 ? 
_reflns_shell.Rmerge_I_gt                 ? 
_reflns_shell.pdbx_redundancy             ? 
_reflns_shell.pdbx_Rsym_value             ? 
_reflns_shell.pdbx_chi_squared            ? 
_reflns_shell.pdbx_netI_over_sigmaI_all   ? 
_reflns_shell.pdbx_netI_over_sigmaI_obs   ? 
_reflns_shell.pdbx_Rrim_I_all             ? 
_reflns_shell.pdbx_Rpim_I_all             ? 
_reflns_shell.pdbx_rejects                ? 
_reflns_shell.pdbx_ordinal                1 
_reflns_shell.pdbx_diffrn_id              1 
_reflns_shell.pdbx_CC_half                ? 
_reflns_shell.pdbx_R_split                ? 
# 
_refine.aniso_B[1][1]                            ? 
_refine.aniso_B[1][2]                            ? 
_refine.aniso_B[1][3]                            ? 
_refine.aniso_B[2][2]                            ? 
_refine.aniso_B[2][3]                            ? 
_refine.aniso_B[3][3]                            ? 
_refine.B_iso_max                                63.110 
_refine.B_iso_mean                               25.6826 
_refine.B_iso_min                                10.200 
_refine.correlation_coeff_Fo_to_Fc               ? 
_refine.correlation_coeff_Fo_to_Fc_free          ? 
_refine.details                                  ? 
_refine.diff_density_max                         ? 
_refine.diff_density_max_esd                     ? 
_refine.diff_density_min                         ? 
_refine.diff_density_min_esd                     ? 
_refine.diff_density_rms                         ? 
_refine.diff_density_rms_esd                     ? 
_refine.entry_id                                 6K21 
_refine.pdbx_refine_id                           'X-RAY DIFFRACTION' 
_refine.ls_abs_structure_details                 ? 
_refine.ls_abs_structure_Flack                   ? 
_refine.ls_abs_structure_Flack_esd               ? 
_refine.ls_abs_structure_Rogers                  ? 
_refine.ls_abs_structure_Rogers_esd              ? 
_refine.ls_d_res_high                            2.0000 
_refine.ls_d_res_low                             19.8970 
_refine.ls_extinction_coef                       ? 
_refine.ls_extinction_coef_esd                   ? 
_refine.ls_extinction_expression                 ? 
_refine.ls_extinction_method                     ? 
_refine.ls_goodness_of_fit_all                   ? 
_refine.ls_goodness_of_fit_all_esd               ? 
_refine.ls_goodness_of_fit_obs                   ? 
_refine.ls_goodness_of_fit_obs_esd               ? 
_refine.ls_hydrogen_treatment                    ? 
_refine.ls_matrix_type                           ? 
_refine.ls_number_constraints                    ? 
_refine.ls_number_parameters                     ? 
_refine.ls_number_reflns_all                     ? 
_refine.ls_number_reflns_obs                     21720 
_refine.ls_number_reflns_R_free                  2000 
_refine.ls_number_reflns_R_work                  19720 
_refine.ls_number_restraints                     ? 
_refine.ls_percent_reflns_obs                    99.6900 
_refine.ls_percent_reflns_R_free                 9.2100 
_refine.ls_R_factor_all                          ? 
_refine.ls_R_factor_obs                          0.1786 
_refine.ls_R_factor_R_free                       0.2127 
_refine.ls_R_factor_R_free_error                 ? 
_refine.ls_R_factor_R_free_error_details         ? 
_refine.ls_R_factor_R_work                       0.1752 
_refine.ls_R_Fsqd_factor_obs                     ? 
_refine.ls_R_I_factor_obs                        ? 
_refine.ls_redundancy_reflns_all                 ? 
_refine.ls_redundancy_reflns_obs                 ? 
_refine.ls_restrained_S_all                      ? 
_refine.ls_restrained_S_obs                      ? 
_refine.ls_shift_over_esd_max                    ? 
_refine.ls_shift_over_esd_mean                   ? 
_refine.ls_structure_factor_coef                 ? 
_refine.ls_weighting_details                     ? 
_refine.ls_weighting_scheme                      ? 
_refine.ls_wR_factor_all                         ? 
_refine.ls_wR_factor_obs                         ? 
_refine.ls_wR_factor_R_free                      ? 
_refine.ls_wR_factor_R_work                      ? 
_refine.occupancy_max                            ? 
_refine.occupancy_min                            ? 
_refine.solvent_model_details                    'FLAT BULK SOLVENT MODEL' 
_refine.solvent_model_param_bsol                 ? 
_refine.solvent_model_param_ksol                 ? 
_refine.ls_R_factor_gt                           ? 
_refine.ls_goodness_of_fit_gt                    ? 
_refine.ls_goodness_of_fit_ref                   ? 
_refine.ls_shift_over_su_max                     ? 
_refine.ls_shift_over_su_max_lt                  ? 
_refine.ls_shift_over_su_mean                    ? 
_refine.ls_shift_over_su_mean_lt                 ? 
_refine.pdbx_ls_sigma_I                          ? 
_refine.pdbx_ls_sigma_F                          1.340 
_refine.pdbx_ls_sigma_Fsqd                       ? 
_refine.pdbx_data_cutoff_high_absF               ? 
_refine.pdbx_data_cutoff_high_rms_absF           ? 
_refine.pdbx_data_cutoff_low_absF                ? 
_refine.pdbx_isotropic_thermal_model             ? 
_refine.pdbx_ls_cross_valid_method               THROUGHOUT 
_refine.pdbx_method_to_determine_struct          'MOLECULAR REPLACEMENT' 
_refine.pdbx_starting_model                      ? 
_refine.pdbx_stereochemistry_target_values       ML 
_refine.pdbx_R_Free_selection_details            ? 
_refine.pdbx_stereochem_target_val_spec_case     ? 
_refine.pdbx_overall_ESU_R                       ? 
_refine.pdbx_overall_ESU_R_Free                  ? 
_refine.pdbx_solvent_vdw_probe_radii             1.1100 
_refine.pdbx_solvent_ion_probe_radii             ? 
_refine.pdbx_solvent_shrinkage_radii             0.9000 
_refine.pdbx_real_space_R                        ? 
_refine.pdbx_density_correlation                 ? 
_refine.pdbx_pd_number_of_powder_patterns        ? 
_refine.pdbx_pd_number_of_points                 ? 
_refine.pdbx_pd_meas_number_of_points            ? 
_refine.pdbx_pd_proc_ls_prof_R_factor            ? 
_refine.pdbx_pd_proc_ls_prof_wR_factor           ? 
_refine.pdbx_pd_Marquardt_correlation_coeff      ? 
_refine.pdbx_pd_Fsqrd_R_factor                   ? 
_refine.pdbx_pd_ls_matrix_band_width             ? 
_refine.pdbx_overall_phase_error                 19.7700 
_refine.pdbx_overall_SU_R_free_Cruickshank_DPI   ? 
_refine.pdbx_overall_SU_R_free_Blow_DPI          ? 
_refine.pdbx_overall_SU_R_Blow_DPI               ? 
_refine.pdbx_TLS_residual_ADP_flag               ? 
_refine.pdbx_diffrn_id                           1 
_refine.overall_SU_B                             ? 
_refine.overall_SU_ML                            0.2000 
_refine.overall_SU_R_Cruickshank_DPI             ? 
_refine.overall_SU_R_free                        ? 
_refine.overall_FOM_free_R_set                   ? 
_refine.overall_FOM_work_R_set                   ? 
_refine.pdbx_average_fsc_overall                 ? 
_refine.pdbx_average_fsc_work                    ? 
_refine.pdbx_average_fsc_free                    ? 
# 
_refine_hist.pdbx_refine_id                   'X-RAY DIFFRACTION' 
_refine_hist.cycle_id                         final 
_refine_hist.details                          ? 
_refine_hist.d_res_high                       2.0000 
_refine_hist.d_res_low                        19.8970 
_refine_hist.number_atoms_solvent             206 
_refine_hist.number_atoms_total               1550 
_refine_hist.number_reflns_all                ? 
_refine_hist.number_reflns_obs                ? 
_refine_hist.number_reflns_R_free             ? 
_refine_hist.number_reflns_R_work             ? 
_refine_hist.R_factor_all                     ? 
_refine_hist.R_factor_obs                     ? 
_refine_hist.R_factor_R_free                  ? 
_refine_hist.R_factor_R_work                  ? 
_refine_hist.pdbx_number_residues_total       173 
_refine_hist.pdbx_B_iso_mean_ligand           47.25 
_refine_hist.pdbx_B_iso_mean_solvent          34.80 
_refine_hist.pdbx_number_atoms_protein        1342 
_refine_hist.pdbx_number_atoms_nucleic_acid   0 
_refine_hist.pdbx_number_atoms_ligand         2 
_refine_hist.pdbx_number_atoms_lipid          ? 
_refine_hist.pdbx_number_atoms_carb           ? 
_refine_hist.pdbx_pseudo_atom_details         ? 
# 
loop_
_refine_ls_restr.pdbx_refine_id 
_refine_ls_restr.criterion 
_refine_ls_restr.dev_ideal 
_refine_ls_restr.dev_ideal_target 
_refine_ls_restr.number 
_refine_ls_restr.rejects 
_refine_ls_restr.type 
_refine_ls_restr.weight 
_refine_ls_restr.pdbx_restraint_function 
'X-RAY DIFFRACTION' ? 0.009 ? 1377 ? f_bond_d           ? ? 
'X-RAY DIFFRACTION' ? 0.908 ? 1879 ? f_angle_d          ? ? 
'X-RAY DIFFRACTION' ? 0.061 ? 207  ? f_chiral_restr     ? ? 
'X-RAY DIFFRACTION' ? 0.005 ? 246  ? f_plane_restr      ? ? 
'X-RAY DIFFRACTION' ? 2.925 ? 830  ? f_dihedral_angle_d ? ? 
# 
loop_
_refine_ls_shell.pdbx_refine_id 
_refine_ls_shell.d_res_high 
_refine_ls_shell.d_res_low 
_refine_ls_shell.number_reflns_all 
_refine_ls_shell.number_reflns_obs 
_refine_ls_shell.number_reflns_R_free 
_refine_ls_shell.number_reflns_R_work 
_refine_ls_shell.percent_reflns_obs 
_refine_ls_shell.percent_reflns_R_free 
_refine_ls_shell.R_factor_all 
_refine_ls_shell.R_factor_obs 
_refine_ls_shell.R_factor_R_free 
_refine_ls_shell.R_factor_R_free_error 
_refine_ls_shell.R_factor_R_work 
_refine_ls_shell.redundancy_reflns_all 
_refine_ls_shell.redundancy_reflns_obs 
_refine_ls_shell.wR_factor_all 
_refine_ls_shell.wR_factor_obs 
_refine_ls_shell.wR_factor_R_free 
_refine_ls_shell.wR_factor_R_work 
_refine_ls_shell.pdbx_total_number_of_bins_used 
_refine_ls_shell.pdbx_phase_error 
_refine_ls_shell.pdbx_fsc_work 
_refine_ls_shell.pdbx_fsc_free 
'X-RAY DIFFRACTION' 2.0000 2.0500  1514 . 139 1375 100.0000 . . . 0.2345 0.0000 0.1914 . . . . . . 14 . . . 
'X-RAY DIFFRACTION' 2.0500 2.1053  1523 . 141 1382 100.0000 . . . 0.2391 0.0000 0.1976 . . . . . . 14 . . . 
'X-RAY DIFFRACTION' 2.1053 2.1672  1506 . 139 1367 100.0000 . . . 0.2351 0.0000 0.1903 . . . . . . 14 . . . 
'X-RAY DIFFRACTION' 2.1672 2.2371  1544 . 141 1403 100.0000 . . . 0.2786 0.0000 0.1847 . . . . . . 14 . . . 
'X-RAY DIFFRACTION' 2.2371 2.3169  1523 . 140 1383 100.0000 . . . 0.2731 0.0000 0.2008 . . . . . . 14 . . . 
'X-RAY DIFFRACTION' 2.3169 2.4095  1535 . 142 1393 100.0000 . . . 0.2455 0.0000 0.1961 . . . . . . 14 . . . 
'X-RAY DIFFRACTION' 2.4095 2.5190  1536 . 142 1394 100.0000 . . . 0.2582 0.0000 0.2023 . . . . . . 14 . . . 
'X-RAY DIFFRACTION' 2.5190 2.6515  1536 . 141 1395 100.0000 . . . 0.2583 0.0000 0.2116 . . . . . . 14 . . . 
'X-RAY DIFFRACTION' 2.6515 2.8172  1544 . 143 1401 99.0000  . . . 0.2496 0.0000 0.2100 . . . . . . 14 . . . 
'X-RAY DIFFRACTION' 2.8172 3.0340  1542 . 141 1401 100.0000 . . . 0.2387 0.0000 0.1952 . . . . . . 14 . . . 
'X-RAY DIFFRACTION' 3.0340 3.3381  1566 . 144 1422 100.0000 . . . 0.2076 0.0000 0.1759 . . . . . . 14 . . . 
'X-RAY DIFFRACTION' 3.3381 3.8181  1577 . 145 1432 100.0000 . . . 0.1931 0.0000 0.1491 . . . . . . 14 . . . 
'X-RAY DIFFRACTION' 3.8181 4.7993  1590 . 147 1443 99.0000  . . . 0.1604 0.0000 0.1304 . . . . . . 14 . . . 
'X-RAY DIFFRACTION' 4.7993 19.8979 1684 . 155 1529 98.0000  . . . 0.1657 0.0000 0.1676 . . . . . . 14 . . . 
# 
_struct.entry_id                     6K21 
_struct.title                        'Pyrophosphatase from Acinetobacter baumannii' 
_struct.pdbx_model_details           ? 
_struct.pdbx_formula_weight          ? 
_struct.pdbx_formula_weight_method   ? 
_struct.pdbx_model_type_details      ? 
_struct.pdbx_CASP_flag               N 
# 
_struct_keywords.entry_id        6K21 
_struct_keywords.text            'Pyrophosphatase from Acinetobacter baumannii, HYDROLASE' 
_struct_keywords.pdbx_keywords   HYDROLASE 
# 
loop_
_struct_asym.id 
_struct_asym.pdbx_blank_PDB_chainid_flag 
_struct_asym.pdbx_modified 
_struct_asym.entity_id 
_struct_asym.details 
A N N 1 ? 
B N N 2 ? 
C N N 3 ? 
D N N 4 ? 
# 
_struct_ref.id                         1 
_struct_ref.db_name                    UNP 
_struct_ref.db_code                    N9S5K0_9GAMM 
_struct_ref.pdbx_db_accession          N9S5K0 
_struct_ref.pdbx_db_isoform            ? 
_struct_ref.entity_id                  1 
_struct_ref.pdbx_seq_one_letter_code   
;MSYNNIPAGKDAPNDIYVIIEIPANAAPIKYEIDKDSDALFVDRFMGTAMFYPANYGYVPNTLSEDGDPLDVLVVTPYPV
AAGSVIRCRPVGKLNMEDDGGIDAKLIAVPHEKLSPLYKDVKEYTDLPQLLINQVEHFFAHYKDLEPGKWVKISGWEGAD
VAKAEVIKAIEAAK
;
_struct_ref.pdbx_align_begin           1 
# 
_struct_ref_seq.align_id                      1 
_struct_ref_seq.ref_id                        1 
_struct_ref_seq.pdbx_PDB_id_code              6K21 
_struct_ref_seq.pdbx_strand_id                A 
_struct_ref_seq.seq_align_beg                 4 
_struct_ref_seq.pdbx_seq_align_beg_ins_code   ? 
_struct_ref_seq.seq_align_end                 177 
_struct_ref_seq.pdbx_seq_align_end_ins_code   ? 
_struct_ref_seq.pdbx_db_accession             N9S5K0 
_struct_ref_seq.db_align_beg                  1 
_struct_ref_seq.pdbx_db_align_beg_ins_code    ? 
_struct_ref_seq.db_align_end                  174 
_struct_ref_seq.pdbx_db_align_end_ins_code    ? 
_struct_ref_seq.pdbx_auth_seq_align_beg       0 
_struct_ref_seq.pdbx_auth_seq_align_end       173 
# 
loop_
_struct_ref_seq_dif.align_id 
_struct_ref_seq_dif.pdbx_pdb_id_code 
_struct_ref_seq_dif.mon_id 
_struct_ref_seq_dif.pdbx_pdb_strand_id 
_struct_ref_seq_dif.seq_num 
_struct_ref_seq_dif.pdbx_pdb_ins_code 
_struct_ref_seq_dif.pdbx_seq_db_name 
_struct_ref_seq_dif.pdbx_seq_db_accession_code 
_struct_ref_seq_dif.db_mon_id 
_struct_ref_seq_dif.pdbx_seq_db_seq_num 
_struct_ref_seq_dif.details 
_struct_ref_seq_dif.pdbx_auth_seq_num 
_struct_ref_seq_dif.pdbx_ordinal 
1 6K21 GLY A 1   ? UNP N9S5K0 ?   ?   'expression tag'      -3  1 
1 6K21 SER A 2   ? UNP N9S5K0 ?   ?   'expression tag'      -2  2 
1 6K21 HIS A 3   ? UNP N9S5K0 ?   ?   'expression tag'      -1  3 
1 6K21 SER A 143 ? UNP N9S5K0 ALA 140 'engineered mutation' 139 4 
# 
_pdbx_struct_assembly.id                   1 
_pdbx_struct_assembly.details              author_and_software_defined_assembly 
_pdbx_struct_assembly.method_details       PISA 
_pdbx_struct_assembly.oligomeric_details   hexameric 
_pdbx_struct_assembly.oligomeric_count     6 
# 
loop_
_pdbx_struct_assembly_prop.biol_id 
_pdbx_struct_assembly_prop.type 
_pdbx_struct_assembly_prop.value 
_pdbx_struct_assembly_prop.details 
1 'ABSA (A^2)' 14830 ? 
1 MORE         -210  ? 
1 'SSA (A^2)'  39210 ? 
# 
_pdbx_struct_assembly_gen.assembly_id       1 
_pdbx_struct_assembly_gen.oper_expression   1,2,3,4,5,6 
_pdbx_struct_assembly_gen.asym_id_list      A,B,C,D 
# 
_pdbx_struct_assembly_auth_evidence.id                     1 
_pdbx_struct_assembly_auth_evidence.assembly_id            1 
_pdbx_struct_assembly_auth_evidence.experimental_support   none 
_pdbx_struct_assembly_auth_evidence.details                ? 
# 
loop_
_pdbx_struct_oper_list.id 
_pdbx_struct_oper_list.type 
_pdbx_struct_oper_list.name 
_pdbx_struct_oper_list.symmetry_operation 
_pdbx_struct_oper_list.matrix[1][1] 
_pdbx_struct_oper_list.matrix[1][2] 
_pdbx_struct_oper_list.matrix[1][3] 
_pdbx_struct_oper_list.vector[1] 
_pdbx_struct_oper_list.matrix[2][1] 
_pdbx_struct_oper_list.matrix[2][2] 
_pdbx_struct_oper_list.matrix[2][3] 
_pdbx_struct_oper_list.vector[2] 
_pdbx_struct_oper_list.matrix[3][1] 
_pdbx_struct_oper_list.matrix[3][2] 
_pdbx_struct_oper_list.matrix[3][3] 
_pdbx_struct_oper_list.vector[3] 
1 'identity operation'         1_555  x,y,z           1.0000000000  0.0000000000  0.0000000000  0.0000000000   0.0000000000  1.0000000000  0.0000000000  0.0000000000   0.0000000000  0.0000000000  1.0000000000  0.0000000000  
2 'crystal symmetry operation' 2_565  -y,x-y+1,z      -0.4649921601 0.5907215853  -0.6594166360 -12.8837162790 -0.1872797307 0.6623491363  0.7254101765  -11.8301751895 0.8652794887  0.4608054149  -0.1973569762 27.5661679513 
3 'crystal symmetry operation' 3_455  -x+y-1,-x,z     -0.4649921601 -0.1872797307 0.8652794887  -32.0588187962 0.5907215853  0.6623491363  0.4608054149  2.7437561639   -0.6594166360 0.7254101765  -0.1973569762 5.5263681785  
4 'crystal symmetry operation' 10_554 -y,-x,-z-1/2    0.9104001133  -0.1313522606 -0.3923241228 7.1870898024   -0.1313522606 -0.9909686896 0.0269747997  18.2077566427  -0.3923241228 0.0269747997  -0.9194314237 28.9010706150 
5 'crystal symmetry operation' 11_454 -x+y-1,y,-z-1/2 -0.7381993156 0.2700068616  -0.6181893441 -13.8031993637 0.2700068616  -0.7215297375 -0.6375665711 32.3669869667  -0.6181893441 -0.6375665711 0.4597290531  8.2913456509  
6 'crystal symmetry operation' 12_564 x,x-y+1,-z-1/2  -0.2422164776 -0.5420964556 0.8046506142  -24.5277885834 -0.5420964556 -0.6121998455 -0.5756238200 19.8488511891  0.8046506142  -0.5756238200 -0.1455836770 36.4714142884 
# 
loop_
_struct_conf.conf_type_id 
_struct_conf.id 
_struct_conf.pdbx_PDB_helix_id 
_struct_conf.beg_label_comp_id 
_struct_conf.beg_label_asym_id 
_struct_conf.beg_label_seq_id 
_struct_conf.pdbx_beg_PDB_ins_code 
_struct_conf.end_label_comp_id 
_struct_conf.end_label_asym_id 
_struct_conf.end_label_seq_id 
_struct_conf.pdbx_end_PDB_ins_code 
_struct_conf.beg_auth_comp_id 
_struct_conf.beg_auth_asym_id 
_struct_conf.beg_auth_seq_id 
_struct_conf.end_auth_comp_id 
_struct_conf.end_auth_asym_id 
_struct_conf.end_auth_seq_id 
_struct_conf.pdbx_PDB_helix_class 
_struct_conf.details 
_struct_conf.pdbx_PDB_helix_length 
HELX_P HELX_P1 AA1 SER A 5   ? ILE A 9   ? SER A 1   ILE A 5   5 ? 5  
HELX_P HELX_P2 AA2 ASP A 14  ? ASP A 18  ? ASP A 10  ASP A 14  5 ? 5  
HELX_P HELX_P3 AA3 GLU A 126 ? LEU A 130 ? GLU A 122 LEU A 126 5 ? 5  
HELX_P HELX_P4 AA4 PRO A 131 ? TYR A 145 ? PRO A 127 TYR A 141 1 ? 15 
HELX_P HELX_P5 AA5 ALA A 162 ? LYS A 177 ? ALA A 158 LYS A 173 1 ? 16 
# 
_struct_conf_type.id          HELX_P 
_struct_conf_type.criteria    ? 
_struct_conf_type.reference   ? 
# 
loop_
_struct_conn.id 
_struct_conn.conn_type_id 
_struct_conn.pdbx_leaving_atom_flag 
_struct_conn.pdbx_PDB_id 
_struct_conn.ptnr1_label_asym_id 
_struct_conn.ptnr1_label_comp_id 
_struct_conn.ptnr1_label_seq_id 
_struct_conn.ptnr1_label_atom_id 
_struct_conn.pdbx_ptnr1_label_alt_id 
_struct_conn.pdbx_ptnr1_PDB_ins_code 
_struct_conn.pdbx_ptnr1_standard_comp_id 
_struct_conn.ptnr1_symmetry 
_struct_conn.ptnr2_label_asym_id 
_struct_conn.ptnr2_label_comp_id 
_struct_conn.ptnr2_label_seq_id 
_struct_conn.ptnr2_label_atom_id 
_struct_conn.pdbx_ptnr2_label_alt_id 
_struct_conn.pdbx_ptnr2_PDB_ins_code 
_struct_conn.ptnr1_auth_asym_id 
_struct_conn.ptnr1_auth_comp_id 
_struct_conn.ptnr1_auth_seq_id 
_struct_conn.ptnr2_auth_asym_id 
_struct_conn.ptnr2_auth_comp_id 
_struct_conn.ptnr2_auth_seq_id 
_struct_conn.ptnr2_symmetry 
_struct_conn.pdbx_ptnr3_label_atom_id 
_struct_conn.pdbx_ptnr3_label_seq_id 
_struct_conn.pdbx_ptnr3_label_comp_id 
_struct_conn.pdbx_ptnr3_label_asym_id 
_struct_conn.pdbx_ptnr3_label_alt_id 
_struct_conn.pdbx_ptnr3_PDB_ins_code 
_struct_conn.details 
_struct_conn.pdbx_dist_value 
_struct_conn.pdbx_value_order 
_struct_conn.pdbx_role 
metalc1 metalc ? ? A ASP 69  OD2 ? ? ? 1_555 B MG  . MG ? ? A ASP 65  A MG  401 1_555 ? ? ? ? ? ? ? 2.641 ? ? 
metalc2 metalc ? ? A ASP 74  OD2 ? ? ? 1_555 B MG  . MG ? ? A ASP 70  A MG  401 1_555 ? ? ? ? ? ? ? 2.329 ? ? 
metalc3 metalc ? ? A ASP 147 O   ? ? ? 1_555 C NA  . NA ? ? A ASP 143 A NA  402 1_555 ? ? ? ? ? ? ? 2.734 ? ? 
metalc4 metalc ? ? A GLU 149 O   ? ? ? 1_555 C NA  . NA ? ? A GLU 145 A NA  402 1_555 ? ? ? ? ? ? ? 3.079 ? ? 
metalc5 metalc ? ? B MG  .   MG  ? ? ? 1_555 D HOH . O  ? ? A MG  401 A HOH 504 1_555 ? ? ? ? ? ? ? 2.596 ? ? 
metalc6 metalc ? ? B MG  .   MG  ? ? ? 1_555 D HOH . O  ? ? A MG  401 A HOH 513 1_555 ? ? ? ? ? ? ? 2.737 ? ? 
metalc7 metalc ? ? B MG  .   MG  ? ? ? 1_555 D HOH . O  ? ? A MG  401 A HOH 605 1_555 ? ? ? ? ? ? ? 2.438 ? ? 
# 
_struct_conn_type.id          metalc 
_struct_conn_type.criteria    ? 
_struct_conn_type.reference   ? 
# 
loop_
_pdbx_struct_conn_angle.id 
_pdbx_struct_conn_angle.ptnr1_label_atom_id 
_pdbx_struct_conn_angle.ptnr1_label_alt_id 
_pdbx_struct_conn_angle.ptnr1_label_asym_id 
_pdbx_struct_conn_angle.ptnr1_label_comp_id 
_pdbx_struct_conn_angle.ptnr1_label_seq_id 
_pdbx_struct_conn_angle.ptnr1_auth_atom_id 
_pdbx_struct_conn_angle.ptnr1_auth_asym_id 
_pdbx_struct_conn_angle.ptnr1_auth_comp_id 
_pdbx_struct_conn_angle.ptnr1_auth_seq_id 
_pdbx_struct_conn_angle.ptnr1_PDB_ins_code 
_pdbx_struct_conn_angle.ptnr1_symmetry 
_pdbx_struct_conn_angle.ptnr2_label_atom_id 
_pdbx_struct_conn_angle.ptnr2_label_alt_id 
_pdbx_struct_conn_angle.ptnr2_label_asym_id 
_pdbx_struct_conn_angle.ptnr2_label_comp_id 
_pdbx_struct_conn_angle.ptnr2_label_seq_id 
_pdbx_struct_conn_angle.ptnr2_auth_atom_id 
_pdbx_struct_conn_angle.ptnr2_auth_asym_id 
_pdbx_struct_conn_angle.ptnr2_auth_comp_id 
_pdbx_struct_conn_angle.ptnr2_auth_seq_id 
_pdbx_struct_conn_angle.ptnr2_PDB_ins_code 
_pdbx_struct_conn_angle.ptnr2_symmetry 
_pdbx_struct_conn_angle.ptnr3_label_atom_id 
_pdbx_struct_conn_angle.ptnr3_label_alt_id 
_pdbx_struct_conn_angle.ptnr3_label_asym_id 
_pdbx_struct_conn_angle.ptnr3_label_comp_id 
_pdbx_struct_conn_angle.ptnr3_label_seq_id 
_pdbx_struct_conn_angle.ptnr3_auth_atom_id 
_pdbx_struct_conn_angle.ptnr3_auth_asym_id 
_pdbx_struct_conn_angle.ptnr3_auth_comp_id 
_pdbx_struct_conn_angle.ptnr3_auth_seq_id 
_pdbx_struct_conn_angle.ptnr3_PDB_ins_code 
_pdbx_struct_conn_angle.ptnr3_symmetry 
_pdbx_struct_conn_angle.value 
_pdbx_struct_conn_angle.value_esd 
1  OD2 ? A ASP 69  ? A ASP 65  ? 1_555 MG ? B MG . ? A MG 401 ? 1_555 OD2 ? A ASP 74  ? A ASP 70  ? 1_555 149.3 ? 
2  OD2 ? A ASP 69  ? A ASP 65  ? 1_555 MG ? B MG . ? A MG 401 ? 1_555 O   ? D HOH .   ? A HOH 504 ? 1_555 90.2  ? 
3  OD2 ? A ASP 74  ? A ASP 70  ? 1_555 MG ? B MG . ? A MG 401 ? 1_555 O   ? D HOH .   ? A HOH 504 ? 1_555 60.6  ? 
4  OD2 ? A ASP 69  ? A ASP 65  ? 1_555 MG ? B MG . ? A MG 401 ? 1_555 O   ? D HOH .   ? A HOH 513 ? 1_555 75.3  ? 
5  OD2 ? A ASP 74  ? A ASP 70  ? 1_555 MG ? B MG . ? A MG 401 ? 1_555 O   ? D HOH .   ? A HOH 513 ? 1_555 87.6  ? 
6  O   ? D HOH .   ? A HOH 504 ? 1_555 MG ? B MG . ? A MG 401 ? 1_555 O   ? D HOH .   ? A HOH 513 ? 1_555 76.0  ? 
7  OD2 ? A ASP 69  ? A ASP 65  ? 1_555 MG ? B MG . ? A MG 401 ? 1_555 O   ? D HOH .   ? A HOH 605 ? 1_555 97.6  ? 
8  OD2 ? A ASP 74  ? A ASP 70  ? 1_555 MG ? B MG . ? A MG 401 ? 1_555 O   ? D HOH .   ? A HOH 605 ? 1_555 107.1 ? 
9  O   ? D HOH .   ? A HOH 504 ? 1_555 MG ? B MG . ? A MG 401 ? 1_555 O   ? D HOH .   ? A HOH 605 ? 1_555 159.4 ? 
10 O   ? D HOH .   ? A HOH 513 ? 1_555 MG ? B MG . ? A MG 401 ? 1_555 O   ? D HOH .   ? A HOH 605 ? 1_555 87.5  ? 
11 O   ? A ASP 147 ? A ASP 143 ? 1_555 NA ? C NA . ? A NA 402 ? 1_555 O   ? A GLU 149 ? A GLU 145 ? 1_555 102.2 ? 
# 
loop_
_struct_sheet.id 
_struct_sheet.type 
_struct_sheet.number_strands 
_struct_sheet.details 
AA1 ? 7 ? 
AA2 ? 2 ? 
# 
loop_
_struct_sheet_order.sheet_id 
_struct_sheet_order.range_id_1 
_struct_sheet_order.range_id_2 
_struct_sheet_order.offset 
_struct_sheet_order.sense 
AA1 1 2 ? anti-parallel 
AA1 2 3 ? anti-parallel 
AA1 3 4 ? parallel      
AA1 4 5 ? anti-parallel 
AA1 5 6 ? anti-parallel 
AA1 6 7 ? anti-parallel 
AA2 1 2 ? anti-parallel 
# 
loop_
_struct_sheet_range.sheet_id 
_struct_sheet_range.id 
_struct_sheet_range.beg_label_comp_id 
_struct_sheet_range.beg_label_asym_id 
_struct_sheet_range.beg_label_seq_id 
_struct_sheet_range.pdbx_beg_PDB_ins_code 
_struct_sheet_range.end_label_comp_id 
_struct_sheet_range.end_label_asym_id 
_struct_sheet_range.end_label_seq_id 
_struct_sheet_range.pdbx_end_PDB_ins_code 
_struct_sheet_range.beg_auth_comp_id 
_struct_sheet_range.beg_auth_asym_id 
_struct_sheet_range.beg_auth_seq_id 
_struct_sheet_range.end_auth_comp_id 
_struct_sheet_range.end_auth_asym_id 
_struct_sheet_range.end_auth_seq_id 
AA1 1 VAL A 154 ? GLY A 161 ? VAL A 150 GLY A 157 
AA1 2 VAL A 88  ? ASP A 101 ? VAL A 84  ASP A 97  
AA1 3 GLY A 104 ? PRO A 113 ? GLY A 100 PRO A 109 
AA1 4 ASP A 74  ? VAL A 77  ? ASP A 70  VAL A 73  
AA1 5 ASN A 58  ? TYR A 61  ? ASN A 54  TYR A 57  
AA1 6 ILE A 19  ? ILE A 25  ? ILE A 15  ILE A 21  
AA1 7 VAL A 88  ? ASP A 101 ? VAL A 84  ASP A 97  
AA2 1 ILE A 32  ? ILE A 36  ? ILE A 28  ILE A 32  
AA2 2 LEU A 43  ? PHE A 48  ? LEU A 39  PHE A 44  
# 
loop_
_pdbx_struct_sheet_hbond.sheet_id 
_pdbx_struct_sheet_hbond.range_id_1 
_pdbx_struct_sheet_hbond.range_id_2 
_pdbx_struct_sheet_hbond.range_1_label_atom_id 
_pdbx_struct_sheet_hbond.range_1_label_comp_id 
_pdbx_struct_sheet_hbond.range_1_label_asym_id 
_pdbx_struct_sheet_hbond.range_1_label_seq_id 
_pdbx_struct_sheet_hbond.range_1_PDB_ins_code 
_pdbx_struct_sheet_hbond.range_1_auth_atom_id 
_pdbx_struct_sheet_hbond.range_1_auth_comp_id 
_pdbx_struct_sheet_hbond.range_1_auth_asym_id 
_pdbx_struct_sheet_hbond.range_1_auth_seq_id 
_pdbx_struct_sheet_hbond.range_2_label_atom_id 
_pdbx_struct_sheet_hbond.range_2_label_comp_id 
_pdbx_struct_sheet_hbond.range_2_label_asym_id 
_pdbx_struct_sheet_hbond.range_2_label_seq_id 
_pdbx_struct_sheet_hbond.range_2_PDB_ins_code 
_pdbx_struct_sheet_hbond.range_2_auth_atom_id 
_pdbx_struct_sheet_hbond.range_2_auth_comp_id 
_pdbx_struct_sheet_hbond.range_2_auth_asym_id 
_pdbx_struct_sheet_hbond.range_2_auth_seq_id 
AA1 1 2 O LYS A 155 ? O LYS A 151 N GLU A 100 ? N GLU A 96  
AA1 2 3 N VAL A 94  ? N VAL A 90  O ILE A 110 ? O ILE A 106 
AA1 3 4 O LEU A 109 ? O LEU A 105 N LEU A 76  ? N LEU A 72  
AA1 4 5 O VAL A 75  ? O VAL A 71  N GLY A 60  ? N GLY A 56  
AA1 5 6 O TYR A 59  ? O TYR A 55  N ILE A 25  ? N ILE A 21  
AA1 6 7 N ILE A 19  ? N ILE A 15  O CYS A 91  ? O CYS A 87  
AA2 1 2 N LYS A 33  ? N LYS A 29  O ARG A 47  ? O ARG A 43  
# 
loop_
_struct_site.id 
_struct_site.pdbx_evidence_code 
_struct_site.pdbx_auth_asym_id 
_struct_site.pdbx_auth_comp_id 
_struct_site.pdbx_auth_seq_id 
_struct_site.pdbx_auth_ins_code 
_struct_site.pdbx_num_residues 
_struct_site.details 
AC1 Software A MG 401 ? 5 'binding site for residue MG A 401' 
AC2 Software A NA 402 ? 3 'binding site for residue NA A 402' 
# 
loop_
_struct_site_gen.id 
_struct_site_gen.site_id 
_struct_site_gen.pdbx_num_res 
_struct_site_gen.label_comp_id 
_struct_site_gen.label_asym_id 
_struct_site_gen.label_seq_id 
_struct_site_gen.pdbx_auth_ins_code 
_struct_site_gen.auth_comp_id 
_struct_site_gen.auth_asym_id 
_struct_site_gen.auth_seq_id 
_struct_site_gen.label_atom_id 
_struct_site_gen.label_alt_id 
_struct_site_gen.symmetry 
_struct_site_gen.details 
1 AC1 5 ASP A 69  ? ASP A 65  . ? 1_555 ? 
2 AC1 5 ASP A 74  ? ASP A 70  . ? 1_555 ? 
3 AC1 5 HOH D .   ? HOH A 504 . ? 1_555 ? 
4 AC1 5 HOH D .   ? HOH A 513 . ? 1_555 ? 
5 AC1 5 HOH D .   ? HOH A 605 . ? 1_555 ? 
6 AC2 3 ASP A 147 ? ASP A 143 . ? 1_555 ? 
7 AC2 3 GLU A 149 ? GLU A 145 . ? 1_555 ? 
8 AC2 3 LYS A 152 ? LYS A 148 . ? 1_555 ? 
# 
loop_
_pdbx_validate_torsion.id 
_pdbx_validate_torsion.PDB_model_num 
_pdbx_validate_torsion.auth_comp_id 
_pdbx_validate_torsion.auth_asym_id 
_pdbx_validate_torsion.auth_seq_id 
_pdbx_validate_torsion.PDB_ins_code 
_pdbx_validate_torsion.label_alt_id 
_pdbx_validate_torsion.phi 
_pdbx_validate_torsion.psi 
1 1 ASP A 10 ? ? -151.53 71.38   
2 1 ALA A 11 ? ? 56.48   -133.32 
3 1 ASP A 97 ? ? -129.78 -168.55 
# 
_pdbx_entry_details.compound_details         ? 
_pdbx_entry_details.entry_id                 6K21 
_pdbx_entry_details.has_ligand_of_interest   ? 
_pdbx_entry_details.nonpolymer_details       ? 
_pdbx_entry_details.sequence_details         ? 
_pdbx_entry_details.source_details           
;The protein was from a strain of Acinetobacter baumannii from a hospital. The sequence reference used is from a different species Acinetobacter ursingii NIPH 706.
;
# 
loop_
_pdbx_unobs_or_zero_occ_residues.id 
_pdbx_unobs_or_zero_occ_residues.PDB_model_num 
_pdbx_unobs_or_zero_occ_residues.polymer_flag 
_pdbx_unobs_or_zero_occ_residues.occupancy_flag 
_pdbx_unobs_or_zero_occ_residues.auth_asym_id 
_pdbx_unobs_or_zero_occ_residues.auth_comp_id 
_pdbx_unobs_or_zero_occ_residues.auth_seq_id 
_pdbx_unobs_or_zero_occ_residues.PDB_ins_code 
_pdbx_unobs_or_zero_occ_residues.label_asym_id 
_pdbx_unobs_or_zero_occ_residues.label_comp_id 
_pdbx_unobs_or_zero_occ_residues.label_seq_id 
1 1 Y 1 A GLY -3 ? A GLY 1 
2 1 Y 1 A SER -2 ? A SER 2 
3 1 Y 1 A HIS -1 ? A HIS 3 
4 1 Y 1 A MET 0  ? A MET 4 
# 
loop_
_chem_comp_atom.comp_id 
_chem_comp_atom.atom_id 
_chem_comp_atom.type_symbol 
_chem_comp_atom.pdbx_aromatic_flag 
_chem_comp_atom.pdbx_stereo_config 
_chem_comp_atom.pdbx_ordinal 
ALA N    N  N N 1   
ALA CA   C  N S 2   
ALA C    C  N N 3   
ALA O    O  N N 4   
ALA CB   C  N N 5   
ALA OXT  O  N N 6   
ALA H    H  N N 7   
ALA H2   H  N N 8   
ALA HA   H  N N 9   
ALA HB1  H  N N 10  
ALA HB2  H  N N 11  
ALA HB3  H  N N 12  
ALA HXT  H  N N 13  
ARG N    N  N N 14  
ARG CA   C  N S 15  
ARG C    C  N N 16  
ARG O    O  N N 17  
ARG CB   C  N N 18  
ARG CG   C  N N 19  
ARG CD   C  N N 20  
ARG NE   N  N N 21  
ARG CZ   C  N N 22  
ARG NH1  N  N N 23  
ARG NH2  N  N N 24  
ARG OXT  O  N N 25  
ARG H    H  N N 26  
ARG H2   H  N N 27  
ARG HA   H  N N 28  
ARG HB2  H  N N 29  
ARG HB3  H  N N 30  
ARG HG2  H  N N 31  
ARG HG3  H  N N 32  
ARG HD2  H  N N 33  
ARG HD3  H  N N 34  
ARG HE   H  N N 35  
ARG HH11 H  N N 36  
ARG HH12 H  N N 37  
ARG HH21 H  N N 38  
ARG HH22 H  N N 39  
ARG HXT  H  N N 40  
ASN N    N  N N 41  
ASN CA   C  N S 42  
ASN C    C  N N 43  
ASN O    O  N N 44  
ASN CB   C  N N 45  
ASN CG   C  N N 46  
ASN OD1  O  N N 47  
ASN ND2  N  N N 48  
ASN OXT  O  N N 49  
ASN H    H  N N 50  
ASN H2   H  N N 51  
ASN HA   H  N N 52  
ASN HB2  H  N N 53  
ASN HB3  H  N N 54  
ASN HD21 H  N N 55  
ASN HD22 H  N N 56  
ASN HXT  H  N N 57  
ASP N    N  N N 58  
ASP CA   C  N S 59  
ASP C    C  N N 60  
ASP O    O  N N 61  
ASP CB   C  N N 62  
ASP CG   C  N N 63  
ASP OD1  O  N N 64  
ASP OD2  O  N N 65  
ASP OXT  O  N N 66  
ASP H    H  N N 67  
ASP H2   H  N N 68  
ASP HA   H  N N 69  
ASP HB2  H  N N 70  
ASP HB3  H  N N 71  
ASP HD2  H  N N 72  
ASP HXT  H  N N 73  
CYS N    N  N N 74  
CYS CA   C  N R 75  
CYS C    C  N N 76  
CYS O    O  N N 77  
CYS CB   C  N N 78  
CYS SG   S  N N 79  
CYS OXT  O  N N 80  
CYS H    H  N N 81  
CYS H2   H  N N 82  
CYS HA   H  N N 83  
CYS HB2  H  N N 84  
CYS HB3  H  N N 85  
CYS HG   H  N N 86  
CYS HXT  H  N N 87  
GLN N    N  N N 88  
GLN CA   C  N S 89  
GLN C    C  N N 90  
GLN O    O  N N 91  
GLN CB   C  N N 92  
GLN CG   C  N N 93  
GLN CD   C  N N 94  
GLN OE1  O  N N 95  
GLN NE2  N  N N 96  
GLN OXT  O  N N 97  
GLN H    H  N N 98  
GLN H2   H  N N 99  
GLN HA   H  N N 100 
GLN HB2  H  N N 101 
GLN HB3  H  N N 102 
GLN HG2  H  N N 103 
GLN HG3  H  N N 104 
GLN HE21 H  N N 105 
GLN HE22 H  N N 106 
GLN HXT  H  N N 107 
GLU N    N  N N 108 
GLU CA   C  N S 109 
GLU C    C  N N 110 
GLU O    O  N N 111 
GLU CB   C  N N 112 
GLU CG   C  N N 113 
GLU CD   C  N N 114 
GLU OE1  O  N N 115 
GLU OE2  O  N N 116 
GLU OXT  O  N N 117 
GLU H    H  N N 118 
GLU H2   H  N N 119 
GLU HA   H  N N 120 
GLU HB2  H  N N 121 
GLU HB3  H  N N 122 
GLU HG2  H  N N 123 
GLU HG3  H  N N 124 
GLU HE2  H  N N 125 
GLU HXT  H  N N 126 
GLY N    N  N N 127 
GLY CA   C  N N 128 
GLY C    C  N N 129 
GLY O    O  N N 130 
GLY OXT  O  N N 131 
GLY H    H  N N 132 
GLY H2   H  N N 133 
GLY HA2  H  N N 134 
GLY HA3  H  N N 135 
GLY HXT  H  N N 136 
HIS N    N  N N 137 
HIS CA   C  N S 138 
HIS C    C  N N 139 
HIS O    O  N N 140 
HIS CB   C  N N 141 
HIS CG   C  Y N 142 
HIS ND1  N  Y N 143 
HIS CD2  C  Y N 144 
HIS CE1  C  Y N 145 
HIS NE2  N  Y N 146 
HIS OXT  O  N N 147 
HIS H    H  N N 148 
HIS H2   H  N N 149 
HIS HA   H  N N 150 
HIS HB2  H  N N 151 
HIS HB3  H  N N 152 
HIS HD1  H  N N 153 
HIS HD2  H  N N 154 
HIS HE1  H  N N 155 
HIS HE2  H  N N 156 
HIS HXT  H  N N 157 
HOH O    O  N N 158 
HOH H1   H  N N 159 
HOH H2   H  N N 160 
ILE N    N  N N 161 
ILE CA   C  N S 162 
ILE C    C  N N 163 
ILE O    O  N N 164 
ILE CB   C  N S 165 
ILE CG1  C  N N 166 
ILE CG2  C  N N 167 
ILE CD1  C  N N 168 
ILE OXT  O  N N 169 
ILE H    H  N N 170 
ILE H2   H  N N 171 
ILE HA   H  N N 172 
ILE HB   H  N N 173 
ILE HG12 H  N N 174 
ILE HG13 H  N N 175 
ILE HG21 H  N N 176 
ILE HG22 H  N N 177 
ILE HG23 H  N N 178 
ILE HD11 H  N N 179 
ILE HD12 H  N N 180 
ILE HD13 H  N N 181 
ILE HXT  H  N N 182 
LEU N    N  N N 183 
LEU CA   C  N S 184 
LEU C    C  N N 185 
LEU O    O  N N 186 
LEU CB   C  N N 187 
LEU CG   C  N N 188 
LEU CD1  C  N N 189 
LEU CD2  C  N N 190 
LEU OXT  O  N N 191 
LEU H    H  N N 192 
LEU H2   H  N N 193 
LEU HA   H  N N 194 
LEU HB2  H  N N 195 
LEU HB3  H  N N 196 
LEU HG   H  N N 197 
LEU HD11 H  N N 198 
LEU HD12 H  N N 199 
LEU HD13 H  N N 200 
LEU HD21 H  N N 201 
LEU HD22 H  N N 202 
LEU HD23 H  N N 203 
LEU HXT  H  N N 204 
LYS N    N  N N 205 
LYS CA   C  N S 206 
LYS C    C  N N 207 
LYS O    O  N N 208 
LYS CB   C  N N 209 
LYS CG   C  N N 210 
LYS CD   C  N N 211 
LYS CE   C  N N 212 
LYS NZ   N  N N 213 
LYS OXT  O  N N 214 
LYS H    H  N N 215 
LYS H2   H  N N 216 
LYS HA   H  N N 217 
LYS HB2  H  N N 218 
LYS HB3  H  N N 219 
LYS HG2  H  N N 220 
LYS HG3  H  N N 221 
LYS HD2  H  N N 222 
LYS HD3  H  N N 223 
LYS HE2  H  N N 224 
LYS HE3  H  N N 225 
LYS HZ1  H  N N 226 
LYS HZ2  H  N N 227 
LYS HZ3  H  N N 228 
LYS HXT  H  N N 229 
MET N    N  N N 230 
MET CA   C  N S 231 
MET C    C  N N 232 
MET O    O  N N 233 
MET CB   C  N N 234 
MET CG   C  N N 235 
MET SD   S  N N 236 
MET CE   C  N N 237 
MET OXT  O  N N 238 
MET H    H  N N 239 
MET H2   H  N N 240 
MET HA   H  N N 241 
MET HB2  H  N N 242 
MET HB3  H  N N 243 
MET HG2  H  N N 244 
MET HG3  H  N N 245 
MET HE1  H  N N 246 
MET HE2  H  N N 247 
MET HE3  H  N N 248 
MET HXT  H  N N 249 
MG  MG   MG N N 250 
NA  NA   NA N N 251 
PHE N    N  N N 252 
PHE CA   C  N S 253 
PHE C    C  N N 254 
PHE O    O  N N 255 
PHE CB   C  N N 256 
PHE CG   C  Y N 257 
PHE CD1  C  Y N 258 
PHE CD2  C  Y N 259 
PHE CE1  C  Y N 260 
PHE CE2  C  Y N 261 
PHE CZ   C  Y N 262 
PHE OXT  O  N N 263 
PHE H    H  N N 264 
PHE H2   H  N N 265 
PHE HA   H  N N 266 
PHE HB2  H  N N 267 
PHE HB3  H  N N 268 
PHE HD1  H  N N 269 
PHE HD2  H  N N 270 
PHE HE1  H  N N 271 
PHE HE2  H  N N 272 
PHE HZ   H  N N 273 
PHE HXT  H  N N 274 
PRO N    N  N N 275 
PRO CA   C  N S 276 
PRO C    C  N N 277 
PRO O    O  N N 278 
PRO CB   C  N N 279 
PRO CG   C  N N 280 
PRO CD   C  N N 281 
PRO OXT  O  N N 282 
PRO H    H  N N 283 
PRO HA   H  N N 284 
PRO HB2  H  N N 285 
PRO HB3  H  N N 286 
PRO HG2  H  N N 287 
PRO HG3  H  N N 288 
PRO HD2  H  N N 289 
PRO HD3  H  N N 290 
PRO HXT  H  N N 291 
SER N    N  N N 292 
SER CA   C  N S 293 
SER C    C  N N 294 
SER O    O  N N 295 
SER CB   C  N N 296 
SER OG   O  N N 297 
SER OXT  O  N N 298 
SER H    H  N N 299 
SER H2   H  N N 300 
SER HA   H  N N 301 
SER HB2  H  N N 302 
SER HB3  H  N N 303 
SER HG   H  N N 304 
SER HXT  H  N N 305 
THR N    N  N N 306 
THR CA   C  N S 307 
THR C    C  N N 308 
THR O    O  N N 309 
THR CB   C  N R 310 
THR OG1  O  N N 311 
THR CG2  C  N N 312 
THR OXT  O  N N 313 
THR H    H  N N 314 
THR H2   H  N N 315 
THR HA   H  N N 316 
THR HB   H  N N 317 
THR HG1  H  N N 318 
THR HG21 H  N N 319 
THR HG22 H  N N 320 
THR HG23 H  N N 321 
THR HXT  H  N N 322 
TRP N    N  N N 323 
TRP CA   C  N S 324 
TRP C    C  N N 325 
TRP O    O  N N 326 
TRP CB   C  N N 327 
TRP CG   C  Y N 328 
TRP CD1  C  Y N 329 
TRP CD2  C  Y N 330 
TRP NE1  N  Y N 331 
TRP CE2  C  Y N 332 
TRP CE3  C  Y N 333 
TRP CZ2  C  Y N 334 
TRP CZ3  C  Y N 335 
TRP CH2  C  Y N 336 
TRP OXT  O  N N 337 
TRP H    H  N N 338 
TRP H2   H  N N 339 
TRP HA   H  N N 340 
TRP HB2  H  N N 341 
TRP HB3  H  N N 342 
TRP HD1  H  N N 343 
TRP HE1  H  N N 344 
TRP HE3  H  N N 345 
TRP HZ2  H  N N 346 
TRP HZ3  H  N N 347 
TRP HH2  H  N N 348 
TRP HXT  H  N N 349 
TYR N    N  N N 350 
TYR CA   C  N S 351 
TYR C    C  N N 352 
TYR O    O  N N 353 
TYR CB   C  N N 354 
TYR CG   C  Y N 355 
TYR CD1  C  Y N 356 
TYR CD2  C  Y N 357 
TYR CE1  C  Y N 358 
TYR CE2  C  Y N 359 
TYR CZ   C  Y N 360 
TYR OH   O  N N 361 
TYR OXT  O  N N 362 
TYR H    H  N N 363 
TYR H2   H  N N 364 
TYR HA   H  N N 365 
TYR HB2  H  N N 366 
TYR HB3  H  N N 367 
TYR HD1  H  N N 368 
TYR HD2  H  N N 369 
TYR HE1  H  N N 370 
TYR HE2  H  N N 371 
TYR HH   H  N N 372 
TYR HXT  H  N N 373 
VAL N    N  N N 374 
VAL CA   C  N S 375 
VAL C    C  N N 376 
VAL O    O  N N 377 
VAL CB   C  N N 378 
VAL CG1  C  N N 379 
VAL CG2  C  N N 380 
VAL OXT  O  N N 381 
VAL H    H  N N 382 
VAL H2   H  N N 383 
VAL HA   H  N N 384 
VAL HB   H  N N 385 
VAL HG11 H  N N 386 
VAL HG12 H  N N 387 
VAL HG13 H  N N 388 
VAL HG21 H  N N 389 
VAL HG22 H  N N 390 
VAL HG23 H  N N 391 
VAL HXT  H  N N 392 
# 
loop_
_chem_comp_bond.comp_id 
_chem_comp_bond.atom_id_1 
_chem_comp_bond.atom_id_2 
_chem_comp_bond.value_order 
_chem_comp_bond.pdbx_aromatic_flag 
_chem_comp_bond.pdbx_stereo_config 
_chem_comp_bond.pdbx_ordinal 
ALA N   CA   sing N N 1   
ALA N   H    sing N N 2   
ALA N   H2   sing N N 3   
ALA CA  C    sing N N 4   
ALA CA  CB   sing N N 5   
ALA CA  HA   sing N N 6   
ALA C   O    doub N N 7   
ALA C   OXT  sing N N 8   
ALA CB  HB1  sing N N 9   
ALA CB  HB2  sing N N 10  
ALA CB  HB3  sing N N 11  
ALA OXT HXT  sing N N 12  
ARG N   CA   sing N N 13  
ARG N   H    sing N N 14  
ARG N   H2   sing N N 15  
ARG CA  C    sing N N 16  
ARG CA  CB   sing N N 17  
ARG CA  HA   sing N N 18  
ARG C   O    doub N N 19  
ARG C   OXT  sing N N 20  
ARG CB  CG   sing N N 21  
ARG CB  HB2  sing N N 22  
ARG CB  HB3  sing N N 23  
ARG CG  CD   sing N N 24  
ARG CG  HG2  sing N N 25  
ARG CG  HG3  sing N N 26  
ARG CD  NE   sing N N 27  
ARG CD  HD2  sing N N 28  
ARG CD  HD3  sing N N 29  
ARG NE  CZ   sing N N 30  
ARG NE  HE   sing N N 31  
ARG CZ  NH1  sing N N 32  
ARG CZ  NH2  doub N N 33  
ARG NH1 HH11 sing N N 34  
ARG NH1 HH12 sing N N 35  
ARG NH2 HH21 sing N N 36  
ARG NH2 HH22 sing N N 37  
ARG OXT HXT  sing N N 38  
ASN N   CA   sing N N 39  
ASN N   H    sing N N 40  
ASN N   H2   sing N N 41  
ASN CA  C    sing N N 42  
ASN CA  CB   sing N N 43  
ASN CA  HA   sing N N 44  
ASN C   O    doub N N 45  
ASN C   OXT  sing N N 46  
ASN CB  CG   sing N N 47  
ASN CB  HB2  sing N N 48  
ASN CB  HB3  sing N N 49  
ASN CG  OD1  doub N N 50  
ASN CG  ND2  sing N N 51  
ASN ND2 HD21 sing N N 52  
ASN ND2 HD22 sing N N 53  
ASN OXT HXT  sing N N 54  
ASP N   CA   sing N N 55  
ASP N   H    sing N N 56  
ASP N   H2   sing N N 57  
ASP CA  C    sing N N 58  
ASP CA  CB   sing N N 59  
ASP CA  HA   sing N N 60  
ASP C   O    doub N N 61  
ASP C   OXT  sing N N 62  
ASP CB  CG   sing N N 63  
ASP CB  HB2  sing N N 64  
ASP CB  HB3  sing N N 65  
ASP CG  OD1  doub N N 66  
ASP CG  OD2  sing N N 67  
ASP OD2 HD2  sing N N 68  
ASP OXT HXT  sing N N 69  
CYS N   CA   sing N N 70  
CYS N   H    sing N N 71  
CYS N   H2   sing N N 72  
CYS CA  C    sing N N 73  
CYS CA  CB   sing N N 74  
CYS CA  HA   sing N N 75  
CYS C   O    doub N N 76  
CYS C   OXT  sing N N 77  
CYS CB  SG   sing N N 78  
CYS CB  HB2  sing N N 79  
CYS CB  HB3  sing N N 80  
CYS SG  HG   sing N N 81  
CYS OXT HXT  sing N N 82  
GLN N   CA   sing N N 83  
GLN N   H    sing N N 84  
GLN N   H2   sing N N 85  
GLN CA  C    sing N N 86  
GLN CA  CB   sing N N 87  
GLN CA  HA   sing N N 88  
GLN C   O    doub N N 89  
GLN C   OXT  sing N N 90  
GLN CB  CG   sing N N 91  
GLN CB  HB2  sing N N 92  
GLN CB  HB3  sing N N 93  
GLN CG  CD   sing N N 94  
GLN CG  HG2  sing N N 95  
GLN CG  HG3  sing N N 96  
GLN CD  OE1  doub N N 97  
GLN CD  NE2  sing N N 98  
GLN NE2 HE21 sing N N 99  
GLN NE2 HE22 sing N N 100 
GLN OXT HXT  sing N N 101 
GLU N   CA   sing N N 102 
GLU N   H    sing N N 103 
GLU N   H2   sing N N 104 
GLU CA  C    sing N N 105 
GLU CA  CB   sing N N 106 
GLU CA  HA   sing N N 107 
GLU C   O    doub N N 108 
GLU C   OXT  sing N N 109 
GLU CB  CG   sing N N 110 
GLU CB  HB2  sing N N 111 
GLU CB  HB3  sing N N 112 
GLU CG  CD   sing N N 113 
GLU CG  HG2  sing N N 114 
GLU CG  HG3  sing N N 115 
GLU CD  OE1  doub N N 116 
GLU CD  OE2  sing N N 117 
GLU OE2 HE2  sing N N 118 
GLU OXT HXT  sing N N 119 
GLY N   CA   sing N N 120 
GLY N   H    sing N N 121 
GLY N   H2   sing N N 122 
GLY CA  C    sing N N 123 
GLY CA  HA2  sing N N 124 
GLY CA  HA3  sing N N 125 
GLY C   O    doub N N 126 
GLY C   OXT  sing N N 127 
GLY OXT HXT  sing N N 128 
HIS N   CA   sing N N 129 
HIS N   H    sing N N 130 
HIS N   H2   sing N N 131 
HIS CA  C    sing N N 132 
HIS CA  CB   sing N N 133 
HIS CA  HA   sing N N 134 
HIS C   O    doub N N 135 
HIS C   OXT  sing N N 136 
HIS CB  CG   sing N N 137 
HIS CB  HB2  sing N N 138 
HIS CB  HB3  sing N N 139 
HIS CG  ND1  sing Y N 140 
HIS CG  CD2  doub Y N 141 
HIS ND1 CE1  doub Y N 142 
HIS ND1 HD1  sing N N 143 
HIS CD2 NE2  sing Y N 144 
HIS CD2 HD2  sing N N 145 
HIS CE1 NE2  sing Y N 146 
HIS CE1 HE1  sing N N 147 
HIS NE2 HE2  sing N N 148 
HIS OXT HXT  sing N N 149 
HOH O   H1   sing N N 150 
HOH O   H2   sing N N 151 
ILE N   CA   sing N N 152 
ILE N   H    sing N N 153 
ILE N   H2   sing N N 154 
ILE CA  C    sing N N 155 
ILE CA  CB   sing N N 156 
ILE CA  HA   sing N N 157 
ILE C   O    doub N N 158 
ILE C   OXT  sing N N 159 
ILE CB  CG1  sing N N 160 
ILE CB  CG2  sing N N 161 
ILE CB  HB   sing N N 162 
ILE CG1 CD1  sing N N 163 
ILE CG1 HG12 sing N N 164 
ILE CG1 HG13 sing N N 165 
ILE CG2 HG21 sing N N 166 
ILE CG2 HG22 sing N N 167 
ILE CG2 HG23 sing N N 168 
ILE CD1 HD11 sing N N 169 
ILE CD1 HD12 sing N N 170 
ILE CD1 HD13 sing N N 171 
ILE OXT HXT  sing N N 172 
LEU N   CA   sing N N 173 
LEU N   H    sing N N 174 
LEU N   H2   sing N N 175 
LEU CA  C    sing N N 176 
LEU CA  CB   sing N N 177 
LEU CA  HA   sing N N 178 
LEU C   O    doub N N 179 
LEU C   OXT  sing N N 180 
LEU CB  CG   sing N N 181 
LEU CB  HB2  sing N N 182 
LEU CB  HB3  sing N N 183 
LEU CG  CD1  sing N N 184 
LEU CG  CD2  sing N N 185 
LEU CG  HG   sing N N 186 
LEU CD1 HD11 sing N N 187 
LEU CD1 HD12 sing N N 188 
LEU CD1 HD13 sing N N 189 
LEU CD2 HD21 sing N N 190 
LEU CD2 HD22 sing N N 191 
LEU CD2 HD23 sing N N 192 
LEU OXT HXT  sing N N 193 
LYS N   CA   sing N N 194 
LYS N   H    sing N N 195 
LYS N   H2   sing N N 196 
LYS CA  C    sing N N 197 
LYS CA  CB   sing N N 198 
LYS CA  HA   sing N N 199 
LYS C   O    doub N N 200 
LYS C   OXT  sing N N 201 
LYS CB  CG   sing N N 202 
LYS CB  HB2  sing N N 203 
LYS CB  HB3  sing N N 204 
LYS CG  CD   sing N N 205 
LYS CG  HG2  sing N N 206 
LYS CG  HG3  sing N N 207 
LYS CD  CE   sing N N 208 
LYS CD  HD2  sing N N 209 
LYS CD  HD3  sing N N 210 
LYS CE  NZ   sing N N 211 
LYS CE  HE2  sing N N 212 
LYS CE  HE3  sing N N 213 
LYS NZ  HZ1  sing N N 214 
LYS NZ  HZ2  sing N N 215 
LYS NZ  HZ3  sing N N 216 
LYS OXT HXT  sing N N 217 
MET N   CA   sing N N 218 
MET N   H    sing N N 219 
MET N   H2   sing N N 220 
MET CA  C    sing N N 221 
MET CA  CB   sing N N 222 
MET CA  HA   sing N N 223 
MET C   O    doub N N 224 
MET C   OXT  sing N N 225 
MET CB  CG   sing N N 226 
MET CB  HB2  sing N N 227 
MET CB  HB3  sing N N 228 
MET CG  SD   sing N N 229 
MET CG  HG2  sing N N 230 
MET CG  HG3  sing N N 231 
MET SD  CE   sing N N 232 
MET CE  HE1  sing N N 233 
MET CE  HE2  sing N N 234 
MET CE  HE3  sing N N 235 
MET OXT HXT  sing N N 236 
PHE N   CA   sing N N 237 
PHE N   H    sing N N 238 
PHE N   H2   sing N N 239 
PHE CA  C    sing N N 240 
PHE CA  CB   sing N N 241 
PHE CA  HA   sing N N 242 
PHE C   O    doub N N 243 
PHE C   OXT  sing N N 244 
PHE CB  CG   sing N N 245 
PHE CB  HB2  sing N N 246 
PHE CB  HB3  sing N N 247 
PHE CG  CD1  doub Y N 248 
PHE CG  CD2  sing Y N 249 
PHE CD1 CE1  sing Y N 250 
PHE CD1 HD1  sing N N 251 
PHE CD2 CE2  doub Y N 252 
PHE CD2 HD2  sing N N 253 
PHE CE1 CZ   doub Y N 254 
PHE CE1 HE1  sing N N 255 
PHE CE2 CZ   sing Y N 256 
PHE CE2 HE2  sing N N 257 
PHE CZ  HZ   sing N N 258 
PHE OXT HXT  sing N N 259 
PRO N   CA   sing N N 260 
PRO N   CD   sing N N 261 
PRO N   H    sing N N 262 
PRO CA  C    sing N N 263 
PRO CA  CB   sing N N 264 
PRO CA  HA   sing N N 265 
PRO C   O    doub N N 266 
PRO C   OXT  sing N N 267 
PRO CB  CG   sing N N 268 
PRO CB  HB2  sing N N 269 
PRO CB  HB3  sing N N 270 
PRO CG  CD   sing N N 271 
PRO CG  HG2  sing N N 272 
PRO CG  HG3  sing N N 273 
PRO CD  HD2  sing N N 274 
PRO CD  HD3  sing N N 275 
PRO OXT HXT  sing N N 276 
SER N   CA   sing N N 277 
SER N   H    sing N N 278 
SER N   H2   sing N N 279 
SER CA  C    sing N N 280 
SER CA  CB   sing N N 281 
SER CA  HA   sing N N 282 
SER C   O    doub N N 283 
SER C   OXT  sing N N 284 
SER CB  OG   sing N N 285 
SER CB  HB2  sing N N 286 
SER CB  HB3  sing N N 287 
SER OG  HG   sing N N 288 
SER OXT HXT  sing N N 289 
THR N   CA   sing N N 290 
THR N   H    sing N N 291 
THR N   H2   sing N N 292 
THR CA  C    sing N N 293 
THR CA  CB   sing N N 294 
THR CA  HA   sing N N 295 
THR C   O    doub N N 296 
THR C   OXT  sing N N 297 
THR CB  OG1  sing N N 298 
THR CB  CG2  sing N N 299 
THR CB  HB   sing N N 300 
THR OG1 HG1  sing N N 301 
THR CG2 HG21 sing N N 302 
THR CG2 HG22 sing N N 303 
THR CG2 HG23 sing N N 304 
THR OXT HXT  sing N N 305 
TRP N   CA   sing N N 306 
TRP N   H    sing N N 307 
TRP N   H2   sing N N 308 
TRP CA  C    sing N N 309 
TRP CA  CB   sing N N 310 
TRP CA  HA   sing N N 311 
TRP C   O    doub N N 312 
TRP C   OXT  sing N N 313 
TRP CB  CG   sing N N 314 
TRP CB  HB2  sing N N 315 
TRP CB  HB3  sing N N 316 
TRP CG  CD1  doub Y N 317 
TRP CG  CD2  sing Y N 318 
TRP CD1 NE1  sing Y N 319 
TRP CD1 HD1  sing N N 320 
TRP CD2 CE2  doub Y N 321 
TRP CD2 CE3  sing Y N 322 
TRP NE1 CE2  sing Y N 323 
TRP NE1 HE1  sing N N 324 
TRP CE2 CZ2  sing Y N 325 
TRP CE3 CZ3  doub Y N 326 
TRP CE3 HE3  sing N N 327 
TRP CZ2 CH2  doub Y N 328 
TRP CZ2 HZ2  sing N N 329 
TRP CZ3 CH2  sing Y N 330 
TRP CZ3 HZ3  sing N N 331 
TRP CH2 HH2  sing N N 332 
TRP OXT HXT  sing N N 333 
TYR N   CA   sing N N 334 
TYR N   H    sing N N 335 
TYR N   H2   sing N N 336 
TYR CA  C    sing N N 337 
TYR CA  CB   sing N N 338 
TYR CA  HA   sing N N 339 
TYR C   O    doub N N 340 
TYR C   OXT  sing N N 341 
TYR CB  CG   sing N N 342 
TYR CB  HB2  sing N N 343 
TYR CB  HB3  sing N N 344 
TYR CG  CD1  doub Y N 345 
TYR CG  CD2  sing Y N 346 
TYR CD1 CE1  sing Y N 347 
TYR CD1 HD1  sing N N 348 
TYR CD2 CE2  doub Y N 349 
TYR CD2 HD2  sing N N 350 
TYR CE1 CZ   doub Y N 351 
TYR CE1 HE1  sing N N 352 
TYR CE2 CZ   sing Y N 353 
TYR CE2 HE2  sing N N 354 
TYR CZ  OH   sing N N 355 
TYR OH  HH   sing N N 356 
TYR OXT HXT  sing N N 357 
VAL N   CA   sing N N 358 
VAL N   H    sing N N 359 
VAL N   H2   sing N N 360 
VAL CA  C    sing N N 361 
VAL CA  CB   sing N N 362 
VAL CA  HA   sing N N 363 
VAL C   O    doub N N 364 
VAL C   OXT  sing N N 365 
VAL CB  CG1  sing N N 366 
VAL CB  CG2  sing N N 367 
VAL CB  HB   sing N N 368 
VAL CG1 HG11 sing N N 369 
VAL CG1 HG12 sing N N 370 
VAL CG1 HG13 sing N N 371 
VAL CG2 HG21 sing N N 372 
VAL CG2 HG22 sing N N 373 
VAL CG2 HG23 sing N N 374 
VAL OXT HXT  sing N N 375 
# 
loop_
_pdbx_entity_instance_feature.ordinal 
_pdbx_entity_instance_feature.comp_id 
_pdbx_entity_instance_feature.asym_id 
_pdbx_entity_instance_feature.seq_num 
_pdbx_entity_instance_feature.auth_comp_id 
_pdbx_entity_instance_feature.auth_asym_id 
_pdbx_entity_instance_feature.auth_seq_num 
_pdbx_entity_instance_feature.feature_type 
_pdbx_entity_instance_feature.details 
1 MG ? ? MG ? ? 'SUBJECT OF INVESTIGATION' ? 
2 NA ? ? NA ? ? 'SUBJECT OF INVESTIGATION' ? 
# 
_atom_sites.entry_id                    6K21 
_atom_sites.fract_transf_matrix[1][1]   0.00691266 
_atom_sites.fract_transf_matrix[1][2]   -0.00494556 
_atom_sites.fract_transf_matrix[1][3]   0.00734105 
_atom_sites.fract_transf_matrix[2][1]   -0.00406339 
_atom_sites.fract_transf_matrix[2][2]   -0.00419076 
_atom_sites.fract_transf_matrix[2][3]   0.00959488 
_atom_sites.fract_transf_matrix[3][1]   -0.00151593 
_atom_sites.fract_transf_matrix[3][2]   -0.00873506 
_atom_sites.fract_transf_matrix[3][3]   -0.00445721 
_atom_sites.fract_transf_vector[1]      -0.325699 
_atom_sites.fract_transf_vector[2]      0.153925 
_atom_sites.fract_transf_vector[3]      -0.100621 
# 
loop_
_atom_type.symbol 
C  
MG 
N  
NA 
O  
S  
# 
loop_
_atom_site.group_PDB 
_atom_site.id 
_atom_site.type_symbol 
_atom_site.label_atom_id 
_atom_site.label_alt_id 
_atom_site.label_comp_id 
_atom_site.label_asym_id 
_atom_site.label_entity_id 
_atom_site.label_seq_id 
_atom_site.pdbx_PDB_ins_code 
_atom_site.Cartn_x 
_atom_site.Cartn_y 
_atom_site.Cartn_z 
_atom_site.occupancy 
_atom_site.B_iso_or_equiv 
_atom_site.pdbx_formal_charge 
_atom_site.auth_seq_id 
_atom_site.auth_comp_id 
_atom_site.auth_asym_id 
_atom_site.auth_atom_id 
_atom_site.pdbx_PDB_model_num 
ATOM   1    N  N   . SER A 1 5   ? -16.090 -13.684 0.274   1.00 31.91 ? 1   SER A N   1 
ATOM   2    C  CA  . SER A 1 5   ? -14.831 -13.510 0.985   1.00 32.01 ? 1   SER A CA  1 
ATOM   3    C  C   . SER A 1 5   ? -13.871 -12.631 0.174   1.00 32.92 ? 1   SER A C   1 
ATOM   4    O  O   . SER A 1 5   ? -14.125 -12.366 -1.006  1.00 29.56 ? 1   SER A O   1 
ATOM   5    C  CB  . SER A 1 5   ? -14.194 -14.876 1.277   1.00 36.92 ? 1   SER A CB  1 
ATOM   6    O  OG  . SER A 1 5   ? -13.673 -15.465 0.103   1.00 44.24 ? 1   SER A OG  1 
ATOM   7    N  N   . TYR A 1 6   ? -12.766 -12.194 0.802   1.00 25.60 ? 2   TYR A N   1 
ATOM   8    C  CA  . TYR A 1 6   ? -11.803 -11.343 0.100   1.00 24.50 ? 2   TYR A CA  1 
ATOM   9    C  C   . TYR A 1 6   ? -11.232 -12.030 -1.140  1.00 30.64 ? 2   TYR A C   1 
ATOM   10   O  O   . TYR A 1 6   ? -10.926 -11.359 -2.130  1.00 27.28 ? 2   TYR A O   1 
ATOM   11   C  CB  . TYR A 1 6   ? -10.670 -10.930 1.043   1.00 25.14 ? 2   TYR A CB  1 
ATOM   12   C  CG  . TYR A 1 6   ? -11.035 -9.902  2.101   1.00 24.05 ? 2   TYR A CG  1 
ATOM   13   C  CD1 . TYR A 1 6   ? -11.608 -8.676  1.761   1.00 23.99 ? 2   TYR A CD1 1 
ATOM   14   C  CD2 . TYR A 1 6   ? -10.784 -10.147 3.440   1.00 26.11 ? 2   TYR A CD2 1 
ATOM   15   C  CE1 . TYR A 1 6   ? -11.928 -7.729  2.737   1.00 22.68 ? 2   TYR A CE1 1 
ATOM   16   C  CE2 . TYR A 1 6   ? -11.102 -9.216  4.419   1.00 25.24 ? 2   TYR A CE2 1 
ATOM   17   C  CZ  . TYR A 1 6   ? -11.669 -8.008  4.065   1.00 24.59 ? 2   TYR A CZ  1 
ATOM   18   O  OH  . TYR A 1 6   ? -11.972 -7.086  5.044   1.00 24.24 ? 2   TYR A OH  1 
ATOM   19   N  N   . ASN A 1 7   ? -11.097 -13.363 -1.110  1.00 34.87 ? 3   ASN A N   1 
ATOM   20   C  CA  . ASN A 1 7   ? -10.604 -14.127 -2.259  1.00 38.28 ? 3   ASN A CA  1 
ATOM   21   C  C   . ASN A 1 7   ? -11.474 -13.948 -3.500  1.00 34.92 ? 3   ASN A C   1 
ATOM   22   O  O   . ASN A 1 7   ? -10.983 -14.124 -4.623  1.00 37.30 ? 3   ASN A O   1 
ATOM   23   C  CB  . ASN A 1 7   ? -10.520 -15.624 -1.913  1.00 38.38 ? 3   ASN A CB  1 
ATOM   24   C  CG  . ASN A 1 7   ? -9.896  -15.887 -0.536  1.00 52.98 ? 3   ASN A CG  1 
ATOM   25   O  OD1 . ASN A 1 7   ? -10.429 -15.466 0.502   1.00 53.23 ? 3   ASN A OD1 1 
ATOM   26   N  ND2 . ASN A 1 7   ? -8.766  -16.601 -0.524  1.00 61.25 ? 3   ASN A ND2 1 
ATOM   27   N  N   . ASN A 1 8   ? -12.751 -13.609 -3.332  1.00 29.56 ? 4   ASN A N   1 
ATOM   28   C  CA  . ASN A 1 8   ? -13.622 -13.401 -4.480  1.00 27.09 ? 4   ASN A CA  1 
ATOM   29   C  C   . ASN A 1 8   ? -13.374 -12.078 -5.185  1.00 29.69 ? 4   ASN A C   1 
ATOM   30   O  O   . ASN A 1 8   ? -13.888 -11.890 -6.290  1.00 31.42 ? 4   ASN A O   1 
ATOM   31   C  CB  . ASN A 1 8   ? -15.091 -13.473 -4.053  1.00 34.50 ? 4   ASN A CB  1 
ATOM   32   C  CG  . ASN A 1 8   ? -15.439 -14.784 -3.354  1.00 40.91 ? 4   ASN A CG  1 
ATOM   33   O  OD1 . ASN A 1 8   ? -14.796 -15.814 -3.579  1.00 42.78 ? 4   ASN A OD1 1 
ATOM   34   N  ND2 . ASN A 1 8   ? -16.450 -14.743 -2.488  1.00 36.88 ? 4   ASN A ND2 1 
ATOM   35   N  N   . ILE A 1 9   ? -12.613 -11.168 -4.589  1.00 24.79 ? 5   ILE A N   1 
ATOM   36   C  CA  . ILE A 1 9   ? -12.378 -9.862  -5.210  1.00 24.16 ? 5   ILE A CA  1 
ATOM   37   C  C   . ILE A 1 9   ? -11.252 -9.999  -6.231  1.00 19.26 ? 5   ILE A C   1 
ATOM   38   O  O   . ILE A 1 9   ? -10.168 -10.483 -5.882  1.00 20.92 ? 5   ILE A O   1 
ATOM   39   C  CB  . ILE A 1 9   ? -12.029 -8.810  -4.154  1.00 22.50 ? 5   ILE A CB  1 
ATOM   40   C  CG1 . ILE A 1 9   ? -13.109 -8.737  -3.069  1.00 20.99 ? 5   ILE A CG1 1 
ATOM   41   C  CG2 . ILE A 1 9   ? -11.822 -7.448  -4.824  1.00 17.39 ? 5   ILE A CG2 1 
ATOM   42   C  CD1 . ILE A 1 9   ? -12.727 -7.810  -1.909  1.00 20.81 ? 5   ILE A CD1 1 
ATOM   43   N  N   . PRO A 1 10  ? -11.460 -9.592  -7.477  1.00 22.81 ? 6   PRO A N   1 
ATOM   44   C  CA  . PRO A 1 10  ? -10.374 -9.660  -8.461  1.00 21.11 ? 6   PRO A CA  1 
ATOM   45   C  C   . PRO A 1 10  ? -9.318  -8.612  -8.153  1.00 22.98 ? 6   PRO A C   1 
ATOM   46   O  O   . PRO A 1 10  ? -9.574  -7.627  -7.453  1.00 18.53 ? 6   PRO A O   1 
ATOM   47   C  CB  . PRO A 1 10  ? -11.079 -9.358  -9.785  1.00 22.59 ? 6   PRO A CB  1 
ATOM   48   C  CG  . PRO A 1 10  ? -12.203 -8.442  -9.380  1.00 21.79 ? 6   PRO A CG  1 
ATOM   49   C  CD  . PRO A 1 10  ? -12.675 -8.974  -8.041  1.00 21.05 ? 6   PRO A CD  1 
ATOM   50   N  N   . ALA A 1 11  ? -8.115  -8.832  -8.692  1.00 18.67 ? 7   ALA A N   1 
ATOM   51   C  CA  . ALA A 1 11  ? -7.069  -7.819  -8.558  1.00 18.15 ? 7   ALA A CA  1 
ATOM   52   C  C   . ALA A 1 11  ? -7.555  -6.456  -9.029  1.00 18.26 ? 7   ALA A C   1 
ATOM   53   O  O   . ALA A 1 11  ? -7.114  -5.425  -8.506  1.00 17.23 ? 7   ALA A O   1 
ATOM   54   C  CB  . ALA A 1 11  ? -5.816  -8.237  -9.329  1.00 17.44 ? 7   ALA A CB  1 
ATOM   55   N  N   . GLY A 1 12  ? -8.481  -6.424  -9.982  1.00 18.46 ? 8   GLY A N   1 
ATOM   56   C  CA  . GLY A 1 12  ? -9.106  -5.171  -10.370 1.00 17.05 ? 8   GLY A CA  1 
ATOM   57   C  C   . GLY A 1 12  ? -10.174 -5.394  -11.421 1.00 20.65 ? 8   GLY A C   1 
ATOM   58   O  O   . GLY A 1 12  ? -10.214 -6.432  -12.095 1.00 21.46 ? 8   GLY A O   1 
ATOM   59   N  N   . LYS A 1 13  ? -11.050 -4.391  -11.546 1.00 19.84 ? 9   LYS A N   1 
ATOM   60   C  CA  . LYS A 1 13  ? -11.997 -4.389  -12.654 1.00 21.19 ? 9   LYS A CA  1 
ATOM   61   C  C   . LYS A 1 13  ? -11.277 -4.274  -13.982 1.00 25.29 ? 9   LYS A C   1 
ATOM   62   O  O   . LYS A 1 13  ? -11.728 -4.837  -14.984 1.00 26.70 ? 9   LYS A O   1 
ATOM   63   C  CB  . LYS A 1 13  ? -13.003 -3.251  -12.507 1.00 21.54 ? 9   LYS A CB  1 
ATOM   64   C  CG  . LYS A 1 13  ? -14.141 -3.564  -11.556 1.00 27.55 ? 9   LYS A CG  1 
ATOM   65   C  CD  . LYS A 1 13  ? -15.030 -2.347  -11.363 1.00 32.87 ? 9   LYS A CD  1 
ATOM   66   C  CE  . LYS A 1 13  ? -16.039 -2.232  -12.480 1.00 38.73 ? 9   LYS A CE  1 
ATOM   67   N  NZ  . LYS A 1 13  ? -16.854 -3.475  -12.534 1.00 49.55 ? 9   LYS A NZ  1 
ATOM   68   N  N   . ASP A 1 14  ? -10.175 -3.553  -13.971 1.00 21.56 ? 10  ASP A N   1 
ATOM   69   C  CA  . ASP A 1 14  ? -9.411  -3.361  -15.217 1.00 23.88 ? 10  ASP A CA  1 
ATOM   70   C  C   . ASP A 1 14  ? -7.933  -3.149  -14.946 1.00 20.49 ? 10  ASP A C   1 
ATOM   71   O  O   . ASP A 1 14  ? -7.477  -2.053  -15.055 1.00 20.86 ? 10  ASP A O   1 
ATOM   72   C  CB  . ASP A 1 14  ? -10.025 -2.372  -16.196 1.00 24.02 ? 10  ASP A CB  1 
ATOM   73   C  CG  . ASP A 1 14  ? -9.285  -2.275  -17.522 1.00 28.90 ? 10  ASP A CG  1 
ATOM   74   O  OD1 . ASP A 1 14  ? -8.646  -3.235  -17.917 1.00 30.90 ? 10  ASP A OD1 1 
ATOM   75   O  OD2 . ASP A 1 14  ? -9.368  -1.247  -18.111 1.00 33.22 ? 10  ASP A OD2 1 
ATOM   76   N  N   . ALA A 1 15  ? -7.320  -4.244  -14.541 1.00 22.27 ? 11  ALA A N   1 
ATOM   77   C  CA  . ALA A 1 15  ? -5.867  -4.464  -14.536 1.00 21.36 ? 11  ALA A CA  1 
ATOM   78   C  C   . ALA A 1 15  ? -5.136  -3.427  -13.760 1.00 31.86 ? 11  ALA A C   1 
ATOM   79   O  O   . ALA A 1 15  ? -5.613  -3.039  -12.717 1.00 27.89 ? 11  ALA A O   1 
ATOM   80   C  CB  . ALA A 1 15  ? -5.376  -4.420  -15.976 1.00 21.87 ? 11  ALA A CB  1 
ATOM   81   N  N   . PRO A 1 16  ? -4.051  -2.886  -14.330 1.00 30.64 ? 12  PRO A N   1 
ATOM   82   C  CA  . PRO A 1 16  ? -3.208  -2.016  -13.592 1.00 30.14 ? 12  PRO A CA  1 
ATOM   83   C  C   . PRO A 1 16  ? -3.843  -0.636  -13.472 1.00 26.98 ? 12  PRO A C   1 
ATOM   84   O  O   . PRO A 1 16  ? -3.524  -0.033  -12.571 1.00 20.90 ? 12  PRO A O   1 
ATOM   85   C  CB  . PRO A 1 16  ? -1.919  -2.018  -14.427 1.00 26.82 ? 12  PRO A CB  1 
ATOM   86   C  CG  . PRO A 1 16  ? -2.397  -2.231  -15.842 1.00 29.07 ? 12  PRO A CG  1 
ATOM   87   C  CD  . PRO A 1 16  ? -3.680  -3.023  -15.714 1.00 30.69 ? 12  PRO A CD  1 
ATOM   88   N  N   . ASN A 1 17  ? -4.726  -0.247  -14.387 1.00 22.64 ? 13  ASN A N   1 
ATOM   89   C  CA  . ASN A 1 17  ? -5.267  1.130   -14.321 1.00 27.51 ? 13  ASN A CA  1 
ATOM   90   C  C   . ASN A 1 17  ? -6.463  1.246   -13.380 1.00 22.59 ? 13  ASN A C   1 
ATOM   91   O  O   . ASN A 1 17  ? -6.746  2.326   -12.974 1.00 25.64 ? 13  ASN A O   1 
ATOM   92   C  CB  . ASN A 1 17  ? -5.653  1.679   -15.688 1.00 27.83 ? 13  ASN A CB  1 
ATOM   93   C  CG  . ASN A 1 17  ? -4.454  1.793   -16.599 1.00 35.41 ? 13  ASN A CG  1 
ATOM   94   O  OD1 . ASN A 1 17  ? -3.557  2.585   -16.374 1.00 31.01 ? 13  ASN A OD1 1 
ATOM   95   N  ND2 . ASN A 1 17  ? -4.445  0.984   -17.629 1.00 35.02 ? 13  ASN A ND2 1 
ATOM   96   N  N   . ASP A 1 18  ? -7.088  0.138   -13.049 1.00 20.28 ? 14  ASP A N   1 
ATOM   97   C  CA  . ASP A 1 18  ? -8.333  0.121   -12.287 1.00 20.10 ? 14  ASP A CA  1 
ATOM   98   C  C   . ASP A 1 18  ? -8.241  -1.126  -11.418 1.00 20.26 ? 14  ASP A C   1 
ATOM   99   O  O   . ASP A 1 18  ? -8.510  -2.240  -11.894 1.00 19.49 ? 14  ASP A O   1 
ATOM   100  C  CB  . ASP A 1 18  ? -9.528  0.082   -13.235 1.00 24.24 ? 14  ASP A CB  1 
ATOM   101  C  CG  . ASP A 1 18  ? -10.857 0.125   -12.529 1.00 24.71 ? 14  ASP A CG  1 
ATOM   102  O  OD1 . ASP A 1 18  ? -10.907 0.070   -11.276 1.00 19.13 ? 14  ASP A OD1 1 
ATOM   103  O  OD2 . ASP A 1 18  ? -11.878 0.197   -13.254 1.00 24.07 ? 14  ASP A OD2 1 
ATOM   104  N  N   . ILE A 1 19  ? -7.814  -0.945  -10.162 1.00 16.89 ? 15  ILE A N   1 
ATOM   105  C  CA  . ILE A 1 19  ? -7.480  -2.054  -9.274  1.00 17.05 ? 15  ILE A CA  1 
ATOM   106  C  C   . ILE A 1 19  ? -8.225  -1.886  -7.949  1.00 17.17 ? 15  ILE A C   1 
ATOM   107  O  O   . ILE A 1 19  ? -8.794  -0.834  -7.655  1.00 14.66 ? 15  ILE A O   1 
ATOM   108  C  CB  . ILE A 1 19  ? -5.959  -2.182  -9.023  1.00 15.31 ? 15  ILE A CB  1 
ATOM   109  C  CG1 . ILE A 1 19  ? -5.392  -0.940  -8.311  1.00 14.22 ? 15  ILE A CG1 1 
ATOM   110  C  CG2 . ILE A 1 19  ? -5.194  -2.435  -10.328 1.00 17.26 ? 15  ILE A CG2 1 
ATOM   111  C  CD1 . ILE A 1 19  ? -4.011  -1.182  -7.693  1.00 13.55 ? 15  ILE A CD1 1 
ATOM   112  N  N   . TYR A 1 20  ? -8.247  -2.964  -7.168  1.00 15.10 ? 16  TYR A N   1 
ATOM   113  C  CA  . TYR A 1 20  ? -8.811  -2.958  -5.828  1.00 17.21 ? 16  TYR A CA  1 
ATOM   114  C  C   . TYR A 1 20  ? -7.693  -3.108  -4.811  1.00 15.44 ? 16  TYR A C   1 
ATOM   115  O  O   . TYR A 1 20  ? -6.764  -3.884  -5.015  1.00 15.35 ? 16  TYR A O   1 
ATOM   116  C  CB  . TYR A 1 20  ? -9.814  -4.096  -5.617  1.00 15.13 ? 16  TYR A CB  1 
ATOM   117  C  CG  . TYR A 1 20  ? -11.132 -3.941  -6.343  1.00 18.58 ? 16  TYR A CG  1 
ATOM   118  C  CD1 . TYR A 1 20  ? -11.960 -2.851  -6.101  1.00 14.98 ? 16  TYR A CD1 1 
ATOM   119  C  CD2 . TYR A 1 20  ? -11.560 -4.908  -7.257  1.00 19.36 ? 16  TYR A CD2 1 
ATOM   120  C  CE1 . TYR A 1 20  ? -13.165 -2.709  -6.762  1.00 19.51 ? 16  TYR A CE1 1 
ATOM   121  C  CE2 . TYR A 1 20  ? -12.777 -4.777  -7.931  1.00 19.51 ? 16  TYR A CE2 1 
ATOM   122  C  CZ  . TYR A 1 20  ? -13.575 -3.687  -7.675  1.00 19.98 ? 16  TYR A CZ  1 
ATOM   123  O  OH  . TYR A 1 20  ? -14.784 -3.545  -8.312  1.00 20.62 ? 16  TYR A OH  1 
ATOM   124  N  N   . VAL A 1 21  ? -7.802  -2.384  -3.697  1.00 15.77 ? 17  VAL A N   1 
ATOM   125  C  CA  . VAL A 1 21  ? -6.876  -2.530  -2.578  1.00 14.06 ? 17  VAL A CA  1 
ATOM   126  C  C   . VAL A 1 21  ? -7.727  -2.763  -1.332  1.00 15.96 ? 17  VAL A C   1 
ATOM   127  O  O   . VAL A 1 21  ? -8.636  -1.975  -1.044  1.00 13.78 ? 17  VAL A O   1 
ATOM   128  C  CB  . VAL A 1 21  ? -5.959  -1.302  -2.402  1.00 14.56 ? 17  VAL A CB  1 
ATOM   129  C  CG1 . VAL A 1 21  ? -5.171  -1.394  -1.078  1.00 13.70 ? 17  VAL A CG1 1 
ATOM   130  C  CG2 . VAL A 1 21  ? -4.973  -1.188  -3.573  1.00 12.30 ? 17  VAL A CG2 1 
ATOM   131  N  N   . ILE A 1 22  ? -7.457  -3.862  -0.635  1.00 16.07 ? 18  ILE A N   1 
ATOM   132  C  CA  . ILE A 1 22  ? -8.081  -4.176  0.648   1.00 14.32 ? 18  ILE A CA  1 
ATOM   133  C  C   . ILE A 1 22  ? -7.267  -3.478  1.725   1.00 14.30 ? 18  ILE A C   1 
ATOM   134  O  O   . ILE A 1 22  ? -6.067  -3.737  1.865   1.00 14.46 ? 18  ILE A O   1 
ATOM   135  C  CB  . ILE A 1 22  ? -8.124  -5.694  0.884   1.00 16.55 ? 18  ILE A CB  1 
ATOM   136  C  CG1 . ILE A 1 22  ? -8.959  -6.376  -0.202  1.00 17.74 ? 18  ILE A CG1 1 
ATOM   137  C  CG2 . ILE A 1 22  ? -8.672  -6.018  2.288   1.00 17.54 ? 18  ILE A CG2 1 
ATOM   138  C  CD1 . ILE A 1 22  ? -8.789  -7.874  -0.232  1.00 21.75 ? 18  ILE A CD1 1 
ATOM   139  N  N   . ILE A 1 23  ? -7.902  -2.576  2.468   1.00 13.33 ? 19  ILE A N   1 
ATOM   140  C  CA  . ILE A 1 23  ? -7.178  -1.767  3.445   1.00 14.16 ? 19  ILE A CA  1 
ATOM   141  C  C   . ILE A 1 23  ? -7.036  -2.559  4.739   1.00 14.44 ? 19  ILE A C   1 
ATOM   142  O  O   . ILE A 1 23  ? -8.027  -3.043  5.301   1.00 15.76 ? 19  ILE A O   1 
ATOM   143  C  CB  . ILE A 1 23  ? -7.887  -0.423  3.682   1.00 13.64 ? 19  ILE A CB  1 
ATOM   144  C  CG1 . ILE A 1 23  ? -7.801  0.461   2.427   1.00 13.35 ? 19  ILE A CG1 1 
ATOM   145  C  CG2 . ILE A 1 23  ? -7.257  0.317   4.891   1.00 10.76 ? 19  ILE A CG2 1 
ATOM   146  C  CD1 . ILE A 1 23  ? -6.349  0.633   1.924   1.00 10.82 ? 19  ILE A CD1 1 
ATOM   147  N  N   . GLU A 1 24  ? -5.800  -2.701  5.211   1.00 14.84 ? 20  GLU A N   1 
ATOM   148  C  CA  . GLU A 1 24  ? -5.534  -3.299  6.518   1.00 14.05 ? 20  GLU A CA  1 
ATOM   149  C  C   . GLU A 1 24  ? -5.318  -2.267  7.622   1.00 17.65 ? 20  GLU A C   1 
ATOM   150  O  O   . GLU A 1 24  ? -5.710  -2.511  8.771   1.00 16.56 ? 20  GLU A O   1 
ATOM   151  C  CB  . GLU A 1 24  ? -4.312  -4.228  6.437   1.00 14.44 ? 20  GLU A CB  1 
ATOM   152  C  CG  . GLU A 1 24  ? -4.546  -5.429  5.492   1.00 14.29 ? 20  GLU A CG  1 
ATOM   153  C  CD  . GLU A 1 24  ? -3.284  -6.242  5.233   1.00 17.70 ? 20  GLU A CD  1 
ATOM   154  O  OE1 . GLU A 1 24  ? -2.217  -5.642  4.971   1.00 18.86 ? 20  GLU A OE1 1 
ATOM   155  O  OE2 . GLU A 1 24  ? -3.359  -7.487  5.290   1.00 19.38 ? 20  GLU A OE2 1 
ATOM   156  N  N   . ILE A 1 25  ? -4.715  -1.126  7.309   1.00 14.72 ? 21  ILE A N   1 
ATOM   157  C  CA  . ILE A 1 25  ? -4.439  -0.101  8.315   1.00 12.84 ? 21  ILE A CA  1 
ATOM   158  C  C   . ILE A 1 25  ? -4.900  1.239   7.755   1.00 14.70 ? 21  ILE A C   1 
ATOM   159  O  O   . ILE A 1 25  ? -4.323  1.726   6.770   1.00 14.44 ? 21  ILE A O   1 
ATOM   160  C  CB  . ILE A 1 25  ? -2.944  -0.076  8.684   1.00 14.90 ? 21  ILE A CB  1 
ATOM   161  C  CG1 . ILE A 1 25  ? -2.483  -1.463  9.143   1.00 15.71 ? 21  ILE A CG1 1 
ATOM   162  C  CG2 . ILE A 1 25  ? -2.663  0.995   9.746   1.00 14.98 ? 21  ILE A CG2 1 
ATOM   163  C  CD1 . ILE A 1 25  ? -0.998  -1.678  9.073   1.00 15.70 ? 21  ILE A CD1 1 
ATOM   164  N  N   . PRO A 1 26  ? -5.902  1.880   8.352   1.00 16.26 ? 22  PRO A N   1 
ATOM   165  C  CA  . PRO A 1 26  ? -6.325  3.201   7.871   1.00 15.63 ? 22  PRO A CA  1 
ATOM   166  C  C   . PRO A 1 26  ? -5.249  4.254   8.077   1.00 13.73 ? 22  PRO A C   1 
ATOM   167  O  O   . PRO A 1 26  ? -4.371  4.151   8.941   1.00 13.58 ? 22  PRO A O   1 
ATOM   168  C  CB  . PRO A 1 26  ? -7.564  3.517   8.719   1.00 15.63 ? 22  PRO A CB  1 
ATOM   169  C  CG  . PRO A 1 26  ? -7.994  2.168   9.306   1.00 19.10 ? 22  PRO A CG  1 
ATOM   170  C  CD  . PRO A 1 26  ? -6.696  1.433   9.510   1.00 17.49 ? 22  PRO A CD  1 
ATOM   171  N  N   . ALA A 1 27  ? -5.329  5.290   7.251   1.00 12.31 ? 23  ALA A N   1 
ATOM   172  C  CA  . ALA A 1 27  ? -4.512  6.476   7.481   1.00 14.61 ? 23  ALA A CA  1 
ATOM   173  C  C   . ALA A 1 27  ? -4.843  7.078   8.845   1.00 15.65 ? 23  ALA A C   1 
ATOM   174  O  O   . ALA A 1 27  ? -5.974  6.976   9.323   1.00 12.65 ? 23  ALA A O   1 
ATOM   175  C  CB  . ALA A 1 27  ? -4.779  7.522   6.397   1.00 15.82 ? 23  ALA A CB  1 
ATOM   176  N  N   . ASN A 1 28  ? -3.846  7.715   9.469   1.00 13.04 ? 24  ASN A N   1 
ATOM   177  C  CA  . ASN A 1 28  ? -4.076  8.545   10.659  1.00 14.60 ? 24  ASN A CA  1 
ATOM   178  C  C   . ASN A 1 28  ? -4.736  7.769   11.799  1.00 17.41 ? 24  ASN A C   1 
ATOM   179  O  O   . ASN A 1 28  ? -5.606  8.298   12.485  1.00 18.15 ? 24  ASN A O   1 
ATOM   180  C  CB  . ASN A 1 28  ? -4.943  9.768   10.332  1.00 18.22 ? 24  ASN A CB  1 
ATOM   181  C  CG  . ASN A 1 28  ? -4.393  10.608  9.196   1.00 20.90 ? 24  ASN A CG  1 
ATOM   182  O  OD1 . ASN A 1 28  ? -3.213  10.537  8.872   1.00 21.69 ? 24  ASN A OD1 1 
ATOM   183  N  ND2 . ASN A 1 28  ? -5.259  11.407  8.578   1.00 19.98 ? 24  ASN A ND2 1 
ATOM   184  N  N   . ALA A 1 29  ? -4.345  6.514   12.004  1.00 14.52 ? 25  ALA A N   1 
ATOM   185  C  CA  . ALA A 1 29  ? -5.017  5.648   12.964  1.00 16.46 ? 25  ALA A CA  1 
ATOM   186  C  C   . ALA A 1 29  ? -4.105  5.357   14.154  1.00 19.56 ? 25  ALA A C   1 
ATOM   187  O  O   . ALA A 1 29  ? -2.941  5.761   14.196  1.00 14.87 ? 25  ALA A O   1 
ATOM   188  C  CB  . ALA A 1 29  ? -5.464  4.342   12.296  1.00 17.03 ? 25  ALA A CB  1 
ATOM   189  N  N   . ALA A 1 30  ? -4.659  4.639   15.129  1.00 18.69 ? 26  ALA A N   1 
ATOM   190  C  CA  . ALA A 1 30  ? -3.867  4.165   16.258  1.00 21.03 ? 26  ALA A CA  1 
ATOM   191  C  C   . ALA A 1 30  ? -2.720  3.290   15.752  1.00 16.59 ? 26  ALA A C   1 
ATOM   192  O  O   . ALA A 1 30  ? -2.812  2.709   14.664  1.00 16.73 ? 26  ALA A O   1 
ATOM   193  C  CB  . ALA A 1 30  ? -4.744  3.368   17.220  1.00 21.01 ? 26  ALA A CB  1 
ATOM   194  N  N   . PRO A 1 31  ? -1.613  3.186   16.514  1.00 16.37 ? 27  PRO A N   1 
ATOM   195  C  CA  . PRO A 1 31  ? -0.447  2.412   16.043  1.00 19.14 ? 27  PRO A CA  1 
ATOM   196  C  C   . PRO A 1 31  ? -0.630  0.908   16.227  1.00 21.33 ? 27  PRO A C   1 
ATOM   197  O  O   . PRO A 1 31  ? 0.111   0.250   16.962  1.00 17.34 ? 27  PRO A O   1 
ATOM   198  C  CB  . PRO A 1 31  ? 0.692   2.973   16.907  1.00 19.58 ? 27  PRO A CB  1 
ATOM   199  C  CG  . PRO A 1 31  ? 0.037   3.414   18.158  1.00 17.97 ? 27  PRO A CG  1 
ATOM   200  C  CD  . PRO A 1 31  ? -1.330  3.898   17.779  1.00 18.70 ? 27  PRO A CD  1 
ATOM   201  N  N   . ILE A 1 32  ? -1.648  0.365   15.563  1.00 16.83 ? 28  ILE A N   1 
ATOM   202  C  CA  . ILE A 1 32  ? -1.927  -1.063  15.544  1.00 13.76 ? 28  ILE A CA  1 
ATOM   203  C  C   . ILE A 1 32  ? -1.773  -1.526  14.104  1.00 18.10 ? 28  ILE A C   1 
ATOM   204  O  O   . ILE A 1 32  ? -2.428  -0.985  13.199  1.00 17.03 ? 28  ILE A O   1 
ATOM   205  C  CB  . ILE A 1 32  ? -3.330  -1.377  16.081  1.00 15.81 ? 28  ILE A CB  1 
ATOM   206  C  CG1 . ILE A 1 32  ? -3.469  -0.826  17.516  1.00 17.90 ? 28  ILE A CG1 1 
ATOM   207  C  CG2 . ILE A 1 32  ? -3.594  -2.880  16.036  1.00 16.47 ? 28  ILE A CG2 1 
ATOM   208  C  CD1 . ILE A 1 32  ? -4.898  -0.731  17.992  1.00 16.00 ? 28  ILE A CD1 1 
ATOM   209  N  N   . LYS A 1 33  ? -0.887  -2.488  13.884  1.00 14.92 ? 29  LYS A N   1 
ATOM   210  C  CA  . LYS A 1 33  ? -0.695  -3.054  12.556  1.00 16.62 ? 29  LYS A CA  1 
ATOM   211  C  C   . LYS A 1 33  ? -1.591  -4.282  12.442  1.00 19.15 ? 29  LYS A C   1 
ATOM   212  O  O   . LYS A 1 33  ? -1.356  -5.291  13.116  1.00 18.81 ? 29  LYS A O   1 
ATOM   213  C  CB  . LYS A 1 33  ? 0.772   -3.404  12.322  1.00 19.06 ? 29  LYS A CB  1 
ATOM   214  C  CG  . LYS A 1 33  ? 1.022   -4.121  10.991  1.00 23.61 ? 29  LYS A CG  1 
ATOM   215  C  CD  . LYS A 1 33  ? 2.426   -4.733  10.897  1.00 34.84 ? 29  LYS A CD  1 
ATOM   216  C  CE  . LYS A 1 33  ? 2.573   -5.633  9.646   1.00 41.24 ? 29  LYS A CE  1 
ATOM   217  N  NZ  . LYS A 1 33  ? 1.622   -5.324  8.498   1.00 44.22 ? 29  LYS A NZ  1 
ATOM   218  N  N   . TYR A 1 34  ? -2.634  -4.187  11.612  1.00 14.90 ? 30  TYR A N   1 
ATOM   219  C  CA  . TYR A 1 34  ? -3.481  -5.324  11.284  1.00 15.01 ? 30  TYR A CA  1 
ATOM   220  C  C   . TYR A 1 34  ? -2.996  -5.997  10.008  1.00 18.22 ? 30  TYR A C   1 
ATOM   221  O  O   . TYR A 1 34  ? -2.327  -5.389  9.165   1.00 16.02 ? 30  TYR A O   1 
ATOM   222  C  CB  . TYR A 1 34  ? -4.935  -4.904  11.081  1.00 14.87 ? 30  TYR A CB  1 
ATOM   223  C  CG  . TYR A 1 34  ? -5.576  -4.241  12.262  1.00 16.37 ? 30  TYR A CG  1 
ATOM   224  C  CD1 . TYR A 1 34  ? -6.134  -5.005  13.285  1.00 14.56 ? 30  TYR A CD1 1 
ATOM   225  C  CD2 . TYR A 1 34  ? -5.654  -2.851  12.349  1.00 15.97 ? 30  TYR A CD2 1 
ATOM   226  C  CE1 . TYR A 1 34  ? -6.729  -4.411  14.360  1.00 14.06 ? 30  TYR A CE1 1 
ATOM   227  C  CE2 . TYR A 1 34  ? -6.249  -2.237  13.439  1.00 16.72 ? 30  TYR A CE2 1 
ATOM   228  C  CZ  . TYR A 1 34  ? -6.787  -3.023  14.434  1.00 17.16 ? 30  TYR A CZ  1 
ATOM   229  O  OH  . TYR A 1 34  ? -7.389  -2.435  15.515  1.00 19.55 ? 30  TYR A OH  1 
ATOM   230  N  N   . GLU A 1 35  ? -3.388  -7.254  9.853   1.00 16.18 ? 31  GLU A N   1 
ATOM   231  C  CA  . GLU A 1 35  ? -3.095  -7.995  8.637   1.00 20.81 ? 31  GLU A CA  1 
ATOM   232  C  C   . GLU A 1 35  ? -4.236  -8.975  8.408   1.00 23.24 ? 31  GLU A C   1 
ATOM   233  O  O   . GLU A 1 35  ? -4.681  -9.632  9.355   1.00 22.10 ? 31  GLU A O   1 
ATOM   234  C  CB  . GLU A 1 35  ? -1.754  -8.713  8.771   1.00 22.47 ? 31  GLU A CB  1 
ATOM   235  C  CG  . GLU A 1 35  ? -1.301  -9.493  7.560   1.00 35.59 ? 31  GLU A CG  1 
ATOM   236  C  CD  . GLU A 1 35  ? 0.075   -10.098 7.789   1.00 43.43 ? 31  GLU A CD  1 
ATOM   237  O  OE1 . GLU A 1 35  ? 1.087   -9.399  7.539   1.00 47.72 ? 31  GLU A OE1 1 
ATOM   238  O  OE2 . GLU A 1 35  ? 0.133   -11.261 8.249   1.00 43.68 ? 31  GLU A OE2 1 
ATOM   239  N  N   . ILE A 1 36  ? -4.726  -9.057  7.173   1.00 17.74 ? 32  ILE A N   1 
ATOM   240  C  CA  . ILE A 1 36  ? -5.803  -10.001 6.881   1.00 18.21 ? 32  ILE A CA  1 
ATOM   241  C  C   . ILE A 1 36  ? -5.239  -11.417 6.938   1.00 22.54 ? 32  ILE A C   1 
ATOM   242  O  O   . ILE A 1 36  ? -4.240  -11.730 6.283   1.00 23.53 ? 32  ILE A O   1 
ATOM   243  C  CB  . ILE A 1 36  ? -6.444  -9.707  5.518   1.00 20.68 ? 32  ILE A CB  1 
ATOM   244  C  CG1 . ILE A 1 36  ? -7.118  -8.336  5.521   1.00 21.65 ? 32  ILE A CG1 1 
ATOM   245  C  CG2 . ILE A 1 36  ? -7.439  -10.808 5.143   1.00 22.21 ? 32  ILE A CG2 1 
ATOM   246  C  CD1 . ILE A 1 36  ? -8.355  -8.283  6.331   1.00 23.59 ? 32  ILE A CD1 1 
ATOM   247  N  N   . ASP A 1 37  ? -5.856  -12.268 7.748   1.00 22.09 ? 33  ASP A N   1 
ATOM   248  C  CA  . ASP A 1 37  ? -5.492  -13.682 7.800   1.00 23.63 ? 33  ASP A CA  1 
ATOM   249  C  C   . ASP A 1 37  ? -6.116  -14.385 6.601   1.00 24.89 ? 33  ASP A C   1 
ATOM   250  O  O   . ASP A 1 37  ? -7.341  -14.390 6.452   1.00 28.16 ? 33  ASP A O   1 
ATOM   251  C  CB  . ASP A 1 37  ? -5.974  -14.294 9.115   1.00 23.24 ? 33  ASP A CB  1 
ATOM   252  C  CG  . ASP A 1 37  ? -5.759  -15.793 9.182   1.00 30.40 ? 33  ASP A CG  1 
ATOM   253  O  OD1 . ASP A 1 37  ? -4.588  -16.222 9.205   1.00 24.43 ? 33  ASP A OD1 1 
ATOM   254  O  OD2 . ASP A 1 37  ? -6.767  -16.535 9.228   1.00 30.06 ? 33  ASP A OD2 1 
ATOM   255  N  N   . LYS A 1 38  ? -5.280  -14.962 5.736   1.00 31.54 ? 34  LYS A N   1 
ATOM   256  C  CA  . LYS A 1 38  ? -5.781  -15.455 4.452   1.00 36.27 ? 34  LYS A CA  1 
ATOM   257  C  C   . LYS A 1 38  ? -6.709  -16.657 4.624   1.00 37.98 ? 34  LYS A C   1 
ATOM   258  O  O   . LYS A 1 38  ? -7.700  -16.790 3.894   1.00 40.61 ? 34  LYS A O   1 
ATOM   259  C  CB  . LYS A 1 38  ? -4.609  -15.791 3.529   1.00 37.55 ? 34  LYS A CB  1 
ATOM   260  C  CG  . LYS A 1 38  ? -3.678  -14.590 3.253   1.00 43.37 ? 34  LYS A CG  1 
ATOM   261  C  CD  . LYS A 1 38  ? -4.482  -13.298 2.934   1.00 38.57 ? 34  LYS A CD  1 
ATOM   262  C  CE  . LYS A 1 38  ? -3.587  -12.089 2.596   1.00 31.94 ? 34  LYS A CE  1 
ATOM   263  N  NZ  . LYS A 1 38  ? -2.895  -11.482 3.791   1.00 29.84 ? 34  LYS A NZ  1 
ATOM   264  N  N   . ASP A 1 39  ? -6.425  -17.525 5.603   1.00 38.69 ? 35  ASP A N   1 
ATOM   265  C  CA  . ASP A 1 39  ? -7.268  -18.700 5.828   1.00 38.40 ? 35  ASP A CA  1 
ATOM   266  C  C   . ASP A 1 39  ? -8.679  -18.318 6.276   1.00 41.05 ? 35  ASP A C   1 
ATOM   267  O  O   . ASP A 1 39  ? -9.655  -18.975 5.890   1.00 39.95 ? 35  ASP A O   1 
ATOM   268  C  CB  . ASP A 1 39  ? -6.623  -19.624 6.865   1.00 40.19 ? 35  ASP A CB  1 
ATOM   269  C  CG  . ASP A 1 39  ? -5.299  -20.213 6.389   1.00 54.67 ? 35  ASP A CG  1 
ATOM   270  O  OD1 . ASP A 1 39  ? -5.128  -20.378 5.158   1.00 56.14 ? 35  ASP A OD1 1 
ATOM   271  O  OD2 . ASP A 1 39  ? -4.431  -20.518 7.241   1.00 54.01 ? 35  ASP A OD2 1 
ATOM   272  N  N   . SER A 1 40  ? -8.814  -17.265 7.090   1.00 34.03 ? 36  SER A N   1 
ATOM   273  C  CA  . SER A 1 40  ? -10.094 -16.946 7.706   1.00 28.39 ? 36  SER A CA  1 
ATOM   274  C  C   . SER A 1 40  ? -10.748 -15.684 7.170   1.00 27.34 ? 36  SER A C   1 
ATOM   275  O  O   . SER A 1 40  ? -11.930 -15.466 7.457   1.00 26.86 ? 36  SER A O   1 
ATOM   276  C  CB  . SER A 1 40  ? -9.937  -16.794 9.228   1.00 27.44 ? 36  SER A CB  1 
ATOM   277  O  OG  . SER A 1 40  ? -9.050  -15.729 9.529   1.00 25.12 ? 36  SER A OG  1 
ATOM   278  N  N   . ASP A 1 41  ? -10.014 -14.838 6.441   1.00 31.93 ? 37  ASP A N   1 
ATOM   279  C  CA  . ASP A 1 41  ? -10.457 -13.512 6.005   1.00 30.14 ? 37  ASP A CA  1 
ATOM   280  C  C   . ASP A 1 41  ? -10.581 -12.520 7.154   1.00 26.29 ? 37  ASP A C   1 
ATOM   281  O  O   . ASP A 1 41  ? -11.029 -11.389 6.940   1.00 32.83 ? 37  ASP A O   1 
ATOM   282  C  CB  . ASP A 1 41  ? -11.798 -13.559 5.276   1.00 31.65 ? 37  ASP A CB  1 
ATOM   283  C  CG  . ASP A 1 41  ? -11.651 -13.619 3.780   1.00 35.44 ? 37  ASP A CG  1 
ATOM   284  O  OD1 . ASP A 1 41  ? -10.630 -14.126 3.267   1.00 34.15 ? 37  ASP A OD1 1 
ATOM   285  O  OD2 . ASP A 1 41  ? -12.578 -13.128 3.121   1.00 43.34 ? 37  ASP A OD2 1 
ATOM   286  N  N   . ALA A 1 42  ? -10.217 -12.906 8.367   1.00 23.46 ? 38  ALA A N   1 
ATOM   287  C  CA  . ALA A 1 42  ? -10.366 -12.015 9.503   1.00 22.09 ? 38  ALA A CA  1 
ATOM   288  C  C   . ALA A 1 42  ? -9.183  -11.059 9.598   1.00 20.42 ? 38  ALA A C   1 
ATOM   289  O  O   . ALA A 1 42  ? -8.070  -11.357 9.156   1.00 19.09 ? 38  ALA A O   1 
ATOM   290  C  CB  . ALA A 1 42  ? -10.494 -12.819 10.799  1.00 22.15 ? 38  ALA A CB  1 
ATOM   291  N  N   . LEU A 1 43  ? -9.441  -9.899  10.186  1.00 16.66 ? 39  LEU A N   1 
ATOM   292  C  CA  . LEU A 1 43  ? -8.413  -8.916  10.494  1.00 17.26 ? 39  LEU A CA  1 
ATOM   293  C  C   . LEU A 1 43  ? -7.688  -9.332  11.772  1.00 17.63 ? 39  LEU A C   1 
ATOM   294  O  O   . LEU A 1 43  ? -8.282  -9.315  12.857  1.00 16.26 ? 39  LEU A O   1 
ATOM   295  C  CB  . LEU A 1 43  ? -9.089  -7.562  10.669  1.00 22.13 ? 39  LEU A CB  1 
ATOM   296  C  CG  . LEU A 1 43  ? -8.397  -6.247  10.430  1.00 27.49 ? 39  LEU A CG  1 
ATOM   297  C  CD1 . LEU A 1 43  ? -7.862  -6.161  9.013   1.00 17.60 ? 39  LEU A CD1 1 
ATOM   298  C  CD2 . LEU A 1 43  ? -9.444  -5.170  10.695  1.00 26.20 ? 39  LEU A CD2 1 
ATOM   299  N  N   . PHE A 1 44  ? -6.417  -9.706  11.655  1.00 16.72 ? 40  PHE A N   1 
ATOM   300  C  CA  . PHE A 1 44  ? -5.609  -10.092 12.806  1.00 17.14 ? 40  PHE A CA  1 
ATOM   301  C  C   . PHE A 1 44  ? -4.778  -8.896  13.252  1.00 18.28 ? 40  PHE A C   1 
ATOM   302  O  O   . PHE A 1 44  ? -4.253  -8.162  12.413  1.00 17.86 ? 40  PHE A O   1 
ATOM   303  C  CB  . PHE A 1 44  ? -4.663  -11.254 12.471  1.00 16.26 ? 40  PHE A CB  1 
ATOM   304  C  CG  . PHE A 1 44  ? -5.286  -12.641 12.574  1.00 19.68 ? 40  PHE A CG  1 
ATOM   305  C  CD1 . PHE A 1 44  ? -6.600  -12.869 12.209  1.00 21.52 ? 40  PHE A CD1 1 
ATOM   306  C  CD2 . PHE A 1 44  ? -4.526  -13.723 13.000  1.00 24.58 ? 40  PHE A CD2 1 
ATOM   307  C  CE1 . PHE A 1 44  ? -7.163  -14.146 12.295  1.00 20.93 ? 40  PHE A CE1 1 
ATOM   308  C  CE2 . PHE A 1 44  ? -5.080  -14.998 13.082  1.00 24.75 ? 40  PHE A CE2 1 
ATOM   309  C  CZ  . PHE A 1 44  ? -6.402  -15.203 12.729  1.00 22.76 ? 40  PHE A CZ  1 
ATOM   310  N  N   . VAL A 1 45  ? -4.652  -8.704  14.566  1.00 14.32 ? 41  VAL A N   1 
ATOM   311  C  CA  . VAL A 1 45  ? -3.649  -7.773  15.083  1.00 14.50 ? 41  VAL A CA  1 
ATOM   312  C  C   . VAL A 1 45  ? -2.281  -8.423  14.899  1.00 17.73 ? 41  VAL A C   1 
ATOM   313  O  O   . VAL A 1 45  ? -1.982  -9.451  15.513  1.00 17.58 ? 41  VAL A O   1 
ATOM   314  C  CB  . VAL A 1 45  ? -3.899  -7.406  16.553  1.00 15.64 ? 41  VAL A CB  1 
ATOM   315  C  CG1 . VAL A 1 45  ? -2.755  -6.538  17.083  1.00 15.99 ? 41  VAL A CG1 1 
ATOM   316  C  CG2 . VAL A 1 45  ? -5.224  -6.678  16.696  1.00 16.12 ? 41  VAL A CG2 1 
ATOM   317  N  N   . ASP A 1 46  ? -1.462  -7.858  14.021  1.00 16.63 ? 42  ASP A N   1 
ATOM   318  C  CA  . ASP A 1 46  ? -0.137  -8.420  13.808  1.00 17.15 ? 42  ASP A CA  1 
ATOM   319  C  C   . ASP A 1 46  ? 0.900   -7.807  14.739  1.00 21.16 ? 42  ASP A C   1 
ATOM   320  O  O   . ASP A 1 46  ? 1.829   -8.503  15.160  1.00 19.87 ? 42  ASP A O   1 
ATOM   321  C  CB  . ASP A 1 46  ? 0.283   -8.234  12.346  1.00 22.01 ? 42  ASP A CB  1 
ATOM   322  C  CG  . ASP A 1 46  ? 1.541   -9.016  11.994  1.00 28.27 ? 42  ASP A CG  1 
ATOM   323  O  OD1 . ASP A 1 46  ? 1.520   -10.259 12.081  1.00 27.92 ? 42  ASP A OD1 1 
ATOM   324  O  OD2 . ASP A 1 46  ? 2.550   -8.385  11.637  1.00 29.69 ? 42  ASP A OD2 1 
ATOM   325  N  N   . ARG A 1 47  ? 0.752   -6.529  15.092  1.00 16.76 ? 43  ARG A N   1 
ATOM   326  C  CA  . ARG A 1 47  ? 1.733   -5.883  15.953  1.00 19.23 ? 43  ARG A CA  1 
ATOM   327  C  C   . ARG A 1 47  ? 1.143   -4.607  16.543  1.00 20.57 ? 43  ARG A C   1 
ATOM   328  O  O   . ARG A 1 47  ? 0.440   -3.863  15.850  1.00 17.35 ? 43  ARG A O   1 
ATOM   329  C  CB  . ARG A 1 47  ? 3.013   -5.570  15.158  1.00 21.76 ? 43  ARG A CB  1 
ATOM   330  C  CG  . ARG A 1 47  ? 4.136   -4.978  15.964  1.00 28.68 ? 43  ARG A CG  1 
ATOM   331  C  CD  . ARG A 1 47  ? 5.149   -6.031  16.387  1.00 30.23 ? 43  ARG A CD  1 
ATOM   332  N  NE  . ARG A 1 47  ? 6.232   -5.420  17.162  1.00 33.35 ? 43  ARG A NE  1 
ATOM   333  C  CZ  . ARG A 1 47  ? 6.948   -6.063  18.082  1.00 34.15 ? 43  ARG A CZ  1 
ATOM   334  N  NH1 . ARG A 1 47  ? 6.693   -7.341  18.347  1.00 35.05 ? 43  ARG A NH1 1 
ATOM   335  N  NH2 . ARG A 1 47  ? 7.913   -5.430  18.740  1.00 35.89 ? 43  ARG A NH2 1 
ATOM   336  N  N   . PHE A 1 48  ? 1.429   -4.363  17.824  1.00 18.24 ? 44  PHE A N   1 
ATOM   337  C  CA  . PHE A 1 48  ? 1.273   -3.035  18.408  1.00 20.16 ? 44  PHE A CA  1 
ATOM   338  C  C   . PHE A 1 48  ? 2.582   -2.301  18.147  1.00 21.98 ? 44  PHE A C   1 
ATOM   339  O  O   . PHE A 1 48  ? 3.627   -2.671  18.691  1.00 23.09 ? 44  PHE A O   1 
ATOM   340  C  CB  . PHE A 1 48  ? 0.927   -3.123  19.895  1.00 17.46 ? 44  PHE A CB  1 
ATOM   341  C  CG  . PHE A 1 48  ? -0.434  -3.730  20.152  1.00 17.25 ? 44  PHE A CG  1 
ATOM   342  C  CD1 . PHE A 1 48  ? -1.587  -2.974  19.990  1.00 19.13 ? 44  PHE A CD1 1 
ATOM   343  C  CD2 . PHE A 1 48  ? -0.561  -5.068  20.507  1.00 16.19 ? 44  PHE A CD2 1 
ATOM   344  C  CE1 . PHE A 1 48  ? -2.860  -3.541  20.195  1.00 14.75 ? 44  PHE A CE1 1 
ATOM   345  C  CE2 . PHE A 1 48  ? -1.828  -5.645  20.717  1.00 15.39 ? 44  PHE A CE2 1 
ATOM   346  C  CZ  . PHE A 1 48  ? -2.976  -4.871  20.551  1.00 15.10 ? 44  PHE A CZ  1 
ATOM   347  N  N   . MET A 1 49  ? 2.535   -1.305  17.266  1.00 18.16 ? 45  MET A N   1 
ATOM   348  C  CA  . MET A 1 49  ? 3.757   -0.698  16.758  1.00 19.88 ? 45  MET A CA  1 
ATOM   349  C  C   . MET A 1 49  ? 4.528   -0.040  17.895  1.00 19.95 ? 45  MET A C   1 
ATOM   350  O  O   . MET A 1 49  ? 3.940   0.549   18.803  1.00 18.98 ? 45  MET A O   1 
ATOM   351  C  CB  . MET A 1 49  ? 3.416   0.333   15.677  1.00 20.69 ? 45  MET A CB  1 
ATOM   352  C  CG  . MET A 1 49  ? 4.613   0.870   14.909  1.00 30.34 ? 45  MET A CG  1 
ATOM   353  S  SD  . MET A 1 49  ? 4.106   1.596   13.325  1.00 31.53 ? 45  MET A SD  1 
ATOM   354  C  CE  . MET A 1 49  ? 2.600   2.440   13.834  1.00 27.14 ? 45  MET A CE  1 
ATOM   355  N  N   . GLY A 1 50  ? 5.857   -0.155  17.847  1.00 22.39 ? 46  GLY A N   1 
ATOM   356  C  CA  . GLY A 1 50  ? 6.674   0.451   18.886  1.00 23.49 ? 46  GLY A CA  1 
ATOM   357  C  C   . GLY A 1 50  ? 6.783   1.959   18.748  1.00 18.91 ? 46  GLY A C   1 
ATOM   358  O  O   . GLY A 1 50  ? 6.582   2.698   19.715  1.00 22.55 ? 46  GLY A O   1 
ATOM   359  N  N   . THR A 1 51  ? 7.093   2.440   17.547  1.00 15.99 ? 47  THR A N   1 
ATOM   360  C  CA  . THR A 1 51  ? 7.306   3.869   17.347  1.00 15.82 ? 47  THR A CA  1 
ATOM   361  C  C   . THR A 1 51  ? 5.989   4.631   17.438  1.00 17.79 ? 47  THR A C   1 
ATOM   362  O  O   . THR A 1 51  ? 4.914   4.092   17.157  1.00 20.60 ? 47  THR A O   1 
ATOM   363  C  CB  . THR A 1 51  ? 7.932   4.131   15.980  1.00 17.94 ? 47  THR A CB  1 
ATOM   364  O  OG1 . THR A 1 51  ? 7.115   3.501   14.982  1.00 16.31 ? 47  THR A OG1 1 
ATOM   365  C  CG2 . THR A 1 51  ? 9.349   3.571   15.917  1.00 16.35 ? 47  THR A CG2 1 
ATOM   366  N  N   . ALA A 1 52  ? 6.083   5.902   17.834  1.00 13.75 ? 48  ALA A N   1 
ATOM   367  C  CA  . ALA A 1 52  ? 4.913   6.777   17.911  1.00 14.69 ? 48  ALA A CA  1 
ATOM   368  C  C   . ALA A 1 52  ? 4.691   7.417   16.539  1.00 15.30 ? 48  ALA A C   1 
ATOM   369  O  O   . ALA A 1 52  ? 4.895   8.610   16.325  1.00 13.12 ? 48  ALA A O   1 
ATOM   370  C  CB  . ALA A 1 52  ? 5.100   7.817   19.012  1.00 15.47 ? 48  ALA A CB  1 
ATOM   371  N  N   . MET A 1 53  ? 4.300   6.569   15.578  1.00 14.66 ? 49  MET A N   1 
ATOM   372  C  CA  . MET A 1 53  ? 4.070   7.005   14.208  1.00 15.48 ? 49  MET A CA  1 
ATOM   373  C  C   . MET A 1 53  ? 2.700   6.518   13.745  1.00 12.94 ? 49  MET A C   1 
ATOM   374  O  O   . MET A 1 53  ? 2.114   5.614   14.335  1.00 16.89 ? 49  MET A O   1 
ATOM   375  C  CB  . MET A 1 53  ? 5.181   6.498   13.263  1.00 12.59 ? 49  MET A CB  1 
ATOM   376  C  CG  . MET A 1 53  ? 6.593   6.791   13.803  1.00 13.92 ? 49  MET A CG  1 
ATOM   377  S  SD  . MET A 1 53  ? 7.916   6.563   12.580  1.00 15.58 ? 49  MET A SD  1 
ATOM   378  C  CE  . MET A 1 53  ? 7.735   8.010   11.525  1.00 12.16 ? 49  MET A CE  1 
ATOM   379  N  N   . PHE A 1 54  ? 2.197   7.129   12.675  1.00 14.74 ? 50  PHE A N   1 
ATOM   380  C  CA  . PHE A 1 54  ? 0.957   6.705   12.045  1.00 14.32 ? 50  PHE A CA  1 
ATOM   381  C  C   . PHE A 1 54  ? 1.162   6.647   10.535  1.00 14.77 ? 50  PHE A C   1 
ATOM   382  O  O   . PHE A 1 54  ? 1.980   7.379   9.978   1.00 13.62 ? 50  PHE A O   1 
ATOM   383  C  CB  . PHE A 1 54  ? -0.216  7.656   12.421  1.00 15.79 ? 50  PHE A CB  1 
ATOM   384  C  CG  . PHE A 1 54  ? -0.038  9.086   11.954  1.00 17.57 ? 50  PHE A CG  1 
ATOM   385  C  CD1 . PHE A 1 54  ? -0.401  9.461   10.665  1.00 15.33 ? 50  PHE A CD1 1 
ATOM   386  C  CD2 . PHE A 1 54  ? 0.472   10.055  12.807  1.00 16.09 ? 50  PHE A CD2 1 
ATOM   387  C  CE1 . PHE A 1 54  ? -0.256  10.771  10.230  1.00 16.77 ? 50  PHE A CE1 1 
ATOM   388  C  CE2 . PHE A 1 54  ? 0.630   11.367  12.381  1.00 14.90 ? 50  PHE A CE2 1 
ATOM   389  C  CZ  . PHE A 1 54  ? 0.258   11.729  11.086  1.00 17.05 ? 50  PHE A CZ  1 
ATOM   390  N  N   . TYR A 1 55  ? 0.410   5.767   9.872   1.00 16.30 ? 51  TYR A N   1 
ATOM   391  C  CA  . TYR A 1 55  ? 0.509   5.657   8.419   1.00 14.31 ? 51  TYR A CA  1 
ATOM   392  C  C   . TYR A 1 55  ? -0.016  6.928   7.767   1.00 14.43 ? 51  TYR A C   1 
ATOM   393  O  O   . TYR A 1 55  ? -1.145  7.346   8.050   1.00 15.91 ? 51  TYR A O   1 
ATOM   394  C  CB  . TYR A 1 55  ? -0.270  4.450   7.905   1.00 14.61 ? 51  TYR A CB  1 
ATOM   395  C  CG  . TYR A 1 55  ? 0.444   3.147   8.102   1.00 17.71 ? 51  TYR A CG  1 
ATOM   396  C  CD1 . TYR A 1 55  ? 0.511   2.556   9.360   1.00 19.58 ? 51  TYR A CD1 1 
ATOM   397  C  CD2 . TYR A 1 55  ? 1.061   2.497   7.029   1.00 15.33 ? 51  TYR A CD2 1 
ATOM   398  C  CE1 . TYR A 1 55  ? 1.167   1.369   9.544   1.00 19.84 ? 51  TYR A CE1 1 
ATOM   399  C  CE2 . TYR A 1 55  ? 1.707   1.293   7.203   1.00 19.88 ? 51  TYR A CE2 1 
ATOM   400  C  CZ  . TYR A 1 55  ? 1.760   0.740   8.460   1.00 20.26 ? 51  TYR A CZ  1 
ATOM   401  O  OH  . TYR A 1 55  ? 2.414   -0.443  8.643   1.00 23.12 ? 51  TYR A OH  1 
ATOM   402  N  N   . PRO A 1 56  ? 0.763   7.563   6.888   1.00 15.42 ? 52  PRO A N   1 
ATOM   403  C  CA  . PRO A 1 56  ? 0.311   8.807   6.241   1.00 17.24 ? 52  PRO A CA  1 
ATOM   404  C  C   . PRO A 1 56  ? -0.768  8.601   5.193   1.00 17.31 ? 52  PRO A C   1 
ATOM   405  O  O   . PRO A 1 56  ? -1.372  9.587   4.745   1.00 16.11 ? 52  PRO A O   1 
ATOM   406  C  CB  . PRO A 1 56  ? 1.590   9.365   5.597   1.00 18.23 ? 52  PRO A CB  1 
ATOM   407  C  CG  . PRO A 1 56  ? 2.674   8.396   5.884   1.00 16.96 ? 52  PRO A CG  1 
ATOM   408  C  CD  . PRO A 1 56  ? 2.107   7.144   6.457   1.00 15.94 ? 52  PRO A CD  1 
ATOM   409  N  N   . ALA A 1 57  ? -1.026  7.362   4.794   1.00 15.83 ? 53  ALA A N   1 
ATOM   410  C  CA  . ALA A 1 57  ? -2.113  7.043   3.884   1.00 19.23 ? 53  ALA A CA  1 
ATOM   411  C  C   . ALA A 1 57  ? -2.597  5.648   4.234   1.00 14.45 ? 53  ALA A C   1 
ATOM   412  O  O   . ALA A 1 57  ? -1.923  4.911   4.960   1.00 16.15 ? 53  ALA A O   1 
ATOM   413  C  CB  . ALA A 1 57  ? -1.678  7.123   2.415   1.00 18.57 ? 53  ALA A CB  1 
ATOM   414  N  N   . ASN A 1 58  ? -3.788  5.304   3.746   1.00 15.08 ? 54  ASN A N   1 
ATOM   415  C  CA  . ASN A 1 58  ? -4.351  3.983   4.006   1.00 14.10 ? 54  ASN A CA  1 
ATOM   416  C  C   . ASN A 1 58  ? -3.436  2.906   3.432   1.00 14.78 ? 54  ASN A C   1 
ATOM   417  O  O   . ASN A 1 58  ? -2.888  3.058   2.341   1.00 16.02 ? 54  ASN A O   1 
ATOM   418  C  CB  . ASN A 1 58  ? -5.758  3.884   3.405   1.00 12.46 ? 54  ASN A CB  1 
ATOM   419  C  CG  . ASN A 1 58  ? -6.658  5.028   3.842   1.00 15.59 ? 54  ASN A CG  1 
ATOM   420  O  OD1 . ASN A 1 58  ? -7.164  5.032   4.968   1.00 13.80 ? 54  ASN A OD1 1 
ATOM   421  N  ND2 . ASN A 1 58  ? -6.848  6.019   2.962   1.00 11.51 ? 54  ASN A ND2 1 
ATOM   422  N  N   . TYR A 1 59  ? -3.248  1.820   4.178   1.00 13.06 ? 55  TYR A N   1 
ATOM   423  C  CA  . TYR A 1 59  ? -2.306  0.769   3.789   1.00 15.53 ? 55  TYR A CA  1 
ATOM   424  C  C   . TYR A 1 59  ? -3.012  -0.566  3.603   1.00 15.08 ? 55  TYR A C   1 
ATOM   425  O  O   . TYR A 1 59  ? -3.775  -1.000  4.474   1.00 13.61 ? 55  TYR A O   1 
ATOM   426  C  CB  . TYR A 1 59  ? -1.195  0.612   4.830   1.00 15.79 ? 55  TYR A CB  1 
ATOM   427  C  CG  . TYR A 1 59  ? -0.187  -0.464  4.494   1.00 15.73 ? 55  TYR A CG  1 
ATOM   428  C  CD1 . TYR A 1 59  ? 0.856   -0.217  3.601   1.00 18.87 ? 55  TYR A CD1 1 
ATOM   429  C  CD2 . TYR A 1 59  ? -0.281  -1.732  5.066   1.00 17.60 ? 55  TYR A CD2 1 
ATOM   430  C  CE1 . TYR A 1 59  ? 1.790   -1.214  3.297   1.00 21.23 ? 55  TYR A CE1 1 
ATOM   431  C  CE2 . TYR A 1 59  ? 0.644   -2.719  4.773   1.00 27.13 ? 55  TYR A CE2 1 
ATOM   432  C  CZ  . TYR A 1 59  ? 1.676   -2.452  3.887   1.00 24.45 ? 55  TYR A CZ  1 
ATOM   433  O  OH  . TYR A 1 59  ? 2.584   -3.449  3.608   1.00 37.45 ? 55  TYR A OH  1 
ATOM   434  N  N   . GLY A 1 60  ? -2.712  -1.247  2.495   1.00 14.69 ? 56  GLY A N   1 
ATOM   435  C  CA  . GLY A 1 60  ? -3.286  -2.560  2.274   1.00 14.36 ? 56  GLY A CA  1 
ATOM   436  C  C   . GLY A 1 60  ? -2.655  -3.311  1.120   1.00 15.25 ? 56  GLY A C   1 
ATOM   437  O  O   . GLY A 1 60  ? -1.485  -3.078  0.796   1.00 16.58 ? 56  GLY A O   1 
ATOM   438  N  N   . TYR A 1 61  ? -3.412  -4.204  0.483   1.00 16.53 ? 57  TYR A N   1 
ATOM   439  C  CA  . TYR A 1 61  ? -2.856  -5.058  -0.560  1.00 16.68 ? 57  TYR A CA  1 
ATOM   440  C  C   . TYR A 1 61  ? -3.873  -5.280  -1.674  1.00 16.44 ? 57  TYR A C   1 
ATOM   441  O  O   . TYR A 1 61  ? -5.090  -5.120  -1.489  1.00 16.18 ? 57  TYR A O   1 
ATOM   442  C  CB  . TYR A 1 61  ? -2.388  -6.414  0.011   1.00 19.01 ? 57  TYR A CB  1 
ATOM   443  C  CG  . TYR A 1 61  ? -3.518  -7.284  0.532   1.00 18.38 ? 57  TYR A CG  1 
ATOM   444  C  CD1 . TYR A 1 61  ? -3.966  -7.158  1.841   1.00 18.44 ? 57  TYR A CD1 1 
ATOM   445  C  CD2 . TYR A 1 61  ? -4.147  -8.217  -0.291  1.00 18.29 ? 57  TYR A CD2 1 
ATOM   446  C  CE1 . TYR A 1 61  ? -5.001  -7.931  2.316   1.00 20.03 ? 57  TYR A CE1 1 
ATOM   447  C  CE2 . TYR A 1 61  ? -5.183  -9.000  0.172   1.00 17.66 ? 57  TYR A CE2 1 
ATOM   448  C  CZ  . TYR A 1 61  ? -5.602  -8.857  1.478   1.00 23.18 ? 57  TYR A CZ  1 
ATOM   449  O  OH  . TYR A 1 61  ? -6.625  -9.626  1.954   1.00 22.59 ? 57  TYR A OH  1 
ATOM   450  N  N   . VAL A 1 62  ? -3.347  -5.664  -2.834  1.00 16.52 ? 58  VAL A N   1 
ATOM   451  C  CA  . VAL A 1 62  ? -4.160  -5.990  -4.004  1.00 16.45 ? 58  VAL A CA  1 
ATOM   452  C  C   . VAL A 1 62  ? -4.506  -7.474  -3.925  1.00 18.73 ? 58  VAL A C   1 
ATOM   453  O  O   . VAL A 1 62  ? -3.590  -8.308  -3.911  1.00 18.31 ? 58  VAL A O   1 
ATOM   454  C  CB  . VAL A 1 62  ? -3.402  -5.684  -5.306  1.00 17.23 ? 58  VAL A CB  1 
ATOM   455  C  CG1 . VAL A 1 62  ? -4.268  -6.003  -6.532  1.00 15.40 ? 58  VAL A CG1 1 
ATOM   456  C  CG2 . VAL A 1 62  ? -2.920  -4.231  -5.343  1.00 13.56 ? 58  VAL A CG2 1 
ATOM   457  N  N   . PRO A 1 63  ? -5.783  -7.850  -3.879  1.00 17.07 ? 59  PRO A N   1 
ATOM   458  C  CA  . PRO A 1 63  ? -6.111  -9.276  -3.797  1.00 20.01 ? 59  PRO A CA  1 
ATOM   459  C  C   . PRO A 1 63  ? -5.683  -10.010 -5.059  1.00 20.40 ? 59  PRO A C   1 
ATOM   460  O  O   . PRO A 1 63  ? -5.552  -9.422  -6.135  1.00 16.97 ? 59  PRO A O   1 
ATOM   461  C  CB  . PRO A 1 63  ? -7.635  -9.289  -3.629  1.00 18.41 ? 59  PRO A CB  1 
ATOM   462  C  CG  . PRO A 1 63  ? -8.091  -7.975  -4.224  1.00 18.54 ? 59  PRO A CG  1 
ATOM   463  C  CD  . PRO A 1 63  ? -6.980  -6.996  -3.965  1.00 17.08 ? 59  PRO A CD  1 
ATOM   464  N  N   . ASN A 1 64  ? -5.433  -11.312 -4.899  1.00 23.17 ? 60  ASN A N   1 
ATOM   465  C  CA  . ASN A 1 64  ? -5.055  -12.186 -6.010  1.00 25.11 ? 60  ASN A CA  1 
ATOM   466  C  C   . ASN A 1 64  ? -3.763  -11.714 -6.669  1.00 23.57 ? 60  ASN A C   1 
ATOM   467  O  O   . ASN A 1 64  ? -3.611  -11.749 -7.892  1.00 25.84 ? 60  ASN A O   1 
ATOM   468  C  CB  . ASN A 1 64  ? -6.192  -12.307 -7.031  1.00 21.22 ? 60  ASN A CB  1 
ATOM   469  C  CG  . ASN A 1 64  ? -7.380  -13.094 -6.478  1.00 27.79 ? 60  ASN A CG  1 
ATOM   470  O  OD1 . ASN A 1 64  ? -7.239  -14.251 -6.092  1.00 31.35 ? 60  ASN A OD1 1 
ATOM   471  N  ND2 . ASN A 1 64  ? -8.543  -12.461 -6.418  1.00 29.26 ? 60  ASN A ND2 1 
ATOM   472  N  N   . THR A 1 65  ? -2.829  -11.242 -5.852  1.00 22.17 ? 61  THR A N   1 
ATOM   473  C  CA  . THR A 1 65  ? -1.486  -10.925 -6.304  1.00 21.07 ? 61  THR A CA  1 
ATOM   474  C  C   . THR A 1 65  ? -0.503  -11.591 -5.365  1.00 24.32 ? 61  THR A C   1 
ATOM   475  O  O   . THR A 1 65  ? -0.844  -11.968 -4.246  1.00 23.76 ? 61  THR A O   1 
ATOM   476  C  CB  . THR A 1 65  ? -1.200  -9.416  -6.345  1.00 22.33 ? 61  THR A CB  1 
ATOM   477  O  OG1 . THR A 1 65  ? -1.211  -8.882  -5.011  1.00 19.50 ? 61  THR A OG1 1 
ATOM   478  C  CG2 . THR A 1 65  ? -2.227  -8.712  -7.201  1.00 22.52 ? 61  THR A CG2 1 
ATOM   479  N  N   . LEU A 1 66  ? 0.730   -11.721 -5.832  1.00 25.12 ? 62  LEU A N   1 
ATOM   480  C  CA  . LEU A 1 66  ? 1.792   -12.307 -5.035  1.00 25.85 ? 62  LEU A CA  1 
ATOM   481  C  C   . LEU A 1 66  ? 3.076   -11.537 -5.289  1.00 26.76 ? 62  LEU A C   1 
ATOM   482  O  O   . LEU A 1 66  ? 3.500   -11.388 -6.439  1.00 28.40 ? 62  LEU A O   1 
ATOM   483  C  CB  . LEU A 1 66  ? 1.978   -13.790 -5.366  1.00 30.68 ? 62  LEU A CB  1 
ATOM   484  C  CG  . LEU A 1 66  ? 2.931   -14.514 -4.422  1.00 35.99 ? 62  LEU A CG  1 
ATOM   485  C  CD1 . LEU A 1 66  ? 2.348   -14.549 -3.018  1.00 37.08 ? 62  LEU A CD1 1 
ATOM   486  C  CD2 . LEU A 1 66  ? 3.209   -15.921 -4.937  1.00 37.29 ? 62  LEU A CD2 1 
ATOM   487  N  N   . SER A 1 67  ? 3.672   -11.038 -4.217  1.00 28.69 ? 63  SER A N   1 
ATOM   488  C  CA  . SER A 1 67  ? 4.961   -10.374 -4.276  1.00 33.30 ? 63  SER A CA  1 
ATOM   489  C  C   . SER A 1 67  ? 6.071   -11.338 -3.886  1.00 40.65 ? 63  SER A C   1 
ATOM   490  O  O   . SER A 1 67  ? 5.837   -12.466 -3.447  1.00 38.67 ? 63  SER A O   1 
ATOM   491  C  CB  . SER A 1 67  ? 4.979   -9.152  -3.360  1.00 31.15 ? 63  SER A CB  1 
ATOM   492  O  OG  . SER A 1 67  ? 4.485   -8.033  -4.055  1.00 32.60 ? 63  SER A OG  1 
ATOM   493  N  N   . GLU A 1 68  ? 7.298   -10.848 -4.025  1.00 43.34 ? 64  GLU A N   1 
ATOM   494  C  CA  . GLU A 1 68  ? 8.487   -11.643 -3.751  1.00 44.82 ? 64  GLU A CA  1 
ATOM   495  C  C   . GLU A 1 68  ? 8.505   -12.177 -2.324  1.00 46.15 ? 64  GLU A C   1 
ATOM   496  O  O   . GLU A 1 68  ? 9.072   -13.245 -2.071  1.00 49.25 ? 64  GLU A O   1 
ATOM   497  C  CB  . GLU A 1 68  ? 9.742   -10.801 -4.017  1.00 51.04 ? 64  GLU A CB  1 
ATOM   498  C  CG  . GLU A 1 68  ? 9.825   -10.054 -5.387  1.00 56.90 ? 64  GLU A CG  1 
ATOM   499  C  CD  . GLU A 1 68  ? 8.758   -8.960  -5.630  1.00 56.32 ? 64  GLU A CD  1 
ATOM   500  O  OE1 . GLU A 1 68  ? 8.002   -8.613  -4.696  1.00 56.68 ? 64  GLU A OE1 1 
ATOM   501  O  OE2 . GLU A 1 68  ? 8.692   -8.435  -6.770  1.00 57.79 ? 64  GLU A OE2 1 
ATOM   502  N  N   . ASP A 1 69  ? 7.897   -11.458 -1.380  1.00 50.69 ? 65  ASP A N   1 
ATOM   503  C  CA  . ASP A 1 69  ? 7.939   -11.832 0.027   1.00 44.52 ? 65  ASP A CA  1 
ATOM   504  C  C   . ASP A 1 69  ? 6.825   -12.798 0.423   1.00 45.93 ? 65  ASP A C   1 
ATOM   505  O  O   . ASP A 1 69  ? 6.577   -12.985 1.622   1.00 46.12 ? 65  ASP A O   1 
ATOM   506  C  CB  . ASP A 1 69  ? 7.909   -10.575 0.909   1.00 46.03 ? 65  ASP A CB  1 
ATOM   507  C  CG  . ASP A 1 69  ? 6.559   -9.862  0.902   1.00 48.37 ? 65  ASP A CG  1 
ATOM   508  O  OD1 . ASP A 1 69  ? 5.707   -10.141 0.022   1.00 44.05 ? 65  ASP A OD1 1 
ATOM   509  O  OD2 . ASP A 1 69  ? 6.354   -9.007  1.791   1.00 47.50 ? 65  ASP A OD2 1 
ATOM   510  N  N   . GLY A 1 70  ? 6.163   -13.426 -0.555  1.00 45.69 ? 66  GLY A N   1 
ATOM   511  C  CA  . GLY A 1 70  ? 5.107   -14.384 -0.290  1.00 40.20 ? 66  GLY A CA  1 
ATOM   512  C  C   . GLY A 1 70  ? 3.770   -13.792 0.109   1.00 44.13 ? 66  GLY A C   1 
ATOM   513  O  O   . GLY A 1 70  ? 2.798   -14.547 0.257   1.00 40.01 ? 66  GLY A O   1 
ATOM   514  N  N   . ASP A 1 71  ? 3.684   -12.472 0.299   1.00 39.07 ? 67  ASP A N   1 
ATOM   515  C  CA  . ASP A 1 71  ? 2.444   -11.777 0.588   1.00 34.14 ? 67  ASP A CA  1 
ATOM   516  C  C   . ASP A 1 71  ? 1.931   -11.078 -0.662  1.00 28.05 ? 67  ASP A C   1 
ATOM   517  O  O   . ASP A 1 71  ? 2.686   -10.842 -1.607  1.00 26.68 ? 67  ASP A O   1 
ATOM   518  C  CB  . ASP A 1 71  ? 2.661   -10.744 1.700   1.00 35.83 ? 67  ASP A CB  1 
ATOM   519  C  CG  . ASP A 1 71  ? 2.708   -11.368 3.086   1.00 45.67 ? 67  ASP A CG  1 
ATOM   520  O  OD1 . ASP A 1 71  ? 2.620   -12.611 3.194   1.00 43.69 ? 67  ASP A OD1 1 
ATOM   521  O  OD2 . ASP A 1 71  ? 2.841   -10.604 4.068   1.00 45.39 ? 67  ASP A OD2 1 
ATOM   522  N  N   . PRO A 1 72  ? 0.646   -10.733 -0.708  1.00 26.69 ? 68  PRO A N   1 
ATOM   523  C  CA  . PRO A 1 72  ? 0.151   -9.932  -1.832  1.00 24.19 ? 68  PRO A CA  1 
ATOM   524  C  C   . PRO A 1 72  ? 0.837   -8.574  -1.884  1.00 21.36 ? 68  PRO A C   1 
ATOM   525  O  O   . PRO A 1 72  ? 1.475   -8.123  -0.930  1.00 22.19 ? 68  PRO A O   1 
ATOM   526  C  CB  . PRO A 1 72  ? -1.353  -9.806  -1.548  1.00 24.05 ? 68  PRO A CB  1 
ATOM   527  C  CG  . PRO A 1 72  ? -1.671  -11.012 -0.683  1.00 28.75 ? 68  PRO A CG  1 
ATOM   528  C  CD  . PRO A 1 72  ? -0.445  -11.191 0.170   1.00 29.46 ? 68  PRO A CD  1 
ATOM   529  N  N   . LEU A 1 73  ? 0.718   -7.931  -3.041  1.00 19.32 ? 69  LEU A N   1 
ATOM   530  C  CA  . LEU A 1 73  ? 1.418   -6.686  -3.314  1.00 17.60 ? 69  LEU A CA  1 
ATOM   531  C  C   . LEU A 1 73  ? 0.889   -5.540  -2.440  1.00 17.89 ? 69  LEU A C   1 
ATOM   532  O  O   . LEU A 1 73  ? -0.319  -5.307  -2.386  1.00 16.25 ? 69  LEU A O   1 
ATOM   533  C  CB  . LEU A 1 73  ? 1.241   -6.354  -4.794  1.00 22.61 ? 69  LEU A CB  1 
ATOM   534  C  CG  . LEU A 1 73  ? 1.769   -5.036  -5.330  1.00 19.09 ? 69  LEU A CG  1 
ATOM   535  C  CD1 . LEU A 1 73  ? 3.269   -5.053  -5.361  1.00 23.99 ? 69  LEU A CD1 1 
ATOM   536  C  CD2 . LEU A 1 73  ? 1.200   -4.797  -6.723  1.00 21.15 ? 69  LEU A CD2 1 
ATOM   537  N  N   . ASP A 1 74  ? 1.799   -4.801  -1.798  1.00 18.09 ? 70  ASP A N   1 
ATOM   538  C  CA  . ASP A 1 74  ? 1.447   -3.738  -0.842  1.00 20.59 ? 70  ASP A CA  1 
ATOM   539  C  C   . ASP A 1 74  ? 1.155   -2.415  -1.539  1.00 19.18 ? 70  ASP A C   1 
ATOM   540  O  O   . ASP A 1 74  ? 1.922   -1.980  -2.403  1.00 16.56 ? 70  ASP A O   1 
ATOM   541  C  CB  . ASP A 1 74  ? 2.606   -3.458  0.127   1.00 23.91 ? 70  ASP A CB  1 
ATOM   542  C  CG  . ASP A 1 74  ? 2.986   -4.632  0.962   1.00 29.69 ? 70  ASP A CG  1 
ATOM   543  O  OD1 . ASP A 1 74  ? 2.097   -5.403  1.385   1.00 34.23 ? 70  ASP A OD1 1 
ATOM   544  O  OD2 . ASP A 1 74  ? 4.194   -4.765  1.222   1.00 33.55 ? 70  ASP A OD2 1 
ATOM   545  N  N   . VAL A 1 75  ? 0.111   -1.714  -1.083  1.00 15.57 ? 71  VAL A N   1 
ATOM   546  C  CA  . VAL A 1 75  ? -0.248  -0.410  -1.646  1.00 15.88 ? 71  VAL A CA  1 
ATOM   547  C  C   . VAL A 1 75  ? -0.686  0.553   -0.547  1.00 15.96 ? 71  VAL A C   1 
ATOM   548  O  O   . VAL A 1 75  ? -1.478  0.190   0.330   1.00 15.06 ? 71  VAL A O   1 
ATOM   549  C  CB  . VAL A 1 75  ? -1.380  -0.525  -2.692  1.00 13.36 ? 71  VAL A CB  1 
ATOM   550  C  CG1 . VAL A 1 75  ? -1.602  0.817   -3.380  1.00 14.01 ? 71  VAL A CG1 1 
ATOM   551  C  CG2 . VAL A 1 75  ? -1.078  -1.621  -3.727  1.00 15.15 ? 71  VAL A CG2 1 
ATOM   552  N  N   . LEU A 1 76  ? -0.208  1.803   -0.644  1.00 14.72 ? 72  LEU A N   1 
ATOM   553  C  CA  . LEU A 1 76  ? -0.765  2.952   0.062   1.00 14.46 ? 72  LEU A CA  1 
ATOM   554  C  C   . LEU A 1 76  ? -1.786  3.665   -0.818  1.00 15.75 ? 72  LEU A C   1 
ATOM   555  O  O   . LEU A 1 76  ? -1.506  3.954   -1.988  1.00 15.52 ? 72  LEU A O   1 
ATOM   556  C  CB  . LEU A 1 76  ? 0.338   3.945   0.430   1.00 16.23 ? 72  LEU A CB  1 
ATOM   557  C  CG  . LEU A 1 76  ? 1.373   3.459   1.432   1.00 23.21 ? 72  LEU A CG  1 
ATOM   558  C  CD1 . LEU A 1 76  ? 2.666   4.197   1.140   1.00 28.03 ? 72  LEU A CD1 1 
ATOM   559  C  CD2 . LEU A 1 76  ? 0.881   3.734   2.847   1.00 18.12 ? 72  LEU A CD2 1 
ATOM   560  N  N   . VAL A 1 77  ? -2.952  3.976   -0.259  1.00 11.71 ? 73  VAL A N   1 
ATOM   561  C  CA  . VAL A 1 77  ? -4.016  4.652   -1.001  1.00 13.83 ? 73  VAL A CA  1 
ATOM   562  C  C   . VAL A 1 77  ? -4.334  5.975   -0.305  1.00 15.45 ? 73  VAL A C   1 
ATOM   563  O  O   . VAL A 1 77  ? -4.784  5.990   0.848   1.00 14.13 ? 73  VAL A O   1 
ATOM   564  C  CB  . VAL A 1 77  ? -5.284  3.787   -1.121  1.00 11.71 ? 73  VAL A CB  1 
ATOM   565  C  CG1 . VAL A 1 77  ? -6.308  4.464   -2.042  1.00 12.39 ? 73  VAL A CG1 1 
ATOM   566  C  CG2 . VAL A 1 77  ? -4.946  2.382   -1.575  1.00 12.21 ? 73  VAL A CG2 1 
ATOM   567  N  N   . VAL A 1 78  ? -4.134  7.076   -1.022  1.00 13.19 ? 74  VAL A N   1 
ATOM   568  C  CA  . VAL A 1 78  ? -4.441  8.408   -0.521  1.00 13.68 ? 74  VAL A CA  1 
ATOM   569  C  C   . VAL A 1 78  ? -5.942  8.653   -0.641  1.00 17.41 ? 74  VAL A C   1 
ATOM   570  O  O   . VAL A 1 78  ? -6.530  8.382   -1.691  1.00 18.54 ? 74  VAL A O   1 
ATOM   571  C  CB  . VAL A 1 78  ? -3.646  9.461   -1.309  1.00 15.15 ? 74  VAL A CB  1 
ATOM   572  C  CG1 . VAL A 1 78  ? -3.973  10.866  -0.794  1.00 15.73 ? 74  VAL A CG1 1 
ATOM   573  C  CG2 . VAL A 1 78  ? -2.148  9.171   -1.236  1.00 16.56 ? 74  VAL A CG2 1 
ATOM   574  N  N   . THR A 1 79  ? -6.575  9.154   0.422   1.00 13.64 ? 75  THR A N   1 
ATOM   575  C  CA  . THR A 1 79  ? -8.003  9.448   0.402   1.00 13.48 ? 75  THR A CA  1 
ATOM   576  C  C   . THR A 1 79  ? -8.278  10.748  1.146   1.00 16.55 ? 75  THR A C   1 
ATOM   577  O  O   . THR A 1 79  ? -7.474  11.170  1.983   1.00 15.64 ? 75  THR A O   1 
ATOM   578  C  CB  . THR A 1 79  ? -8.831  8.319   1.041   1.00 15.53 ? 75  THR A CB  1 
ATOM   579  O  OG1 . THR A 1 79  ? -8.476  8.179   2.423   1.00 14.02 ? 75  THR A OG1 1 
ATOM   580  C  CG2 . THR A 1 79  ? -8.597  6.998   0.303   1.00 13.86 ? 75  THR A CG2 1 
ATOM   581  N  N   . PRO A 1 80  ? -9.425  11.394  0.879   1.00 17.57 ? 76  PRO A N   1 
ATOM   582  C  CA  . PRO A 1 80  ? -9.731  12.638  1.599   1.00 19.43 ? 76  PRO A CA  1 
ATOM   583  C  C   . PRO A 1 80  ? -9.989  12.425  3.078   1.00 18.87 ? 76  PRO A C   1 
ATOM   584  O  O   . PRO A 1 80  ? -9.767  13.351  3.860   1.00 20.55 ? 76  PRO A O   1 
ATOM   585  C  CB  . PRO A 1 80  ? -10.976 13.181  0.880   1.00 20.80 ? 76  PRO A CB  1 
ATOM   586  C  CG  . PRO A 1 80  ? -11.547 12.038  0.156   1.00 19.35 ? 76  PRO A CG  1 
ATOM   587  C  CD  . PRO A 1 80  ? -10.405 11.120  -0.190  1.00 17.81 ? 76  PRO A CD  1 
ATOM   588  N  N   . TYR A 1 81  ? -10.452 11.248  3.486   1.00 16.52 ? 77  TYR A N   1 
ATOM   589  C  CA  . TYR A 1 81  ? -10.589 10.902  4.898   1.00 15.90 ? 77  TYR A CA  1 
ATOM   590  C  C   . TYR A 1 81  ? -10.263 9.422   5.040   1.00 15.90 ? 77  TYR A C   1 
ATOM   591  O  O   . TYR A 1 81  ? -10.520 8.641   4.114   1.00 13.81 ? 77  TYR A O   1 
ATOM   592  C  CB  . TYR A 1 81  ? -11.994 11.185  5.472   1.00 16.16 ? 77  TYR A CB  1 
ATOM   593  C  CG  . TYR A 1 81  ? -12.662 12.465  4.979   1.00 22.29 ? 77  TYR A CG  1 
ATOM   594  C  CD1 . TYR A 1 81  ? -13.345 12.458  3.781   1.00 24.66 ? 77  TYR A CD1 1 
ATOM   595  C  CD2 . TYR A 1 81  ? -12.605 13.667  5.688   1.00 20.32 ? 77  TYR A CD2 1 
ATOM   596  C  CE1 . TYR A 1 81  ? -13.957 13.572  3.274   1.00 30.48 ? 77  TYR A CE1 1 
ATOM   597  C  CE2 . TYR A 1 81  ? -13.249 14.832  5.167   1.00 23.07 ? 77  TYR A CE2 1 
ATOM   598  C  CZ  . TYR A 1 81  ? -13.940 14.771  3.942   1.00 30.57 ? 77  TYR A CZ  1 
ATOM   599  O  OH  . TYR A 1 81  ? -14.653 15.865  3.312   1.00 23.83 ? 77  TYR A OH  1 
ATOM   600  N  N   . PRO A 1 82  ? -9.696  9.006   6.180   1.00 15.39 ? 78  PRO A N   1 
ATOM   601  C  CA  . PRO A 1 82  ? -9.302  7.600   6.337   1.00 15.30 ? 78  PRO A CA  1 
ATOM   602  C  C   . PRO A 1 82  ? -10.503 6.680   6.197   1.00 14.62 ? 78  PRO A C   1 
ATOM   603  O  O   . PRO A 1 82  ? -11.607 7.018   6.608   1.00 15.62 ? 78  PRO A O   1 
ATOM   604  C  CB  . PRO A 1 82  ? -8.722  7.548   7.756   1.00 15.58 ? 78  PRO A CB  1 
ATOM   605  C  CG  . PRO A 1 82  ? -8.274  8.965   8.044   1.00 16.68 ? 78  PRO A CG  1 
ATOM   606  C  CD  . PRO A 1 82  ? -9.300  9.832   7.336   1.00 19.85 ? 78  PRO A CD  1 
ATOM   607  N  N   . VAL A 1 83  ? -10.288 5.509   5.608   1.00 14.22 ? 79  VAL A N   1 
ATOM   608  C  CA  . VAL A 1 83  ? -11.365 4.549   5.418   1.00 15.35 ? 79  VAL A CA  1 
ATOM   609  C  C   . VAL A 1 83  ? -11.316 3.495   6.521   1.00 19.49 ? 79  VAL A C   1 
ATOM   610  O  O   . VAL A 1 83  ? -10.327 3.355   7.238   1.00 20.28 ? 79  VAL A O   1 
ATOM   611  C  CB  . VAL A 1 83  ? -11.308 3.899   4.021   1.00 15.52 ? 79  VAL A CB  1 
ATOM   612  C  CG1 . VAL A 1 83  ? -11.278 5.002   2.944   1.00 13.88 ? 79  VAL A CG1 1 
ATOM   613  C  CG2 . VAL A 1 83  ? -10.102 2.994   3.927   1.00 14.00 ? 79  VAL A CG2 1 
ATOM   614  N  N   . ALA A 1 84  ? -12.392 2.727   6.642   1.00 18.91 ? 80  ALA A N   1 
ATOM   615  C  CA  . ALA A 1 84  ? -12.473 1.702   7.677   1.00 21.15 ? 80  ALA A CA  1 
ATOM   616  C  C   . ALA A 1 84  ? -11.497 0.561   7.406   1.00 20.85 ? 80  ALA A C   1 
ATOM   617  O  O   . ALA A 1 84  ? -11.282 0.159   6.259   1.00 17.99 ? 80  ALA A O   1 
ATOM   618  C  CB  . ALA A 1 84  ? -13.902 1.160   7.761   1.00 19.60 ? 80  ALA A CB  1 
ATOM   619  N  N   . ALA A 1 85  ? -10.904 0.031   8.475   1.00 19.56 ? 81  ALA A N   1 
ATOM   620  C  CA  . ALA A 1 85  ? -10.051 -1.139  8.332   1.00 21.41 ? 81  ALA A CA  1 
ATOM   621  C  C   . ALA A 1 85  ? -10.870 -2.291  7.772   1.00 20.75 ? 81  ALA A C   1 
ATOM   622  O  O   . ALA A 1 85  ? -12.006 -2.524  8.197   1.00 18.30 ? 81  ALA A O   1 
ATOM   623  C  CB  . ALA A 1 85  ? -9.428  -1.531  9.672   1.00 21.91 ? 81  ALA A CB  1 
ATOM   624  N  N   . GLY A 1 86  ? -10.303 -2.988  6.794   1.00 17.41 ? 82  GLY A N   1 
ATOM   625  C  CA  . GLY A 1 86  ? -10.987 -4.063  6.119   1.00 18.61 ? 82  GLY A CA  1 
ATOM   626  C  C   . GLY A 1 86  ? -11.830 -3.654  4.926   1.00 19.14 ? 82  GLY A C   1 
ATOM   627  O  O   . GLY A 1 86  ? -12.343 -4.540  4.225   1.00 18.77 ? 82  GLY A O   1 
ATOM   628  N  N   . SER A 1 87  ? -11.983 -2.353  4.659   1.00 17.78 ? 83  SER A N   1 
ATOM   629  C  CA  . SER A 1 87  ? -12.776 -1.921  3.513   1.00 16.44 ? 83  SER A CA  1 
ATOM   630  C  C   . SER A 1 87  ? -11.919 -1.949  2.243   1.00 17.61 ? 83  SER A C   1 
ATOM   631  O  O   . SER A 1 87  ? -10.696 -2.119  2.295   1.00 17.37 ? 83  SER A O   1 
ATOM   632  C  CB  . SER A 1 87  ? -13.382 -0.534  3.757   1.00 14.50 ? 83  SER A CB  1 
ATOM   633  O  OG  . SER A 1 87  ? -12.390 0.480   3.879   1.00 15.84 ? 83  SER A OG  1 
ATOM   634  N  N   . VAL A 1 88  ? -12.568 -1.802  1.082   1.00 14.67 ? 84  VAL A N   1 
ATOM   635  C  CA  . VAL A 1 88  ? -11.916 -2.065  -0.207  1.00 16.06 ? 84  VAL A CA  1 
ATOM   636  C  C   . VAL A 1 88  ? -12.050 -0.826  -1.087  1.00 15.07 ? 84  VAL A C   1 
ATOM   637  O  O   . VAL A 1 88  ? -13.169 -0.370  -1.344  1.00 14.83 ? 84  VAL A O   1 
ATOM   638  C  CB  . VAL A 1 88  ? -12.522 -3.291  -0.913  1.00 17.31 ? 84  VAL A CB  1 
ATOM   639  C  CG1 . VAL A 1 88  ? -11.732 -3.622  -2.204  1.00 17.73 ? 84  VAL A CG1 1 
ATOM   640  C  CG2 . VAL A 1 88  ? -12.561 -4.492  0.025   1.00 16.97 ? 84  VAL A CG2 1 
ATOM   641  N  N   . ILE A 1 89  ? -10.920 -0.291  -1.558  1.00 14.65 ? 85  ILE A N   1 
ATOM   642  C  CA  . ILE A 1 89  ? -10.901 0.946   -2.338  1.00 14.30 ? 85  ILE A CA  1 
ATOM   643  C  C   . ILE A 1 89  ? -10.530 0.635   -3.780  1.00 16.42 ? 85  ILE A C   1 
ATOM   644  O  O   . ILE A 1 89  ? -9.459  0.081   -4.045  1.00 13.25 ? 85  ILE A O   1 
ATOM   645  C  CB  . ILE A 1 89  ? -9.904  1.980   -1.790  1.00 13.02 ? 85  ILE A CB  1 
ATOM   646  C  CG1 . ILE A 1 89  ? -10.052 2.175   -0.285  1.00 21.34 ? 85  ILE A CG1 1 
ATOM   647  C  CG2 . ILE A 1 89  ? -10.122 3.318   -2.501  1.00 13.71 ? 85  ILE A CG2 1 
ATOM   648  C  CD1 . ILE A 1 89  ? -9.002  3.168   0.289   1.00 16.91 ? 85  ILE A CD1 1 
ATOM   649  N  N   . ARG A 1 90  ? -11.377 1.075   -4.704  1.00 16.27 ? 86  ARG A N   1 
ATOM   650  C  CA  . ARG A 1 90  ? -11.075 1.063   -6.128  1.00 13.64 ? 86  ARG A CA  1 
ATOM   651  C  C   . ARG A 1 90  ? -10.128 2.223   -6.431  1.00 15.38 ? 86  ARG A C   1 
ATOM   652  O  O   . ARG A 1 90  ? -10.442 3.380   -6.124  1.00 14.24 ? 86  ARG A O   1 
ATOM   653  C  CB  . ARG A 1 90  ? -12.382 1.192   -6.910  1.00 16.89 ? 86  ARG A CB  1 
ATOM   654  C  CG  . ARG A 1 90  ? -12.309 0.879   -8.388  1.00 15.67 ? 86  ARG A CG  1 
ATOM   655  C  CD  . ARG A 1 90  ? -13.677 1.159   -9.021  1.00 18.55 ? 86  ARG A CD  1 
ATOM   656  N  NE  . ARG A 1 90  ? -13.610 0.997   -10.467 1.00 19.79 ? 86  ARG A NE  1 
ATOM   657  C  CZ  . ARG A 1 90  ? -14.630 1.183   -11.298 1.00 25.43 ? 86  ARG A CZ  1 
ATOM   658  N  NH1 . ARG A 1 90  ? -15.822 1.544   -10.831 1.00 21.74 ? 86  ARG A NH1 1 
ATOM   659  N  NH2 . ARG A 1 90  ? -14.453 0.992   -12.603 1.00 23.11 ? 86  ARG A NH2 1 
ATOM   660  N  N   . CYS A 1 91  ? -8.959  1.933   -6.992  1.00 14.80 ? 87  CYS A N   1 
ATOM   661  C  CA  . CYS A 1 91  ? -7.930  2.963   -7.072  1.00 13.19 ? 87  CYS A CA  1 
ATOM   662  C  C   . CYS A 1 91  ? -7.020  2.700   -8.270  1.00 16.79 ? 87  CYS A C   1 
ATOM   663  O  O   . CYS A 1 91  ? -7.220  1.761   -9.046  1.00 16.81 ? 87  CYS A O   1 
ATOM   664  C  CB  . CYS A 1 91  ? -7.117  3.020   -5.771  1.00 10.20 ? 87  CYS A CB  1 
ATOM   665  S  SG  . CYS A 1 91  ? -6.318  1.470   -5.331  1.00 16.90 ? 87  CYS A SG  1 
ATOM   666  N  N   . ARG A 1 92  ? -5.976  3.499   -8.367  1.00 16.24 ? 88  ARG A N   1 
ATOM   667  C  CA  . ARG A 1 92  ? -5.129  3.563   -9.543  1.00 18.93 ? 88  ARG A CA  1 
ATOM   668  C  C   . ARG A 1 92  ? -3.714  3.911   -9.089  1.00 15.70 ? 88  ARG A C   1 
ATOM   669  O  O   . ARG A 1 92  ? -3.518  4.922   -8.398  1.00 16.41 ? 88  ARG A O   1 
ATOM   670  C  CB  . ARG A 1 92  ? -5.761  4.582   -10.497 1.00 20.55 ? 88  ARG A CB  1 
ATOM   671  C  CG  . ARG A 1 92  ? -4.883  5.487   -11.257 1.00 26.10 ? 88  ARG A CG  1 
ATOM   672  C  CD  . ARG A 1 92  ? -5.727  6.288   -12.280 1.00 26.98 ? 88  ARG A CD  1 
ATOM   673  N  NE  . ARG A 1 92  ? -6.212  7.575   -11.779 1.00 22.07 ? 88  ARG A NE  1 
ATOM   674  C  CZ  . ARG A 1 92  ? -5.419  8.622   -11.549 1.00 21.07 ? 88  ARG A CZ  1 
ATOM   675  N  NH1 . ARG A 1 92  ? -4.112  8.515   -11.756 1.00 18.30 ? 88  ARG A NH1 1 
ATOM   676  N  NH2 . ARG A 1 92  ? -5.921  9.775   -11.110 1.00 19.08 ? 88  ARG A NH2 1 
ATOM   677  N  N   . PRO A 1 93  ? -2.713  3.079   -9.401  1.00 15.25 ? 89  PRO A N   1 
ATOM   678  C  CA  . PRO A 1 93  ? -1.343  3.370   -8.951  1.00 16.61 ? 89  PRO A CA  1 
ATOM   679  C  C   . PRO A 1 93  ? -0.790  4.626   -9.609  1.00 16.46 ? 89  PRO A C   1 
ATOM   680  O  O   . PRO A 1 93  ? -1.061  4.899   -10.784 1.00 18.15 ? 89  PRO A O   1 
ATOM   681  C  CB  . PRO A 1 93  ? -0.543  2.129   -9.381  1.00 15.14 ? 89  PRO A CB  1 
ATOM   682  C  CG  . PRO A 1 93  ? -1.579  1.077   -9.720  1.00 15.86 ? 89  PRO A CG  1 
ATOM   683  C  CD  . PRO A 1 93  ? -2.786  1.832   -10.187 1.00 15.90 ? 89  PRO A CD  1 
ATOM   684  N  N   . VAL A 1 94  ? 0.000   5.387   -8.845  1.00 14.51 ? 90  VAL A N   1 
ATOM   685  C  CA  . VAL A 1 94  ? 0.671   6.562   -9.395  1.00 16.71 ? 90  VAL A CA  1 
ATOM   686  C  C   . VAL A 1 94  ? 2.167   6.529   -9.089  1.00 15.52 ? 90  VAL A C   1 
ATOM   687  O  O   . VAL A 1 94  ? 2.917   7.378   -9.576  1.00 17.08 ? 90  VAL A O   1 
ATOM   688  C  CB  . VAL A 1 94  ? 0.038   7.885   -8.907  1.00 15.07 ? 90  VAL A CB  1 
ATOM   689  C  CG1 . VAL A 1 94  ? -1.436  7.993   -9.341  1.00 17.58 ? 90  VAL A CG1 1 
ATOM   690  C  CG2 . VAL A 1 94  ? 0.198   8.074   -7.378  1.00 13.34 ? 90  VAL A CG2 1 
ATOM   691  N  N   . GLY A 1 95  ? 2.630   5.547   -8.322  1.00 15.55 ? 91  GLY A N   1 
ATOM   692  C  CA  . GLY A 1 95  ? 4.056   5.510   -8.035  1.00 16.28 ? 91  GLY A CA  1 
ATOM   693  C  C   . GLY A 1 95  ? 4.468   4.263   -7.284  1.00 16.11 ? 91  GLY A C   1 
ATOM   694  O  O   . GLY A 1 95  ? 3.635   3.498   -6.792  1.00 15.51 ? 91  GLY A O   1 
ATOM   695  N  N   . LYS A 1 96  ? 5.784   4.081   -7.178  1.00 16.94 ? 92  LYS A N   1 
ATOM   696  C  CA  . LYS A 1 96  ? 6.355   2.925   -6.498  1.00 16.92 ? 92  LYS A CA  1 
ATOM   697  C  C   . LYS A 1 96  ? 7.567   3.368   -5.692  1.00 22.63 ? 92  LYS A C   1 
ATOM   698  O  O   . LYS A 1 96  ? 8.489   3.975   -6.243  1.00 22.94 ? 92  LYS A O   1 
ATOM   699  C  CB  . LYS A 1 96  ? 6.751   1.846   -7.502  1.00 20.51 ? 92  LYS A CB  1 
ATOM   700  C  CG  . LYS A 1 96  ? 7.390   0.671   -6.859  1.00 19.89 ? 92  LYS A CG  1 
ATOM   701  C  CD  . LYS A 1 96  ? 7.420   -0.498  -7.803  1.00 29.43 ? 92  LYS A CD  1 
ATOM   702  C  CE  . LYS A 1 96  ? 8.831   -0.770  -8.233  1.00 29.64 ? 92  LYS A CE  1 
ATOM   703  N  NZ  . LYS A 1 96  ? 9.374   -1.992  -7.599  1.00 32.07 ? 92  LYS A NZ  1 
ATOM   704  N  N   . LEU A 1 97  ? 7.563   3.076   -4.390  1.00 21.15 ? 93  LEU A N   1 
ATOM   705  C  CA  . LEU A 1 97  ? 8.652   3.451   -3.500  1.00 19.92 ? 93  LEU A CA  1 
ATOM   706  C  C   . LEU A 1 97  ? 9.498   2.212   -3.237  1.00 20.78 ? 93  LEU A C   1 
ATOM   707  O  O   . LEU A 1 97  ? 8.981   1.197   -2.764  1.00 20.93 ? 93  LEU A O   1 
ATOM   708  C  CB  . LEU A 1 97  ? 8.117   4.044   -2.193  1.00 22.74 ? 93  LEU A CB  1 
ATOM   709  C  CG  . LEU A 1 97  ? 9.163   4.437   -1.137  1.00 23.38 ? 93  LEU A CG  1 
ATOM   710  C  CD1 . LEU A 1 97  ? 10.121  5.498   -1.658  1.00 18.90 ? 93  LEU A CD1 1 
ATOM   711  C  CD2 . LEU A 1 97  ? 8.495   4.898   0.157   1.00 23.65 ? 93  LEU A CD2 1 
ATOM   712  N  N   . ASN A 1 98  ? 10.782  2.287   -3.575  1.00 25.60 ? 94  ASN A N   1 
ATOM   713  C  CA  . ASN A 1 98  ? 11.719  1.179   -3.405  1.00 25.96 ? 94  ASN A CA  1 
ATOM   714  C  C   . ASN A 1 98  ? 12.530  1.377   -2.133  1.00 25.39 ? 94  ASN A C   1 
ATOM   715  O  O   . ASN A 1 98  ? 12.944  2.496   -1.817  1.00 23.48 ? 94  ASN A O   1 
ATOM   716  C  CB  . ASN A 1 98  ? 12.678  1.073   -4.596  1.00 26.98 ? 94  ASN A CB  1 
ATOM   717  C  CG  . ASN A 1 98  ? 11.961  0.863   -5.912  1.00 29.01 ? 94  ASN A CG  1 
ATOM   718  O  OD1 . ASN A 1 98  ? 12.046  1.694   -6.817  1.00 31.52 ? 94  ASN A OD1 1 
ATOM   719  N  ND2 . ASN A 1 98  ? 11.259  -0.258  -6.031  1.00 28.12 ? 94  ASN A ND2 1 
ATOM   720  N  N   . MET A 1 99  ? 12.790  0.280   -1.426  1.00 26.20 ? 95  MET A N   1 
ATOM   721  C  CA  . MET A 1 99  ? 13.524  0.352   -0.172  1.00 34.13 ? 95  MET A CA  1 
ATOM   722  C  C   . MET A 1 99  ? 14.348  -0.914  0.009   1.00 36.82 ? 95  MET A C   1 
ATOM   723  O  O   . MET A 1 99  ? 14.084  -1.944  -0.616  1.00 30.49 ? 95  MET A O   1 
ATOM   724  C  CB  . MET A 1 99  ? 12.575  0.543   1.020   1.00 32.53 ? 95  MET A CB  1 
ATOM   725  C  CG  . MET A 1 99  ? 11.313  -0.309  0.944   1.00 32.77 ? 95  MET A CG  1 
ATOM   726  S  SD  . MET A 1 99  ? 9.954   0.266   2.011   1.00 38.04 ? 95  MET A SD  1 
ATOM   727  C  CE  . MET A 1 99  ? 9.706   1.901   1.411   1.00 26.31 ? 95  MET A CE  1 
ATOM   728  N  N   . GLU A 1 100 ? 15.366  -0.816  0.864   1.00 39.44 ? 96  GLU A N   1 
ATOM   729  C  CA  . GLU A 1 100 ? 16.071  -1.979  1.388   1.00 42.65 ? 96  GLU A CA  1 
ATOM   730  C  C   . GLU A 1 100 ? 15.750  -2.132  2.867   1.00 38.99 ? 96  GLU A C   1 
ATOM   731  O  O   . GLU A 1 100 ? 15.668  -1.141  3.600   1.00 37.59 ? 96  GLU A O   1 
ATOM   732  C  CB  . GLU A 1 100 ? 17.592  -1.863  1.234   1.00 44.64 ? 96  GLU A CB  1 
ATOM   733  C  CG  . GLU A 1 100 ? 18.098  -0.989  0.105   1.00 49.55 ? 96  GLU A CG  1 
ATOM   734  C  CD  . GLU A 1 100 ? 19.613  -1.115  -0.071  1.00 56.54 ? 96  GLU A CD  1 
ATOM   735  O  OE1 . GLU A 1 100 ? 20.127  -2.258  -0.031  1.00 59.50 ? 96  GLU A OE1 1 
ATOM   736  O  OE2 . GLU A 1 100 ? 20.288  -0.075  -0.251  1.00 55.12 ? 96  GLU A OE2 1 
ATOM   737  N  N   . ASP A 1 101 ? 15.586  -3.376  3.307   1.00 41.65 ? 97  ASP A N   1 
ATOM   738  C  CA  . ASP A 1 101 ? 15.432  -3.633  4.732   1.00 43.31 ? 97  ASP A CA  1 
ATOM   739  C  C   . ASP A 1 101 ? 16.389  -4.734  5.188   1.00 48.58 ? 97  ASP A C   1 
ATOM   740  O  O   . ASP A 1 101 ? 17.294  -5.126  4.442   1.00 43.75 ? 97  ASP A O   1 
ATOM   741  C  CB  . ASP A 1 101 ? 13.968  -3.970  5.061   1.00 40.74 ? 97  ASP A CB  1 
ATOM   742  C  CG  . ASP A 1 101 ? 13.470  -5.226  4.373   1.00 44.37 ? 97  ASP A CG  1 
ATOM   743  O  OD1 . ASP A 1 101 ? 14.300  -6.018  3.891   1.00 46.09 ? 97  ASP A OD1 1 
ATOM   744  O  OD2 . ASP A 1 101 ? 12.234  -5.424  4.314   1.00 44.58 ? 97  ASP A OD2 1 
ATOM   745  N  N   . ASP A 1 102 ? 16.191  -5.232  6.412   1.00 47.18 ? 98  ASP A N   1 
ATOM   746  C  CA  . ASP A 1 102 ? 17.026  -6.296  6.965   1.00 48.28 ? 98  ASP A CA  1 
ATOM   747  C  C   . ASP A 1 102 ? 16.872  -7.618  6.221   1.00 49.80 ? 98  ASP A C   1 
ATOM   748  O  O   . ASP A 1 102 ? 17.745  -8.485  6.340   1.00 48.56 ? 98  ASP A O   1 
ATOM   749  C  CB  . ASP A 1 102 ? 16.681  -6.502  8.441   1.00 46.90 ? 98  ASP A CB  1 
ATOM   750  C  CG  . ASP A 1 102 ? 15.179  -6.586  8.673   1.00 46.08 ? 98  ASP A CG  1 
ATOM   751  O  OD1 . ASP A 1 102 ? 14.611  -7.697  8.578   1.00 43.08 ? 98  ASP A OD1 1 
ATOM   752  O  OD2 . ASP A 1 102 ? 14.562  -5.529  8.926   1.00 47.90 ? 98  ASP A OD2 1 
ATOM   753  N  N   . GLY A 1 103 ? 15.778  -7.804  5.485   1.00 49.82 ? 99  GLY A N   1 
ATOM   754  C  CA  . GLY A 1 103 ? 15.561  -9.027  4.740   1.00 46.24 ? 99  GLY A CA  1 
ATOM   755  C  C   . GLY A 1 103 ? 15.737  -8.855  3.243   1.00 48.96 ? 99  GLY A C   1 
ATOM   756  O  O   . GLY A 1 103 ? 15.151  -9.605  2.454   1.00 51.33 ? 99  GLY A O   1 
ATOM   757  N  N   . GLY A 1 104 ? 16.530  -7.860  2.845   1.00 47.63 ? 100 GLY A N   1 
ATOM   758  C  CA  . GLY A 1 104 ? 16.796  -7.615  1.439   1.00 49.32 ? 100 GLY A CA  1 
ATOM   759  C  C   . GLY A 1 104 ? 16.218  -6.327  0.875   1.00 49.32 ? 100 GLY A C   1 
ATOM   760  O  O   . GLY A 1 104 ? 16.732  -5.232  1.146   1.00 42.69 ? 100 GLY A O   1 
ATOM   761  N  N   . ILE A 1 105 ? 15.163  -6.446  0.061   1.00 42.21 ? 101 ILE A N   1 
ATOM   762  C  CA  . ILE A 1 105 ? 14.530  -5.295  -0.570  1.00 42.36 ? 101 ILE A CA  1 
ATOM   763  C  C   . ILE A 1 105 ? 13.019  -5.418  -0.444  1.00 44.23 ? 101 ILE A C   1 
ATOM   764  O  O   . ILE A 1 105 ? 12.464  -6.501  -0.243  1.00 43.65 ? 101 ILE A O   1 
ATOM   765  C  CB  . ILE A 1 105 ? 14.914  -5.124  -2.061  1.00 41.94 ? 101 ILE A CB  1 
ATOM   766  C  CG1 . ILE A 1 105 ? 14.452  -6.332  -2.883  1.00 38.59 ? 101 ILE A CG1 1 
ATOM   767  C  CG2 . ILE A 1 105 ? 16.411  -4.842  -2.220  1.00 44.05 ? 101 ILE A CG2 1 
ATOM   768  C  CD1 . ILE A 1 105 ? 14.283  -6.025  -4.351  1.00 40.79 ? 101 ILE A CD1 1 
ATOM   769  N  N   . ASP A 1 106 ? 12.358  -4.273  -0.582  1.00 41.30 ? 102 ASP A N   1 
ATOM   770  C  CA  . ASP A 1 106 ? 10.922  -4.157  -0.417  1.00 36.48 ? 102 ASP A CA  1 
ATOM   771  C  C   . ASP A 1 106 ? 10.455  -3.017  -1.303  1.00 34.72 ? 102 ASP A C   1 
ATOM   772  O  O   . ASP A 1 106 ? 11.258  -2.205  -1.768  1.00 33.35 ? 102 ASP A O   1 
ATOM   773  C  CB  . ASP A 1 106 ? 10.552  -3.890  1.051   1.00 37.76 ? 102 ASP A CB  1 
ATOM   774  C  CG  . ASP A 1 106 ? 9.115   -4.255  1.373   1.00 38.76 ? 102 ASP A CG  1 
ATOM   775  O  OD1 . ASP A 1 106 ? 8.414   -4.792  0.492   1.00 35.57 ? 102 ASP A OD1 1 
ATOM   776  O  OD2 . ASP A 1 106 ? 8.696   -4.006  2.519   1.00 38.62 ? 102 ASP A OD2 1 
ATOM   777  N  N   . ALA A 1 107 ? 9.148   -2.962  -1.539  1.00 30.88 ? 103 ALA A N   1 
ATOM   778  C  CA  . ALA A 1 107 ? 8.585   -1.851  -2.289  1.00 27.42 ? 103 ALA A CA  1 
ATOM   779  C  C   . ALA A 1 107 ? 7.130   -1.664  -1.883  1.00 25.39 ? 103 ALA A C   1 
ATOM   780  O  O   . ALA A 1 107 ? 6.446   -2.617  -1.510  1.00 26.45 ? 103 ALA A O   1 
ATOM   781  C  CB  . ALA A 1 107 ? 8.706   -2.063  -3.805  1.00 22.94 ? 103 ALA A CB  1 
ATOM   782  N  N   . LYS A 1 108 ? 6.676   -0.416  -1.940  1.00 22.87 ? 104 LYS A N   1 
ATOM   783  C  CA  . LYS A 1 108 ? 5.288   -0.066  -1.665  1.00 20.47 ? 104 LYS A CA  1 
ATOM   784  C  C   . LYS A 1 108 ? 4.794   0.776   -2.825  1.00 18.07 ? 104 LYS A C   1 
ATOM   785  O  O   . LYS A 1 108 ? 5.446   1.759   -3.194  1.00 21.02 ? 104 LYS A O   1 
ATOM   786  C  CB  . LYS A 1 108 ? 5.140   0.732   -0.351  1.00 18.38 ? 104 LYS A CB  1 
ATOM   787  C  CG  . LYS A 1 108 ? 5.870   0.145   0.836   1.00 20.37 ? 104 LYS A CG  1 
ATOM   788  C  CD  . LYS A 1 108 ? 5.167   -1.076  1.349   1.00 20.62 ? 104 LYS A CD  1 
ATOM   789  C  CE  . LYS A 1 108 ? 5.994   -1.730  2.433   1.00 22.50 ? 104 LYS A CE  1 
ATOM   790  N  NZ  . LYS A 1 108 ? 5.853   -3.197  2.405   1.00 25.36 ? 104 LYS A NZ  1 
ATOM   791  N  N   . LEU A 1 109 ? 3.649   0.409   -3.387  1.00 14.22 ? 105 LEU A N   1 
ATOM   792  C  CA  . LEU A 1 109 ? 3.019   1.295   -4.352  1.00 14.78 ? 105 LEU A CA  1 
ATOM   793  C  C   . LEU A 1 109 ? 2.233   2.385   -3.631  1.00 15.69 ? 105 LEU A C   1 
ATOM   794  O  O   . LEU A 1 109 ? 1.859   2.253   -2.461  1.00 17.13 ? 105 LEU A O   1 
ATOM   795  C  CB  . LEU A 1 109 ? 2.073   0.529   -5.277  1.00 14.90 ? 105 LEU A CB  1 
ATOM   796  C  CG  . LEU A 1 109 ? 2.608   -0.693  -6.001  1.00 18.13 ? 105 LEU A CG  1 
ATOM   797  C  CD1 . LEU A 1 109 ? 1.628   -1.079  -7.109  1.00 16.31 ? 105 LEU A CD1 1 
ATOM   798  C  CD2 . LEU A 1 109 ? 3.972   -0.408  -6.564  1.00 18.18 ? 105 LEU A CD2 1 
ATOM   799  N  N   . ILE A 1 110 ? 1.976   3.469   -4.352  1.00 15.41 ? 106 ILE A N   1 
ATOM   800  C  CA  . ILE A 1 110 ? 1.061   4.501   -3.898  1.00 15.84 ? 106 ILE A CA  1 
ATOM   801  C  C   . ILE A 1 110 ? 0.021   4.725   -4.988  1.00 16.82 ? 106 ILE A C   1 
ATOM   802  O  O   . ILE A 1 110 ? 0.337   4.710   -6.187  1.00 15.61 ? 106 ILE A O   1 
ATOM   803  C  CB  . ILE A 1 110 ? 1.801   5.802   -3.499  1.00 13.29 ? 106 ILE A CB  1 
ATOM   804  C  CG1 . ILE A 1 110 ? 0.860   6.754   -2.745  1.00 11.26 ? 106 ILE A CG1 1 
ATOM   805  C  CG2 . ILE A 1 110 ? 2.493   6.471   -4.688  1.00 11.91 ? 106 ILE A CG2 1 
ATOM   806  C  CD1 . ILE A 1 110 ? 1.605   7.804   -1.981  1.00 13.89 ? 106 ILE A CD1 1 
ATOM   807  N  N   . ALA A 1 111 ? -1.233  4.874   -4.565  1.00 13.50 ? 107 ALA A N   1 
ATOM   808  C  CA  . ALA A 1 111 ? -2.380  4.926   -5.459  1.00 14.32 ? 107 ALA A CA  1 
ATOM   809  C  C   . ALA A 1 111 ? -3.352  5.996   -4.991  1.00 17.20 ? 107 ALA A C   1 
ATOM   810  O  O   . ALA A 1 111 ? -3.337  6.411   -3.821  1.00 13.80 ? 107 ALA A O   1 
ATOM   811  C  CB  . ALA A 1 111 ? -3.099  3.572   -5.527  1.00 14.57 ? 107 ALA A CB  1 
ATOM   812  N  N   . VAL A 1 112 ? -4.223  6.409   -5.906  1.00 13.50 ? 108 VAL A N   1 
ATOM   813  C  CA  . VAL A 1 112 ? -5.278  7.375   -5.609  1.00 15.08 ? 108 VAL A CA  1 
ATOM   814  C  C   . VAL A 1 112 ? -6.612  6.754   -5.999  1.00 16.88 ? 108 VAL A C   1 
ATOM   815  O  O   . VAL A 1 112 ? -6.678  5.900   -6.904  1.00 16.35 ? 108 VAL A O   1 
ATOM   816  C  CB  . VAL A 1 112 ? -5.055  8.715   -6.348  1.00 15.82 ? 108 VAL A CB  1 
ATOM   817  C  CG1 . VAL A 1 112 ? -3.751  9.359   -5.909  1.00 15.28 ? 108 VAL A CG1 1 
ATOM   818  C  CG2 . VAL A 1 112 ? -5.083  8.487   -7.870  1.00 17.72 ? 108 VAL A CG2 1 
ATOM   819  N  N   . PRO A 1 113 ? -7.708  7.207   -5.381  1.00 16.08 ? 109 PRO A N   1 
ATOM   820  C  CA  . PRO A 1 113 ? -9.033  6.662   -5.699  1.00 14.79 ? 109 PRO A CA  1 
ATOM   821  C  C   . PRO A 1 113 ? -9.387  6.830   -7.167  1.00 17.12 ? 109 PRO A C   1 
ATOM   822  O  O   . PRO A 1 113 ? -9.043  7.830   -7.797  1.00 15.56 ? 109 PRO A O   1 
ATOM   823  C  CB  . PRO A 1 113 ? -9.980  7.485   -4.813  1.00 15.05 ? 109 PRO A CB  1 
ATOM   824  C  CG  . PRO A 1 113 ? -9.116  7.975   -3.697  1.00 14.48 ? 109 PRO A CG  1 
ATOM   825  C  CD  . PRO A 1 113 ? -7.779  8.244   -4.337  1.00 15.15 ? 109 PRO A CD  1 
ATOM   826  N  N   . HIS A 1 114 ? -10.066 5.816   -7.693  1.00 14.59 ? 110 HIS A N   1 
ATOM   827  C  CA  . HIS A 1 114 ? -10.665 5.856   -9.021  1.00 15.57 ? 110 HIS A CA  1 
ATOM   828  C  C   . HIS A 1 114 ? -11.605 7.046   -9.145  1.00 19.21 ? 110 HIS A C   1 
ATOM   829  O  O   . HIS A 1 114 ? -12.233 7.469   -8.168  1.00 18.11 ? 110 HIS A O   1 
ATOM   830  C  CB  . HIS A 1 114 ? -11.431 4.547   -9.269  1.00 17.93 ? 110 HIS A CB  1 
ATOM   831  C  CG  . HIS A 1 114 ? -11.784 4.312   -10.705 1.00 22.06 ? 110 HIS A CG  1 
ATOM   832  N  ND1 . HIS A 1 114 ? -12.940 4.800   -11.279 1.00 27.10 ? 110 HIS A ND1 1 
ATOM   833  C  CD2 . HIS A 1 114 ? -11.130 3.641   -11.685 1.00 22.93 ? 110 HIS A CD2 1 
ATOM   834  C  CE1 . HIS A 1 114 ? -12.983 4.436   -12.552 1.00 25.33 ? 110 HIS A CE1 1 
ATOM   835  N  NE2 . HIS A 1 114 ? -11.898 3.730   -12.821 1.00 22.93 ? 110 HIS A NE2 1 
ATOM   836  N  N   . GLU A 1 115 ? -11.713 7.588   -10.367 1.00 17.74 ? 111 GLU A N   1 
ATOM   837  C  CA  . GLU A 1 115 ? -12.546 8.769   -10.575 1.00 19.74 ? 111 GLU A CA  1 
ATOM   838  C  C   . GLU A 1 115 ? -14.018 8.503   -10.271 1.00 19.29 ? 111 GLU A C   1 
ATOM   839  O  O   . GLU A 1 115 ? -14.752 9.437   -9.933  1.00 20.98 ? 111 GLU A O   1 
ATOM   840  C  CB  . GLU A 1 115 ? -12.374 9.293   -12.003 1.00 22.25 ? 111 GLU A CB  1 
ATOM   841  C  CG  . GLU A 1 115 ? -12.653 8.266   -13.078 1.00 32.99 ? 111 GLU A CG  1 
ATOM   842  C  CD  . GLU A 1 115 ? -12.809 8.900   -14.463 1.00 45.00 ? 111 GLU A CD  1 
ATOM   843  O  OE1 . GLU A 1 115 ? -12.563 10.122  -14.598 1.00 45.17 ? 111 GLU A OE1 1 
ATOM   844  O  OE2 . GLU A 1 115 ? -13.183 8.172   -15.411 1.00 49.24 ? 111 GLU A OE2 1 
ATOM   845  N  N   . LYS A 1 116 ? -14.467 7.247   -10.358 1.00 18.06 ? 112 LYS A N   1 
ATOM   846  C  CA  . LYS A 1 116 ? -15.821 6.924   -9.908  1.00 25.05 ? 112 LYS A CA  1 
ATOM   847  C  C   . LYS A 1 116 ? -16.012 7.218   -8.418  1.00 23.90 ? 112 LYS A C   1 
ATOM   848  O  O   . LYS A 1 116 ? -17.137 7.469   -7.973  1.00 25.14 ? 112 LYS A O   1 
ATOM   849  C  CB  . LYS A 1 116 ? -16.144 5.450   -10.190 1.00 24.04 ? 112 LYS A CB  1 
ATOM   850  C  CG  . LYS A 1 116 ? -16.441 5.138   -11.649 1.00 31.21 ? 112 LYS A CG  1 
ATOM   851  C  CD  . LYS A 1 116 ? -17.728 5.833   -12.108 1.00 37.39 ? 112 LYS A CD  1 
ATOM   852  C  CE  . LYS A 1 116 ? -18.112 5.439   -13.546 1.00 49.92 ? 112 LYS A CE  1 
ATOM   853  N  NZ  . LYS A 1 116 ? -19.006 6.461   -14.188 1.00 53.01 ? 112 LYS A NZ  1 
ATOM   854  N  N   . LEU A 1 117 ? -14.937 7.201   -7.635  1.00 17.54 ? 113 LEU A N   1 
ATOM   855  C  CA  . LEU A 1 117 ? -15.080 7.429   -6.201  1.00 17.83 ? 113 LEU A CA  1 
ATOM   856  C  C   . LEU A 1 117 ? -14.935 8.893   -5.808  1.00 20.66 ? 113 LEU A C   1 
ATOM   857  O  O   . LEU A 1 117 ? -15.546 9.319   -4.821  1.00 17.49 ? 113 LEU A O   1 
ATOM   858  C  CB  . LEU A 1 117 ? -14.051 6.602   -5.426  1.00 14.88 ? 113 LEU A CB  1 
ATOM   859  C  CG  . LEU A 1 117 ? -14.447 5.200   -4.977  1.00 17.68 ? 113 LEU A CG  1 
ATOM   860  C  CD1 . LEU A 1 117 ? -15.003 4.353   -6.135  1.00 18.59 ? 113 LEU A CD1 1 
ATOM   861  C  CD2 . LEU A 1 117 ? -13.255 4.516   -4.332  1.00 15.47 ? 113 LEU A CD2 1 
ATOM   862  N  N   . SER A 1 118 ? -14.130 9.668   -6.547  1.00 19.81 ? 114 SER A N   1 
ATOM   863  C  CA  . SER A 1 118 ? -13.841 11.048  -6.188  1.00 17.38 ? 114 SER A CA  1 
ATOM   864  C  C   . SER A 1 118 ? -13.271 11.776  -7.391  1.00 21.20 ? 114 SER A C   1 
ATOM   865  O  O   . SER A 1 118 ? -12.493 11.177  -8.144  1.00 19.52 ? 114 SER A O   1 
ATOM   866  C  CB  . SER A 1 118 ? -12.837 11.113  -5.032  1.00 17.34 ? 114 SER A CB  1 
ATOM   867  O  OG  . SER A 1 118 ? -12.453 12.457  -4.768  1.00 18.27 ? 114 SER A OG  1 
ATOM   868  N  N   . PRO A 1 119 ? -13.596 13.055  -7.591  1.00 22.24 ? 115 PRO A N   1 
ATOM   869  C  CA  . PRO A 1 119 ? -12.910 13.833  -8.631  1.00 22.70 ? 115 PRO A CA  1 
ATOM   870  C  C   . PRO A 1 119 ? -11.594 14.434  -8.169  1.00 23.39 ? 115 PRO A C   1 
ATOM   871  O  O   . PRO A 1 119 ? -10.878 15.005  -9.000  1.00 20.69 ? 115 PRO A O   1 
ATOM   872  C  CB  . PRO A 1 119 ? -13.918 14.940  -8.946  1.00 19.03 ? 115 PRO A CB  1 
ATOM   873  C  CG  . PRO A 1 119 ? -14.540 15.216  -7.589  1.00 25.01 ? 115 PRO A CG  1 
ATOM   874  C  CD  . PRO A 1 119 ? -14.611 13.859  -6.884  1.00 21.97 ? 115 PRO A CD  1 
ATOM   875  N  N   . LEU A 1 120 ? -11.260 14.325  -6.878  1.00 17.53 ? 116 LEU A N   1 
ATOM   876  C  CA  . LEU A 1 120 ? -10.154 15.082  -6.307  1.00 19.16 ? 116 LEU A CA  1 
ATOM   877  C  C   . LEU A 1 120 ? -8.801  14.730  -6.915  1.00 21.65 ? 116 LEU A C   1 
ATOM   878  O  O   . LEU A 1 120 ? -7.877  15.542  -6.828  1.00 20.37 ? 116 LEU A O   1 
ATOM   879  C  CB  . LEU A 1 120 ? -10.093 14.857  -4.794  1.00 17.26 ? 116 LEU A CB  1 
ATOM   880  C  CG  . LEU A 1 120 ? -11.141 15.607  -3.965  1.00 20.34 ? 116 LEU A CG  1 
ATOM   881  C  CD1 . LEU A 1 120 ? -11.188 15.042  -2.576  1.00 21.36 ? 116 LEU A CD1 1 
ATOM   882  C  CD2 . LEU A 1 120 ? -10.824 17.095  -3.932  1.00 21.00 ? 116 LEU A CD2 1 
ATOM   883  N  N   . TYR A 1 121 ? -8.644  13.542  -7.504  1.00 15.20 ? 117 TYR A N   1 
ATOM   884  C  CA  . TYR A 1 121 ? -7.326  13.090  -7.947  1.00 20.99 ? 117 TYR A CA  1 
ATOM   885  C  C   . TYR A 1 121 ? -7.228  12.974  -9.464  1.00 22.82 ? 117 TYR A C   1 
ATOM   886  O  O   . TYR A 1 121 ? -6.288  12.358  -9.978  1.00 20.01 ? 117 TYR A O   1 
ATOM   887  C  CB  . TYR A 1 121 ? -6.976  11.767  -7.268  1.00 16.89 ? 117 TYR A CB  1 
ATOM   888  C  CG  . TYR A 1 121 ? -7.175  11.857  -5.773  1.00 20.96 ? 117 TYR A CG  1 
ATOM   889  C  CD1 . TYR A 1 121 ? -6.162  12.314  -4.948  1.00 19.11 ? 117 TYR A CD1 1 
ATOM   890  C  CD2 . TYR A 1 121 ? -8.407  11.551  -5.194  1.00 19.33 ? 117 TYR A CD2 1 
ATOM   891  C  CE1 . TYR A 1 121 ? -6.356  12.430  -3.578  1.00 23.20 ? 117 TYR A CE1 1 
ATOM   892  C  CE2 . TYR A 1 121 ? -8.606  11.662  -3.825  1.00 21.21 ? 117 TYR A CE2 1 
ATOM   893  C  CZ  . TYR A 1 121 ? -7.581  12.099  -3.025  1.00 17.02 ? 117 TYR A CZ  1 
ATOM   894  O  OH  . TYR A 1 121 ? -7.782  12.214  -1.657  1.00 21.59 ? 117 TYR A OH  1 
ATOM   895  N  N   . LYS A 1 122 ? -8.166  13.597  -10.182 1.00 23.68 ? 118 LYS A N   1 
ATOM   896  C  CA  . LYS A 1 122 ? -8.187  13.521  -11.640 1.00 28.61 ? 118 LYS A CA  1 
ATOM   897  C  C   . LYS A 1 122 ? -6.859  13.964  -12.238 1.00 30.45 ? 118 LYS A C   1 
ATOM   898  O  O   . LYS A 1 122 ? -6.351  13.341  -13.179 1.00 33.67 ? 118 LYS A O   1 
ATOM   899  C  CB  . LYS A 1 122 ? -9.335  14.376  -12.185 1.00 31.76 ? 118 LYS A CB  1 
ATOM   900  N  N   . ASP A 1 123 ? -6.262  15.010  -11.683 1.00 26.06 ? 119 ASP A N   1 
ATOM   901  C  CA  . ASP A 1 123 ? -5.008  15.542  -12.196 1.00 29.85 ? 119 ASP A CA  1 
ATOM   902  C  C   . ASP A 1 123 ? -3.772  14.894  -11.570 1.00 28.10 ? 119 ASP A C   1 
ATOM   903  O  O   . ASP A 1 123 ? -2.660  15.355  -11.828 1.00 24.56 ? 119 ASP A O   1 
ATOM   904  C  CB  . ASP A 1 123 ? -4.966  17.060  -11.988 1.00 32.77 ? 119 ASP A CB  1 
ATOM   905  C  CG  . ASP A 1 123 ? -5.921  17.800  -12.921 1.00 40.73 ? 119 ASP A CG  1 
ATOM   906  O  OD1 . ASP A 1 123 ? -6.321  17.217  -13.950 1.00 40.38 ? 119 ASP A OD1 1 
ATOM   907  O  OD2 . ASP A 1 123 ? -6.276  18.961  -12.626 1.00 47.56 ? 119 ASP A OD2 1 
ATOM   908  N  N   . VAL A 1 124 ? -3.928  13.845  -10.762 1.00 22.74 ? 120 VAL A N   1 
ATOM   909  C  CA  . VAL A 1 124 ? -2.792  13.176  -10.132 1.00 19.89 ? 120 VAL A CA  1 
ATOM   910  C  C   . VAL A 1 124 ? -2.474  11.944  -10.973 1.00 20.70 ? 120 VAL A C   1 
ATOM   911  O  O   . VAL A 1 124 ? -3.098  10.894  -10.816 1.00 21.91 ? 120 VAL A O   1 
ATOM   912  C  CB  . VAL A 1 124 ? -3.072  12.812  -8.668  1.00 17.60 ? 120 VAL A CB  1 
ATOM   913  C  CG1 . VAL A 1 124 ? -1.889  12.048  -8.073  1.00 18.18 ? 120 VAL A CG1 1 
ATOM   914  C  CG2 . VAL A 1 124 ? -3.355  14.062  -7.854  1.00 20.39 ? 120 VAL A CG2 1 
ATOM   915  N  N   . LYS A 1 125 ? -1.501  12.069  -11.879 1.00 20.57 ? 121 LYS A N   1 
ATOM   916  C  CA  . LYS A 1 125 ? -1.110  10.968  -12.753 1.00 23.65 ? 121 LYS A CA  1 
ATOM   917  C  C   . LYS A 1 125 ? 0.171   10.280  -12.306 1.00 22.14 ? 121 LYS A C   1 
ATOM   918  O  O   . LYS A 1 125 ? 0.378   9.100   -12.616 1.00 20.05 ? 121 LYS A O   1 
ATOM   919  C  CB  . LYS A 1 125 ? -0.934  11.471  -14.195 1.00 22.10 ? 121 LYS A CB  1 
ATOM   920  C  CG  . LYS A 1 125 ? -2.160  12.182  -14.769 1.00 28.17 ? 121 LYS A CG  1 
ATOM   921  C  CD  . LYS A 1 125 ? -3.405  11.321  -14.656 1.00 31.86 ? 121 LYS A CD  1 
ATOM   922  C  CE  . LYS A 1 125 ? -3.196  9.960   -15.313 1.00 30.98 ? 121 LYS A CE  1 
ATOM   923  N  NZ  . LYS A 1 125 ? -4.407  9.088   -15.166 1.00 41.16 ? 121 LYS A NZ  1 
ATOM   924  N  N   . GLU A 1 126 ? 1.031   11.009  -11.598 1.00 17.71 ? 122 GLU A N   1 
ATOM   925  C  CA  . GLU A 1 126 ? 2.305   10.537  -11.084 1.00 17.55 ? 122 GLU A CA  1 
ATOM   926  C  C   . GLU A 1 126 ? 2.381   10.891  -9.607  1.00 16.51 ? 122 GLU A C   1 
ATOM   927  O  O   . GLU A 1 126 ? 1.734   11.835  -9.159  1.00 19.06 ? 122 GLU A O   1 
ATOM   928  C  CB  . GLU A 1 126 ? 3.478   11.190  -11.829 1.00 22.22 ? 122 GLU A CB  1 
ATOM   929  C  CG  . GLU A 1 126 ? 3.551   10.819  -13.303 1.00 22.98 ? 122 GLU A CG  1 
ATOM   930  C  CD  . GLU A 1 126 ? 3.965   9.374   -13.496 1.00 24.02 ? 122 GLU A CD  1 
ATOM   931  O  OE1 . GLU A 1 126 ? 4.541   8.785   -12.551 1.00 22.63 ? 122 GLU A OE1 1 
ATOM   932  O  OE2 . GLU A 1 126 ? 3.709   8.825   -14.585 1.00 25.63 ? 122 GLU A OE2 1 
ATOM   933  N  N   . TYR A 1 127 ? 3.186   10.136  -8.850  1.00 17.78 ? 123 TYR A N   1 
ATOM   934  C  CA  . TYR A 1 127 ? 3.340   10.434  -7.424  1.00 19.06 ? 123 TYR A CA  1 
ATOM   935  C  C   . TYR A 1 127 ? 3.866   11.851  -7.212  1.00 23.10 ? 123 TYR A C   1 
ATOM   936  O  O   . TYR A 1 127 ? 3.603   12.469  -6.172  1.00 18.22 ? 123 TYR A O   1 
ATOM   937  C  CB  . TYR A 1 127 ? 4.263   9.405   -6.756  1.00 18.03 ? 123 TYR A CB  1 
ATOM   938  C  CG  . TYR A 1 127 ? 5.722   9.587   -7.124  1.00 19.99 ? 123 TYR A CG  1 
ATOM   939  C  CD1 . TYR A 1 127 ? 6.224   9.052   -8.302  1.00 21.95 ? 123 TYR A CD1 1 
ATOM   940  C  CD2 . TYR A 1 127 ? 6.586   10.313  -6.308  1.00 21.48 ? 123 TYR A CD2 1 
ATOM   941  C  CE1 . TYR A 1 127 ? 7.547   9.228   -8.661  1.00 21.58 ? 123 TYR A CE1 1 
ATOM   942  C  CE2 . TYR A 1 127 ? 7.911   10.500  -6.658  1.00 24.17 ? 123 TYR A CE2 1 
ATOM   943  C  CZ  . TYR A 1 127 ? 8.380   9.961   -7.843  1.00 25.32 ? 123 TYR A CZ  1 
ATOM   944  O  OH  . TYR A 1 127 ? 9.695   10.139  -8.202  1.00 27.24 ? 123 TYR A OH  1 
ATOM   945  N  N   . THR A 1 128 ? 4.598   12.394  -8.190  1.00 21.01 ? 124 THR A N   1 
ATOM   946  C  CA  . THR A 1 128 ? 5.081   13.767  -8.073  1.00 21.79 ? 124 THR A CA  1 
ATOM   947  C  C   . THR A 1 128 ? 3.965   14.798  -8.221  1.00 22.68 ? 124 THR A C   1 
ATOM   948  O  O   . THR A 1 128 ? 4.212   15.979  -7.968  1.00 23.69 ? 124 THR A O   1 
ATOM   949  C  CB  . THR A 1 128 ? 6.183   14.037  -9.106  1.00 25.76 ? 124 THR A CB  1 
ATOM   950  O  OG1 . THR A 1 128 ? 5.740   13.615  -10.398 1.00 22.93 ? 124 THR A OG1 1 
ATOM   951  C  CG2 . THR A 1 128 ? 7.452   13.278  -8.748  1.00 21.66 ? 124 THR A CG2 1 
ATOM   952  N  N   . ASP A 1 129 ? 2.745   14.387  -8.598  1.00 20.06 ? 125 ASP A N   1 
ATOM   953  C  CA  . ASP A 1 129 ? 1.586   15.278  -8.584  1.00 18.55 ? 125 ASP A CA  1 
ATOM   954  C  C   . ASP A 1 129 ? 0.944   15.404  -7.202  1.00 20.97 ? 125 ASP A C   1 
ATOM   955  O  O   . ASP A 1 129 ? 0.069   16.259  -7.019  1.00 19.12 ? 125 ASP A O   1 
ATOM   956  C  CB  . ASP A 1 129 ? 0.522   14.804  -9.580  1.00 18.17 ? 125 ASP A CB  1 
ATOM   957  C  CG  . ASP A 1 129 ? 1.013   14.831  -11.025 1.00 23.16 ? 125 ASP A CG  1 
ATOM   958  O  OD1 . ASP A 1 129 ? 1.688   15.813  -11.388 1.00 24.76 ? 125 ASP A OD1 1 
ATOM   959  O  OD2 . ASP A 1 129 ? 0.718   13.881  -11.790 1.00 18.62 ? 125 ASP A OD2 1 
ATOM   960  N  N   . LEU A 1 130 ? 1.342   14.575  -6.241  1.00 20.33 ? 126 LEU A N   1 
ATOM   961  C  CA  . LEU A 1 130 ? 0.875   14.683  -4.861  1.00 20.68 ? 126 LEU A CA  1 
ATOM   962  C  C   . LEU A 1 130 ? 1.684   15.747  -4.120  1.00 21.36 ? 126 LEU A C   1 
ATOM   963  O  O   . LEU A 1 130 ? 2.779   16.106  -4.552  1.00 21.30 ? 126 LEU A O   1 
ATOM   964  C  CB  . LEU A 1 130 ? 1.020   13.329  -4.173  1.00 18.98 ? 126 LEU A CB  1 
ATOM   965  C  CG  . LEU A 1 130 ? 0.097   12.219  -4.677  1.00 17.55 ? 126 LEU A CG  1 
ATOM   966  C  CD1 . LEU A 1 130 ? 0.543   10.867  -4.140  1.00 16.18 ? 126 LEU A CD1 1 
ATOM   967  C  CD2 . LEU A 1 130 ? -1.343  12.523  -4.281  1.00 16.69 ? 126 LEU A CD2 1 
ATOM   968  N  N   . PRO A 1 131 ? 1.188   16.255  -2.984  1.00 23.93 ? 127 PRO A N   1 
ATOM   969  C  CA  . PRO A 1 131 ? 1.992   17.223  -2.217  1.00 23.97 ? 127 PRO A CA  1 
ATOM   970  C  C   . PRO A 1 131 ? 3.362   16.650  -1.878  1.00 21.37 ? 127 PRO A C   1 
ATOM   971  O  O   . PRO A 1 131 ? 3.492   15.516  -1.418  1.00 19.17 ? 127 PRO A O   1 
ATOM   972  C  CB  . PRO A 1 131 ? 1.148   17.482  -0.961  1.00 23.27 ? 127 PRO A CB  1 
ATOM   973  C  CG  . PRO A 1 131 ? -0.249  17.196  -1.385  1.00 25.12 ? 127 PRO A CG  1 
ATOM   974  C  CD  . PRO A 1 131 ? -0.148  16.059  -2.389  1.00 20.79 ? 127 PRO A CD  1 
ATOM   975  N  N   . GLN A 1 132 ? 4.393   17.439  -2.158  1.00 23.07 ? 128 GLN A N   1 
ATOM   976  C  CA  . GLN A 1 132 ? 5.763   17.035  -1.869  1.00 23.77 ? 128 GLN A CA  1 
ATOM   977  C  C   . GLN A 1 132 ? 5.943   16.623  -0.411  1.00 22.87 ? 128 GLN A C   1 
ATOM   978  O  O   . GLN A 1 132 ? 6.699   15.690  -0.115  1.00 20.23 ? 128 GLN A O   1 
ATOM   979  C  CB  . GLN A 1 132 ? 6.704   18.181  -2.219  1.00 28.87 ? 128 GLN A CB  1 
ATOM   980  C  CG  . GLN A 1 132 ? 6.487   18.784  -3.612  1.00 36.08 ? 128 GLN A CG  1 
ATOM   981  C  CD  . GLN A 1 132 ? 5.169   19.531  -3.784  1.00 45.04 ? 128 GLN A CD  1 
ATOM   982  O  OE1 . GLN A 1 132 ? 4.219   19.321  -3.024  1.00 40.04 ? 128 GLN A OE1 1 
ATOM   983  N  NE2 . GLN A 1 132 ? 5.103   20.404  -4.801  1.00 57.39 ? 128 GLN A NE2 1 
ATOM   984  N  N   . LEU A 1 133 ? 5.270   17.313  0.517   1.00 22.25 ? 129 LEU A N   1 
ATOM   985  C  CA  . LEU A 1 133 ? 5.384   16.944  1.928   1.00 20.24 ? 129 LEU A CA  1 
ATOM   986  C  C   . LEU A 1 133 ? 4.811   15.553  2.190   1.00 20.43 ? 129 LEU A C   1 
ATOM   987  O  O   . LEU A 1 133 ? 5.377   14.786  2.979   1.00 20.33 ? 129 LEU A O   1 
ATOM   988  C  CB  . LEU A 1 133 ? 4.695   17.985  2.811   1.00 21.95 ? 129 LEU A CB  1 
ATOM   989  C  CG  . LEU A 1 133 ? 4.622   17.663  4.312   1.00 24.54 ? 129 LEU A CG  1 
ATOM   990  C  CD1 . LEU A 1 133 ? 6.033   17.524  4.862   1.00 24.42 ? 129 LEU A CD1 1 
ATOM   991  C  CD2 . LEU A 1 133 ? 3.838   18.743  5.081   1.00 24.29 ? 129 LEU A CD2 1 
ATOM   992  N  N   . LEU A 1 134 ? 3.698   15.202  1.531   1.00 19.14 ? 130 LEU A N   1 
ATOM   993  C  CA  . LEU A 1 134 ? 3.145   13.855  1.683   1.00 18.89 ? 130 LEU A CA  1 
ATOM   994  C  C   . LEU A 1 134 ? 4.152   12.805  1.236   1.00 19.23 ? 130 LEU A C   1 
ATOM   995  O  O   . LEU A 1 134 ? 4.388   11.812  1.937   1.00 18.15 ? 130 LEU A O   1 
ATOM   996  C  CB  . LEU A 1 134 ? 1.838   13.706  0.895   1.00 20.33 ? 130 LEU A CB  1 
ATOM   997  C  CG  . LEU A 1 134 ? 1.198   12.292  0.847   1.00 23.99 ? 130 LEU A CG  1 
ATOM   998  C  CD1 . LEU A 1 134 ? 0.929   11.749  2.247   1.00 23.12 ? 130 LEU A CD1 1 
ATOM   999  C  CD2 . LEU A 1 134 ? -0.089  12.256  0.025   1.00 20.90 ? 130 LEU A CD2 1 
ATOM   1000 N  N   . ILE A 1 135 ? 4.767   13.017  0.070   1.00 18.69 ? 131 ILE A N   1 
ATOM   1001 C  CA  . ILE A 1 135 ? 5.788   12.087  -0.404  1.00 18.35 ? 131 ILE A CA  1 
ATOM   1002 C  C   . ILE A 1 135 ? 6.923   11.972  0.609   1.00 18.60 ? 131 ILE A C   1 
ATOM   1003 O  O   . ILE A 1 135 ? 7.404   10.868  0.897   1.00 16.15 ? 131 ILE A O   1 
ATOM   1004 C  CB  . ILE A 1 135 ? 6.310   12.520  -1.785  1.00 22.42 ? 131 ILE A CB  1 
ATOM   1005 C  CG1 . ILE A 1 135 ? 5.156   12.568  -2.791  1.00 19.13 ? 131 ILE A CG1 1 
ATOM   1006 C  CG2 . ILE A 1 135 ? 7.441   11.587  -2.229  1.00 22.19 ? 131 ILE A CG2 1 
ATOM   1007 C  CD1 . ILE A 1 135 ? 4.384   11.245  -2.890  1.00 19.16 ? 131 ILE A CD1 1 
ATOM   1008 N  N   . ASN A 1 136 ? 7.357   13.104  1.182   1.00 17.19 ? 132 ASN A N   1 
ATOM   1009 C  CA  . ASN A 1 136 ? 8.398   13.044  2.210   1.00 19.90 ? 132 ASN A CA  1 
ATOM   1010 C  C   . ASN A 1 136 ? 7.926   12.267  3.433   1.00 17.24 ? 132 ASN A C   1 
ATOM   1011 O  O   . ASN A 1 136 ? 8.688   11.480  4.009   1.00 17.09 ? 132 ASN A O   1 
ATOM   1012 C  CB  . ASN A 1 136 ? 8.827   14.450  2.634   1.00 20.14 ? 132 ASN A CB  1 
ATOM   1013 C  CG  . ASN A 1 136 ? 9.250   15.308  1.477   1.00 23.64 ? 132 ASN A CG  1 
ATOM   1014 O  OD1 . ASN A 1 136 ? 9.690   14.798  0.446   1.00 46.45 ? 132 ASN A OD1 1 
ATOM   1015 N  ND2 . ASN A 1 136 ? 9.125   16.638  1.632   1.00 43.48 ? 132 ASN A ND2 1 
ATOM   1016 N  N   . GLN A 1 137 ? 6.679   12.504  3.868   1.00 16.94 ? 133 GLN A N   1 
ATOM   1017 C  CA  . GLN A 1 137 ? 6.151   11.799  5.037   1.00 17.66 ? 133 GLN A CA  1 
ATOM   1018 C  C   . GLN A 1 137 ? 6.154   10.301  4.814   1.00 16.41 ? 133 GLN A C   1 
ATOM   1019 O  O   . GLN A 1 137 ? 6.463   9.526   5.730   1.00 14.52 ? 133 GLN A O   1 
ATOM   1020 C  CB  . GLN A 1 137 ? 4.713   12.245  5.341   1.00 18.58 ? 133 GLN A CB  1 
ATOM   1021 C  CG  . GLN A 1 137 ? 4.557   13.672  5.753   1.00 23.40 ? 133 GLN A CG  1 
ATOM   1022 C  CD  . GLN A 1 137 ? 3.097   14.049  5.954   1.00 28.64 ? 133 GLN A CD  1 
ATOM   1023 O  OE1 . GLN A 1 137 ? 2.202   13.416  5.395   1.00 28.60 ? 133 GLN A OE1 1 
ATOM   1024 N  NE2 . GLN A 1 137 ? 2.851   15.077  6.764   1.00 28.44 ? 133 GLN A NE2 1 
ATOM   1025 N  N   . VAL A 1 138 ? 5.772   9.875   3.607   1.00 15.34 ? 134 VAL A N   1 
ATOM   1026 C  CA  . VAL A 1 138 ? 5.753   8.445   3.297   1.00 16.11 ? 134 VAL A CA  1 
ATOM   1027 C  C   . VAL A 1 138 ? 7.161   7.869   3.367   1.00 15.78 ? 134 VAL A C   1 
ATOM   1028 O  O   . VAL A 1 138 ? 7.387   6.827   3.990   1.00 16.28 ? 134 VAL A O   1 
ATOM   1029 C  CB  . VAL A 1 138 ? 5.098   8.204   1.924   1.00 18.85 ? 134 VAL A CB  1 
ATOM   1030 C  CG1 . VAL A 1 138 ? 5.268   6.755   1.479   1.00 16.27 ? 134 VAL A CG1 1 
ATOM   1031 C  CG2 . VAL A 1 138 ? 3.619   8.575   1.988   1.00 16.13 ? 134 VAL A CG2 1 
ATOM   1032 N  N   . GLU A 1 139 ? 8.137   8.554   2.747   1.00 15.93 ? 135 GLU A N   1 
ATOM   1033 C  CA  . GLU A 1 139 ? 9.525   8.096   2.828   1.00 17.57 ? 135 GLU A CA  1 
ATOM   1034 C  C   . GLU A 1 139 ? 9.994   8.013   4.272   1.00 15.96 ? 135 GLU A C   1 
ATOM   1035 O  O   . GLU A 1 139 ? 10.585  7.011   4.687   1.00 17.67 ? 135 GLU A O   1 
ATOM   1036 C  CB  . GLU A 1 139 ? 10.448  9.026   2.044   1.00 20.45 ? 135 GLU A CB  1 
ATOM   1037 C  CG  . GLU A 1 139 ? 10.240  8.984   0.534   1.00 21.97 ? 135 GLU A CG  1 
ATOM   1038 C  CD  . GLU A 1 139 ? 11.073  10.041  -0.189  1.00 28.28 ? 135 GLU A CD  1 
ATOM   1039 O  OE1 . GLU A 1 139 ? 12.062  10.515  0.400   1.00 32.89 ? 135 GLU A OE1 1 
ATOM   1040 O  OE2 . GLU A 1 139 ? 10.737  10.404  -1.336  1.00 30.18 ? 135 GLU A OE2 1 
ATOM   1041 N  N   . HIS A 1 140 ? 9.744   9.073   5.049   1.00 16.82 ? 136 HIS A N   1 
ATOM   1042 C  CA  . HIS A 1 140 ? 10.177  9.111   6.442   1.00 17.50 ? 136 HIS A CA  1 
ATOM   1043 C  C   . HIS A 1 140 ? 9.468   8.047   7.275   1.00 16.95 ? 136 HIS A C   1 
ATOM   1044 O  O   . HIS A 1 140 ? 10.087  7.414   8.144   1.00 16.74 ? 136 HIS A O   1 
ATOM   1045 C  CB  . HIS A 1 140 ? 9.932   10.516  7.007   1.00 17.31 ? 136 HIS A CB  1 
ATOM   1046 C  CG  . HIS A 1 140 ? 10.411  10.698  8.411   1.00 22.40 ? 136 HIS A CG  1 
ATOM   1047 N  ND1 . HIS A 1 140 ? 9.620   10.420  9.504   1.00 18.25 ? 136 HIS A ND1 1 
ATOM   1048 C  CD2 . HIS A 1 140 ? 11.598  11.133  8.902   1.00 19.64 ? 136 HIS A CD2 1 
ATOM   1049 C  CE1 . HIS A 1 140 ? 10.300  10.671  10.610  1.00 20.63 ? 136 HIS A CE1 1 
ATOM   1050 N  NE2 . HIS A 1 140 ? 11.505  11.098  10.272  1.00 20.26 ? 136 HIS A NE2 1 
ATOM   1051 N  N   . PHE A 1 141 ? 8.175   7.821   7.018   1.00 16.52 ? 137 PHE A N   1 
ATOM   1052 C  CA  . PHE A 1 141 ? 7.462   6.789   7.765   1.00 14.57 ? 137 PHE A CA  1 
ATOM   1053 C  C   . PHE A 1 141 ? 8.092   5.414   7.545   1.00 17.42 ? 137 PHE A C   1 
ATOM   1054 O  O   . PHE A 1 141 ? 8.430   4.709   8.504   1.00 16.97 ? 137 PHE A O   1 
ATOM   1055 C  CB  . PHE A 1 141 ? 5.977   6.754   7.377   1.00 14.64 ? 137 PHE A CB  1 
ATOM   1056 C  CG  . PHE A 1 141 ? 5.238   5.629   8.036   1.00 16.73 ? 137 PHE A CG  1 
ATOM   1057 C  CD1 . PHE A 1 141 ? 4.747   5.773   9.335   1.00 16.20 ? 137 PHE A CD1 1 
ATOM   1058 C  CD2 . PHE A 1 141 ? 5.085   4.409   7.400   1.00 17.91 ? 137 PHE A CD2 1 
ATOM   1059 C  CE1 . PHE A 1 141 ? 4.098   4.713   9.967   1.00 16.15 ? 137 PHE A CE1 1 
ATOM   1060 C  CE2 . PHE A 1 141 ? 4.439   3.353   8.032   1.00 18.76 ? 137 PHE A CE2 1 
ATOM   1061 C  CZ  . PHE A 1 141 ? 3.943   3.513   9.316   1.00 17.31 ? 137 PHE A CZ  1 
ATOM   1062 N  N   . PHE A 1 142 ? 8.254   5.003   6.285   1.00 17.36 ? 138 PHE A N   1 
ATOM   1063 C  CA  . PHE A 1 142 ? 8.791   3.662   6.073   1.00 16.30 ? 138 PHE A CA  1 
ATOM   1064 C  C   . PHE A 1 142 ? 10.232  3.559   6.529   1.00 17.45 ? 138 PHE A C   1 
ATOM   1065 O  O   . PHE A 1 142 ? 10.670  2.483   6.956   1.00 17.45 ? 138 PHE A O   1 
ATOM   1066 C  CB  . PHE A 1 142 ? 8.631   3.250   4.619   1.00 18.15 ? 138 PHE A CB  1 
ATOM   1067 C  CG  . PHE A 1 142 ? 7.238   2.872   4.299   1.00 17.26 ? 138 PHE A CG  1 
ATOM   1068 C  CD1 . PHE A 1 142 ? 6.700   1.704   4.821   1.00 20.86 ? 138 PHE A CD1 1 
ATOM   1069 C  CD2 . PHE A 1 142 ? 6.430   3.717   3.577   1.00 20.18 ? 138 PHE A CD2 1 
ATOM   1070 C  CE1 . PHE A 1 142 ? 5.392   1.355   4.579   1.00 18.96 ? 138 PHE A CE1 1 
ATOM   1071 C  CE2 . PHE A 1 142 ? 5.114   3.373   3.324   1.00 25.43 ? 138 PHE A CE2 1 
ATOM   1072 C  CZ  . PHE A 1 142 ? 4.593   2.190   3.834   1.00 21.51 ? 138 PHE A CZ  1 
ATOM   1073 N  N   . SER A 1 143 ? 10.969  4.666   6.479   1.00 17.20 ? 139 SER A N   1 
ATOM   1074 C  CA  . SER A 1 143 ? 12.343  4.640   6.955   1.00 20.45 ? 139 SER A CA  1 
ATOM   1075 C  C   . SER A 1 143 ? 12.419  4.386   8.459   1.00 21.66 ? 139 SER A C   1 
ATOM   1076 O  O   . SER A 1 143 ? 13.376  3.764   8.925   1.00 21.39 ? 139 SER A O   1 
ATOM   1077 C  CB  . SER A 1 143 ? 13.045  5.949   6.573   1.00 22.12 ? 139 SER A CB  1 
ATOM   1078 O  OG  . SER A 1 143 ? 14.383  5.934   7.026   1.00 30.92 ? 139 SER A OG  1 
ATOM   1079 N  N   . HIS A 1 144 ? 11.411  4.813   9.239   1.00 18.44 ? 140 HIS A N   1 
ATOM   1080 C  CA  . HIS A 1 144 ? 11.554  4.793   10.690  1.00 18.75 ? 140 HIS A CA  1 
ATOM   1081 C  C   . HIS A 1 144 ? 10.520  3.982   11.461  1.00 17.02 ? 140 HIS A C   1 
ATOM   1082 O  O   . HIS A 1 144 ? 10.738  3.738   12.654  1.00 17.30 ? 140 HIS A O   1 
ATOM   1083 C  CB  . HIS A 1 144 ? 11.555  6.227   11.234  1.00 15.70 ? 140 HIS A CB  1 
ATOM   1084 C  CG  . HIS A 1 144 ? 12.734  7.024   10.780  1.00 20.24 ? 140 HIS A CG  1 
ATOM   1085 N  ND1 . HIS A 1 144 ? 14.012  6.790   11.243  1.00 22.83 ? 140 HIS A ND1 1 
ATOM   1086 C  CD2 . HIS A 1 144 ? 12.841  8.020   9.865   1.00 21.98 ? 140 HIS A CD2 1 
ATOM   1087 C  CE1 . HIS A 1 144 ? 14.851  7.623   10.651  1.00 22.69 ? 140 HIS A CE1 1 
ATOM   1088 N  NE2 . HIS A 1 144 ? 14.166  8.384   9.815   1.00 23.14 ? 140 HIS A NE2 1 
ATOM   1089 N  N   . TYR A 1 145 ? 9.419   3.542   10.844  1.00 16.31 ? 141 TYR A N   1 
ATOM   1090 C  CA  . TYR A 1 145 ? 8.351   2.951   11.648  1.00 18.77 ? 141 TYR A CA  1 
ATOM   1091 C  C   . TYR A 1 145 ? 8.765   1.660   12.340  1.00 19.81 ? 141 TYR A C   1 
ATOM   1092 O  O   . TYR A 1 145 ? 8.176   1.322   13.371  1.00 20.56 ? 141 TYR A O   1 
ATOM   1093 C  CB  . TYR A 1 145 ? 7.085   2.730   10.815  1.00 17.49 ? 141 TYR A CB  1 
ATOM   1094 C  CG  . TYR A 1 145 ? 7.086   1.600   9.808   1.00 17.97 ? 141 TYR A CG  1 
ATOM   1095 C  CD1 . TYR A 1 145 ? 8.089   1.480   8.848   1.00 21.96 ? 141 TYR A CD1 1 
ATOM   1096 C  CD2 . TYR A 1 145 ? 6.028   0.695   9.767   1.00 23.83 ? 141 TYR A CD2 1 
ATOM   1097 C  CE1 . TYR A 1 145 ? 8.051   0.450   7.903   1.00 22.99 ? 141 TYR A CE1 1 
ATOM   1098 C  CE2 . TYR A 1 145 ? 5.980   -0.318  8.837   1.00 24.17 ? 141 TYR A CE2 1 
ATOM   1099 C  CZ  . TYR A 1 145 ? 6.987   -0.439  7.904   1.00 27.14 ? 141 TYR A CZ  1 
ATOM   1100 O  OH  . TYR A 1 145 ? 6.925   -1.462  6.981   1.00 27.33 ? 141 TYR A OH  1 
ATOM   1101 N  N   . LYS A 1 146 ? 9.779   0.953   11.842  1.00 19.48 ? 142 LYS A N   1 
ATOM   1102 C  CA  . LYS A 1 146 ? 10.243  -0.266  12.498  1.00 20.44 ? 142 LYS A CA  1 
ATOM   1103 C  C   . LYS A 1 146 ? 11.481  -0.048  13.364  1.00 20.06 ? 142 LYS A C   1 
ATOM   1104 O  O   . LYS A 1 146 ? 12.120  -1.024  13.766  1.00 22.60 ? 142 LYS A O   1 
ATOM   1105 C  CB  . LYS A 1 146 ? 10.518  -1.356  11.457  1.00 21.70 ? 142 LYS A CB  1 
ATOM   1106 C  CG  . LYS A 1 146 ? 9.291   -1.721  10.644  1.00 24.93 ? 142 LYS A CG  1 
ATOM   1107 C  CD  . LYS A 1 146 ? 9.340   -3.149  10.154  1.00 35.80 ? 142 LYS A CD  1 
ATOM   1108 C  CE  . LYS A 1 146 ? 9.513   -3.214  8.650   1.00 37.06 ? 142 LYS A CE  1 
ATOM   1109 N  NZ  . LYS A 1 146 ? 9.366   -4.625  8.155   1.00 43.73 ? 142 LYS A NZ  1 
ATOM   1110 N  N   . ASP A 1 147 ? 11.832  1.208   13.661  1.00 23.36 ? 143 ASP A N   1 
ATOM   1111 C  CA  . ASP A 1 147 ? 13.068  1.492   14.386  1.00 21.55 ? 143 ASP A CA  1 
ATOM   1112 C  C   . ASP A 1 147 ? 13.095  0.845   15.767  1.00 22.13 ? 143 ASP A C   1 
ATOM   1113 O  O   . ASP A 1 147 ? 14.177  0.587   16.300  1.00 24.12 ? 143 ASP A O   1 
ATOM   1114 C  CB  . ASP A 1 147 ? 13.258  2.999   14.549  1.00 20.01 ? 143 ASP A CB  1 
ATOM   1115 C  CG  . ASP A 1 147 ? 13.813  3.669   13.309  1.00 21.08 ? 143 ASP A CG  1 
ATOM   1116 O  OD1 . ASP A 1 147 ? 14.270  2.970   12.377  1.00 22.09 ? 143 ASP A OD1 1 
ATOM   1117 O  OD2 . ASP A 1 147 ? 13.781  4.921   13.271  1.00 22.70 ? 143 ASP A OD2 1 
ATOM   1118 N  N   . LEU A 1 148 ? 11.934  0.629   16.384  1.00 20.05 ? 144 LEU A N   1 
ATOM   1119 C  CA  . LEU A 1 148 ? 11.870  0.035   17.712  1.00 24.47 ? 144 LEU A CA  1 
ATOM   1120 C  C   . LEU A 1 148 ? 11.506  -1.444  17.678  1.00 28.49 ? 144 LEU A C   1 
ATOM   1121 O  O   . LEU A 1 148 ? 11.238  -2.030  18.732  1.00 32.99 ? 144 LEU A O   1 
ATOM   1122 C  CB  . LEU A 1 148 ? 10.878  0.807   18.587  1.00 22.76 ? 144 LEU A CB  1 
ATOM   1123 C  CG  . LEU A 1 148 ? 11.324  2.231   18.923  1.00 24.87 ? 144 LEU A CG  1 
ATOM   1124 C  CD1 . LEU A 1 148 ? 10.323  2.930   19.857  1.00 19.39 ? 144 LEU A CD1 1 
ATOM   1125 C  CD2 . LEU A 1 148 ? 12.702  2.178   19.534  1.00 23.11 ? 144 LEU A CD2 1 
ATOM   1126 N  N   . GLU A 1 149 ? 11.478  -2.063  16.495  1.00 26.58 ? 145 GLU A N   1 
ATOM   1127 C  CA  . GLU A 1 149 ? 11.333  -3.507  16.409  1.00 31.74 ? 145 GLU A CA  1 
ATOM   1128 C  C   . GLU A 1 149 ? 12.718  -4.117  16.278  1.00 32.28 ? 145 GLU A C   1 
ATOM   1129 O  O   . GLU A 1 149 ? 13.447  -3.778  15.331  1.00 31.52 ? 145 GLU A O   1 
ATOM   1130 C  CB  . GLU A 1 149 ? 10.454  -3.910  15.226  1.00 31.59 ? 145 GLU A CB  1 
ATOM   1131 C  CG  . GLU A 1 149 ? 9.977   -5.364  15.325  1.00 42.58 ? 145 GLU A CG  1 
ATOM   1132 C  CD  . GLU A 1 149 ? 9.108   -5.805  14.154  1.00 47.33 ? 145 GLU A CD  1 
ATOM   1133 O  OE1 . GLU A 1 149 ? 8.493   -4.931  13.494  1.00 48.04 ? 145 GLU A OE1 1 
ATOM   1134 O  OE2 . GLU A 1 149 ? 9.042   -7.031  13.894  1.00 52.08 ? 145 GLU A OE2 1 
ATOM   1135 N  N   . PRO A 1 150 ? 13.136  -4.977  17.206  1.00 41.63 ? 146 PRO A N   1 
ATOM   1136 C  CA  . PRO A 1 150 ? 14.545  -5.400  17.238  1.00 38.23 ? 146 PRO A CA  1 
ATOM   1137 C  C   . PRO A 1 150 ? 14.954  -6.134  15.970  1.00 36.37 ? 146 PRO A C   1 
ATOM   1138 O  O   . PRO A 1 150 ? 14.210  -6.959  15.434  1.00 35.36 ? 146 PRO A O   1 
ATOM   1139 C  CB  . PRO A 1 150 ? 14.615  -6.314  18.469  1.00 43.78 ? 146 PRO A CB  1 
ATOM   1140 C  CG  . PRO A 1 150 ? 13.191  -6.725  18.735  1.00 48.70 ? 146 PRO A CG  1 
ATOM   1141 C  CD  . PRO A 1 150 ? 12.350  -5.559  18.308  1.00 40.66 ? 146 PRO A CD  1 
ATOM   1142 N  N   . GLY A 1 151 ? 16.152  -5.812  15.487  1.00 38.29 ? 147 GLY A N   1 
ATOM   1143 C  CA  . GLY A 1 151 ? 16.663  -6.421  14.278  1.00 43.41 ? 147 GLY A CA  1 
ATOM   1144 C  C   . GLY A 1 151 ? 16.050  -5.919  12.994  1.00 46.98 ? 147 GLY A C   1 
ATOM   1145 O  O   . GLY A 1 151 ? 16.271  -6.531  11.943  1.00 47.55 ? 147 GLY A O   1 
ATOM   1146 N  N   . LYS A 1 152 ? 15.285  -4.828  13.035  1.00 43.10 ? 148 LYS A N   1 
ATOM   1147 C  CA  . LYS A 1 152 ? 14.637  -4.285  11.848  1.00 39.39 ? 148 LYS A CA  1 
ATOM   1148 C  C   . LYS A 1 152 ? 15.246  -2.934  11.489  1.00 41.49 ? 148 LYS A C   1 
ATOM   1149 O  O   . LYS A 1 152 ? 15.459  -2.082  12.363  1.00 41.94 ? 148 LYS A O   1 
ATOM   1150 C  CB  . LYS A 1 152 ? 13.127  -4.142  12.051  1.00 36.52 ? 148 LYS A CB  1 
ATOM   1151 C  CG  . LYS A 1 152 ? 12.418  -5.427  12.441  1.00 41.93 ? 148 LYS A CG  1 
ATOM   1152 C  CD  . LYS A 1 152 ? 12.350  -6.424  11.293  1.00 49.26 ? 148 LYS A CD  1 
ATOM   1153 C  CE  . LYS A 1 152 ? 11.571  -7.671  11.703  1.00 51.66 ? 148 LYS A CE  1 
ATOM   1154 N  NZ  . LYS A 1 152 ? 11.899  -8.846  10.846  1.00 55.18 ? 148 LYS A NZ  1 
ATOM   1155 N  N   . TRP A 1 153 ? 15.537  -2.752  10.202  1.00 42.07 ? 149 TRP A N   1 
ATOM   1156 C  CA  . TRP A 1 153 ? 15.917  -1.455  9.663   1.00 39.03 ? 149 TRP A CA  1 
ATOM   1157 C  C   . TRP A 1 153 ? 15.370  -1.364  8.248   1.00 37.61 ? 149 TRP A C   1 
ATOM   1158 O  O   . TRP A 1 153 ? 15.045  -2.379  7.619   1.00 35.93 ? 149 TRP A O   1 
ATOM   1159 C  CB  . TRP A 1 153 ? 17.436  -1.247  9.682   1.00 43.86 ? 149 TRP A CB  1 
ATOM   1160 C  CG  . TRP A 1 153 ? 18.179  -2.340  8.981   1.00 48.69 ? 149 TRP A CG  1 
ATOM   1161 C  CD1 . TRP A 1 153 ? 18.603  -3.518  9.522   1.00 48.89 ? 149 TRP A CD1 1 
ATOM   1162 C  CD2 . TRP A 1 153 ? 18.568  -2.365  7.603   1.00 49.77 ? 149 TRP A CD2 1 
ATOM   1163 N  NE1 . TRP A 1 153 ? 19.237  -4.275  8.567   1.00 51.45 ? 149 TRP A NE1 1 
ATOM   1164 C  CE2 . TRP A 1 153 ? 19.232  -3.590  7.379   1.00 49.38 ? 149 TRP A CE2 1 
ATOM   1165 C  CE3 . TRP A 1 153 ? 18.421  -1.470  6.535   1.00 49.13 ? 149 TRP A CE3 1 
ATOM   1166 C  CZ2 . TRP A 1 153 ? 19.749  -3.946  6.133   1.00 52.47 ? 149 TRP A CZ2 1 
ATOM   1167 C  CZ3 . TRP A 1 153 ? 18.939  -1.822  5.294   1.00 49.45 ? 149 TRP A CZ3 1 
ATOM   1168 C  CH2 . TRP A 1 153 ? 19.595  -3.052  5.105   1.00 53.52 ? 149 TRP A CH2 1 
ATOM   1169 N  N   . VAL A 1 154 ? 15.230  -0.129  7.768   1.00 35.55 ? 150 VAL A N   1 
ATOM   1170 C  CA  . VAL A 1 154 ? 14.749  0.150   6.420   1.00 35.87 ? 150 VAL A CA  1 
ATOM   1171 C  C   . VAL A 1 154 ? 15.534  1.336   5.888   1.00 34.42 ? 150 VAL A C   1 
ATOM   1172 O  O   . VAL A 1 154 ? 15.669  2.352   6.577   1.00 34.08 ? 150 VAL A O   1 
ATOM   1173 C  CB  . VAL A 1 154 ? 13.237  0.458   6.368   1.00 29.27 ? 150 VAL A CB  1 
ATOM   1174 C  CG1 . VAL A 1 154 ? 12.802  0.722   4.924   1.00 29.16 ? 150 VAL A CG1 1 
ATOM   1175 C  CG2 . VAL A 1 154 ? 12.410  -0.670  6.983   1.00 25.13 ? 150 VAL A CG2 1 
ATOM   1176 N  N   . LYS A 1 155 ? 16.053  1.212   4.670   1.00 35.50 ? 151 LYS A N   1 
ATOM   1177 C  CA  . LYS A 1 155 ? 16.665  2.330   3.967   1.00 36.85 ? 151 LYS A CA  1 
ATOM   1178 C  C   . LYS A 1 155 ? 15.872  2.597   2.697   1.00 33.41 ? 151 LYS A C   1 
ATOM   1179 O  O   . LYS A 1 155 ? 15.532  1.660   1.967   1.00 36.20 ? 151 LYS A O   1 
ATOM   1180 C  CB  . LYS A 1 155 ? 18.138  2.057   3.636   1.00 44.18 ? 151 LYS A CB  1 
ATOM   1181 C  CG  . LYS A 1 155 ? 18.845  3.259   3.003   1.00 50.69 ? 151 LYS A CG  1 
ATOM   1182 C  CD  . LYS A 1 155 ? 20.368  3.137   3.047   1.00 60.59 ? 151 LYS A CD  1 
ATOM   1183 C  CE  . LYS A 1 155 ? 21.044  4.214   2.187   1.00 63.11 ? 151 LYS A CE  1 
ATOM   1184 N  NZ  . LYS A 1 155 ? 21.843  3.638   1.056   1.00 55.63 ? 151 LYS A NZ  1 
ATOM   1185 N  N   . ILE A 1 156 ? 15.570  3.866   2.445   1.00 29.73 ? 152 ILE A N   1 
ATOM   1186 C  CA  . ILE A 1 156 ? 14.814  4.247   1.256   1.00 34.03 ? 152 ILE A CA  1 
ATOM   1187 C  C   . ILE A 1 156 ? 15.760  4.294   0.062   1.00 33.88 ? 152 ILE A C   1 
ATOM   1188 O  O   . ILE A 1 156 ? 16.818  4.929   0.125   1.00 32.62 ? 152 ILE A O   1 
ATOM   1189 C  CB  . ILE A 1 156 ? 14.123  5.604   1.470   1.00 30.60 ? 152 ILE A CB  1 
ATOM   1190 C  CG1 . ILE A 1 156 ? 13.103  5.504   2.606   1.00 29.17 ? 152 ILE A CG1 1 
ATOM   1191 C  CG2 . ILE A 1 156 ? 13.442  6.076   0.195   1.00 29.38 ? 152 ILE A CG2 1 
ATOM   1192 C  CD1 . ILE A 1 156 ? 12.149  4.347   2.448   1.00 23.11 ? 152 ILE A CD1 1 
ATOM   1193 N  N   . SER A 1 157 ? 15.381  3.622   -1.032  1.00 29.73 ? 153 SER A N   1 
ATOM   1194 C  CA  . SER A 1 157 ? 16.168  3.663   -2.264  1.00 30.34 ? 153 SER A CA  1 
ATOM   1195 C  C   . SER A 1 157 ? 15.727  4.795   -3.181  1.00 31.81 ? 153 SER A C   1 
ATOM   1196 O  O   . SER A 1 157 ? 16.553  5.605   -3.611  1.00 37.87 ? 153 SER A O   1 
ATOM   1197 C  CB  . SER A 1 157 ? 16.075  2.330   -3.006  1.00 29.26 ? 153 SER A CB  1 
ATOM   1198 O  OG  . SER A 1 157 ? 16.549  1.282   -2.192  1.00 37.86 ? 153 SER A OG  1 
ATOM   1199 N  N   . GLY A 1 158 ? 14.441  4.873   -3.482  1.00 29.00 ? 154 GLY A N   1 
ATOM   1200 C  CA  . GLY A 1 158 ? 13.934  5.919   -4.344  1.00 27.45 ? 154 GLY A CA  1 
ATOM   1201 C  C   . GLY A 1 158 ? 12.605  5.512   -4.942  1.00 24.79 ? 154 GLY A C   1 
ATOM   1202 O  O   . GLY A 1 158 ? 12.099  4.420   -4.702  1.00 26.67 ? 154 GLY A O   1 
ATOM   1203 N  N   . TRP A 1 159 ? 12.057  6.418   -5.743  1.00 23.07 ? 155 TRP A N   1 
ATOM   1204 C  CA  . TRP A 1 159 ? 10.740  6.246   -6.334  1.00 22.76 ? 155 TRP A CA  1 
ATOM   1205 C  C   . TRP A 1 159 ? 10.852  5.903   -7.810  1.00 27.09 ? 155 TRP A C   1 
ATOM   1206 O  O   . TRP A 1 159 ? 11.789  6.324   -8.493  1.00 24.40 ? 155 TRP A O   1 
ATOM   1207 C  CB  . TRP A 1 159 ? 9.904   7.516   -6.221  1.00 22.75 ? 155 TRP A CB  1 
ATOM   1208 C  CG  . TRP A 1 159 ? 9.434   7.873   -4.857  1.00 24.28 ? 155 TRP A CG  1 
ATOM   1209 C  CD1 . TRP A 1 159 ? 10.083  8.650   -3.941  1.00 22.10 ? 155 TRP A CD1 1 
ATOM   1210 C  CD2 . TRP A 1 159 ? 8.174   7.519   -4.269  1.00 23.99 ? 155 TRP A CD2 1 
ATOM   1211 N  NE1 . TRP A 1 159 ? 9.312   8.781   -2.804  1.00 21.84 ? 155 TRP A NE1 1 
ATOM   1212 C  CE2 . TRP A 1 159 ? 8.134   8.100   -2.983  1.00 23.47 ? 155 TRP A CE2 1 
ATOM   1213 C  CE3 . TRP A 1 159 ? 7.077   6.765   -4.705  1.00 19.63 ? 155 TRP A CE3 1 
ATOM   1214 C  CZ2 . TRP A 1 159 ? 7.038   7.942   -2.119  1.00 23.43 ? 155 TRP A CZ2 1 
ATOM   1215 C  CZ3 . TRP A 1 159 ? 5.988   6.608   -3.843  1.00 20.72 ? 155 TRP A CZ3 1 
ATOM   1216 C  CH2 . TRP A 1 159 ? 5.979   7.198   -2.570  1.00 20.58 ? 155 TRP A CH2 1 
ATOM   1217 N  N   . GLU A 1 160 ? 9.868   5.166   -8.302  1.00 24.05 ? 156 GLU A N   1 
ATOM   1218 C  CA  . GLU A 1 160 ? 9.602   5.065   -9.728  1.00 24.79 ? 156 GLU A CA  1 
ATOM   1219 C  C   . GLU A 1 160 ? 8.157   5.481   -9.968  1.00 22.87 ? 156 GLU A C   1 
ATOM   1220 O  O   . GLU A 1 160 ? 7.367   5.611   -9.030  1.00 18.08 ? 156 GLU A O   1 
ATOM   1221 C  CB  . GLU A 1 160 ? 9.891   3.647   -10.241 1.00 23.77 ? 156 GLU A CB  1 
ATOM   1222 C  CG  . GLU A 1 160 ? 11.346  3.214   -9.988  1.00 25.84 ? 156 GLU A CG  1 
ATOM   1223 C  CD  . GLU A 1 160 ? 11.622  1.771   -10.394 1.00 30.51 ? 156 GLU A CD  1 
ATOM   1224 O  OE1 . GLU A 1 160 ? 12.023  1.540   -11.558 1.00 36.04 ? 156 GLU A OE1 1 
ATOM   1225 O  OE2 . GLU A 1 160 ? 11.425  0.871   -9.548  1.00 31.68 ? 156 GLU A OE2 1 
ATOM   1226 N  N   . GLY A 1 161 ? 7.809   5.698   -11.238 1.00 20.92 ? 157 GLY A N   1 
ATOM   1227 C  CA  . GLY A 1 161 ? 6.568   6.349   -11.596 1.00 18.70 ? 157 GLY A CA  1 
ATOM   1228 C  C   . GLY A 1 161 ? 5.395   5.400   -11.777 1.00 18.61 ? 157 GLY A C   1 
ATOM   1229 O  O   . GLY A 1 161 ? 5.468   4.198   -11.514 1.00 20.97 ? 157 GLY A O   1 
ATOM   1230 N  N   . ALA A 1 162 ? 4.290   5.977   -12.263 1.00 17.90 ? 158 ALA A N   1 
ATOM   1231 C  CA  . ALA A 1 162 ? 3.018   5.269   -12.343 1.00 19.46 ? 158 ALA A CA  1 
ATOM   1232 C  C   . ALA A 1 162 ? 3.108   4.058   -13.261 1.00 22.10 ? 158 ALA A C   1 
ATOM   1233 O  O   . ALA A 1 162 ? 2.574   2.984   -12.954 1.00 17.87 ? 158 ALA A O   1 
ATOM   1234 C  CB  . ALA A 1 162 ? 1.935   6.223   -12.849 1.00 18.65 ? 158 ALA A CB  1 
ATOM   1235 N  N   . ASP A 1 163 ? 3.763   4.226   -14.405 1.00 23.13 ? 159 ASP A N   1 
ATOM   1236 C  CA  . ASP A 1 163 ? 3.887   3.134   -15.358 1.00 21.32 ? 159 ASP A CA  1 
ATOM   1237 C  C   . ASP A 1 163 ? 4.619   1.947   -14.747 1.00 18.46 ? 159 ASP A C   1 
ATOM   1238 O  O   . ASP A 1 163 ? 4.188   0.798   -14.887 1.00 21.22 ? 159 ASP A O   1 
ATOM   1239 C  CB  . ASP A 1 163 ? 4.610   3.646   -16.608 1.00 27.12 ? 159 ASP A CB  1 
ATOM   1240 C  CG  . ASP A 1 163 ? 3.745   4.583   -17.426 1.00 32.62 ? 159 ASP A CG  1 
ATOM   1241 O  OD1 . ASP A 1 163 ? 2.529   4.305   -17.513 1.00 29.86 ? 159 ASP A OD1 1 
ATOM   1242 O  OD2 . ASP A 1 163 ? 4.275   5.600   -17.954 1.00 38.23 ? 159 ASP A OD2 1 
ATOM   1243 N  N   . VAL A 1 164 ? 5.717   2.204   -14.046 1.00 19.70 ? 160 VAL A N   1 
ATOM   1244 C  CA  . VAL A 1 164 ? 6.452   1.117   -13.416 1.00 20.19 ? 160 VAL A CA  1 
ATOM   1245 C  C   . VAL A 1 164 ? 5.635   0.492   -12.286 1.00 19.18 ? 160 VAL A C   1 
ATOM   1246 O  O   . VAL A 1 164 ? 5.658   -0.730  -12.083 1.00 16.30 ? 160 VAL A O   1 
ATOM   1247 C  CB  . VAL A 1 164 ? 7.820   1.633   -12.938 1.00 24.74 ? 160 VAL A CB  1 
ATOM   1248 C  CG1 . VAL A 1 164 ? 8.457   0.647   -11.974 1.00 25.13 ? 160 VAL A CG1 1 
ATOM   1249 C  CG2 . VAL A 1 164 ? 8.735   1.873   -14.155 1.00 28.35 ? 160 VAL A CG2 1 
ATOM   1250 N  N   . ALA A 1 165 ? 4.904   1.312   -11.529 1.00 19.10 ? 161 ALA A N   1 
ATOM   1251 C  CA  . ALA A 1 165 ? 4.027   0.759   -10.499 1.00 16.43 ? 161 ALA A CA  1 
ATOM   1252 C  C   . ALA A 1 165 ? 2.968   -0.151  -11.113 1.00 18.89 ? 161 ALA A C   1 
ATOM   1253 O  O   . ALA A 1 165 ? 2.677   -1.230  -10.585 1.00 16.87 ? 161 ALA A O   1 
ATOM   1254 C  CB  . ALA A 1 165 ? 3.379   1.900   -9.711  1.00 14.77 ? 161 ALA A CB  1 
ATOM   1255 N  N   . LYS A 1 166 ? 2.373   0.271   -12.228 1.00 19.13 ? 162 LYS A N   1 
ATOM   1256 C  CA  . LYS A 1 166 ? 1.368   -0.557  -12.879 1.00 21.84 ? 162 LYS A CA  1 
ATOM   1257 C  C   . LYS A 1 166 ? 1.977   -1.849  -13.404 1.00 17.76 ? 162 LYS A C   1 
ATOM   1258 O  O   . LYS A 1 166 ? 1.342   -2.907  -13.341 1.00 19.60 ? 162 LYS A O   1 
ATOM   1259 C  CB  . LYS A 1 166 ? 0.698   0.225   -14.007 1.00 22.42 ? 162 LYS A CB  1 
ATOM   1260 C  CG  . LYS A 1 166 ? -0.276  1.283   -13.530 1.00 23.16 ? 162 LYS A CG  1 
ATOM   1261 C  CD  . LYS A 1 166 ? -0.554  2.297   -14.634 1.00 24.15 ? 162 LYS A CD  1 
ATOM   1262 C  CE  . LYS A 1 166 ? -1.530  3.361   -14.153 1.00 33.53 ? 162 LYS A CE  1 
ATOM   1263 N  NZ  . LYS A 1 166 ? -1.714  4.444   -15.167 1.00 35.40 ? 162 LYS A NZ  1 
ATOM   1264 N  N   . ALA A 1 167 ? 3.214   -1.784  -13.906 1.00 19.55 ? 163 ALA A N   1 
ATOM   1265 C  CA  . ALA A 1 167 ? 3.901   -3.004  -14.331 1.00 21.03 ? 163 ALA A CA  1 
ATOM   1266 C  C   . ALA A 1 167 ? 4.068   -3.967  -13.168 1.00 22.98 ? 163 ALA A C   1 
ATOM   1267 O  O   . ALA A 1 167 ? 3.958   -5.191  -13.338 1.00 17.73 ? 163 ALA A O   1 
ATOM   1268 C  CB  . ALA A 1 167 ? 5.264   -2.660  -14.926 1.00 19.96 ? 163 ALA A CB  1 
ATOM   1269 N  N   . GLU A 1 168 ? 4.334   -3.427  -11.972 1.00 20.76 ? 164 GLU A N   1 
ATOM   1270 C  CA  . GLU A 1 168 ? 4.473   -4.258  -10.782 1.00 19.62 ? 164 GLU A CA  1 
ATOM   1271 C  C   . GLU A 1 168 ? 3.168   -4.966  -10.443 1.00 16.89 ? 164 GLU A C   1 
ATOM   1272 O  O   . GLU A 1 168 ? 3.168   -6.126  -10.018 1.00 20.76 ? 164 GLU A O   1 
ATOM   1273 C  CB  . GLU A 1 168 ? 4.937   -3.386  -9.611  1.00 20.37 ? 164 GLU A CB  1 
ATOM   1274 C  CG  . GLU A 1 168 ? 5.537   -4.152  -8.478  1.00 28.33 ? 164 GLU A CG  1 
ATOM   1275 C  CD  . GLU A 1 168 ? 6.914   -4.707  -8.822  1.00 35.18 ? 164 GLU A CD  1 
ATOM   1276 O  OE1 . GLU A 1 168 ? 7.421   -5.537  -8.039  1.00 43.06 ? 164 GLU A OE1 1 
ATOM   1277 O  OE2 . GLU A 1 168 ? 7.486   -4.306  -9.863  1.00 32.86 ? 164 GLU A OE2 1 
ATOM   1278 N  N   . VAL A 1 169 ? 2.055   -4.287  -10.628 1.00 17.31 ? 165 VAL A N   1 
ATOM   1279 C  CA  . VAL A 1 169 ? 0.730   -4.916  -10.392 1.00 18.80 ? 165 VAL A CA  1 
ATOM   1280 C  C   . VAL A 1 169 ? 0.591   -6.124  -11.338 1.00 21.03 ? 165 VAL A C   1 
ATOM   1281 O  O   . VAL A 1 169 ? 0.269   -7.177  -10.887 1.00 17.22 ? 165 VAL A O   1 
ATOM   1282 C  CB  . VAL A 1 169 ? -0.413  -3.906  -10.596 1.00 18.19 ? 165 VAL A CB  1 
ATOM   1283 C  CG1 . VAL A 1 169 ? -1.763  -4.575  -10.563 1.00 19.33 ? 165 VAL A CG1 1 
ATOM   1284 C  CG2 . VAL A 1 169 ? -0.353  -2.769  -9.590  1.00 19.64 ? 165 VAL A CG2 1 
ATOM   1285 N  N   . ILE A 1 170 ? 0.894   -5.926  -12.609 1.00 20.98 ? 166 ILE A N   1 
ATOM   1286 C  CA  . ILE A 1 170 ? 0.717   -7.032  -13.588 1.00 20.93 ? 166 ILE A CA  1 
ATOM   1287 C  C   . ILE A 1 170 ? 1.647   -8.196  -13.237 1.00 20.05 ? 166 ILE A C   1 
ATOM   1288 O  O   . ILE A 1 170 ? 1.197   -9.300  -13.227 1.00 24.84 ? 166 ILE A O   1 
ATOM   1289 C  CB  . ILE A 1 170 ? 0.828   -6.557  -15.043 1.00 20.98 ? 166 ILE A CB  1 
ATOM   1290 C  CG1 . ILE A 1 170 ? -0.073  -5.371  -15.341 1.00 29.79 ? 166 ILE A CG1 1 
ATOM   1291 C  CG2 . ILE A 1 170 ? 0.362   -7.677  -15.927 1.00 38.01 ? 166 ILE A CG2 1 
ATOM   1292 C  CD1 . ILE A 1 170 ? -1.463  -5.789  -15.648 1.00 29.78 ? 166 ILE A CD1 1 
ATOM   1293 N  N   . LYS A 1 171 ? 2.886   -7.910  -12.881 1.00 22.88 ? 167 LYS A N   1 
ATOM   1294 C  CA  . LYS A 1 171 ? 3.841   -8.973  -12.516 1.00 23.85 ? 167 LYS A CA  1 
ATOM   1295 C  C   . LYS A 1 171 ? 3.313   -9.757  -11.324 1.00 25.27 ? 167 LYS A C   1 
ATOM   1296 O  O   . LYS A 1 171 ? 3.378   -10.951 -11.370 1.00 23.42 ? 167 LYS A O   1 
ATOM   1297 C  CB  . LYS A 1 171 ? 5.228   -8.387  -12.283 1.00 26.88 ? 167 LYS A CB  1 
ATOM   1298 C  CG  . LYS A 1 171 ? 5.862   -7.832  -13.549 1.00 32.52 ? 167 LYS A CG  1 
ATOM   1299 C  CD  . LYS A 1 171 ? 7.357   -7.744  -13.538 1.00 41.94 ? 167 LYS A CD  1 
ATOM   1300 C  CE  . LYS A 1 171 ? 7.935   -8.261  -14.842 1.00 47.32 ? 167 LYS A CE  1 
ATOM   1301 N  NZ  . LYS A 1 171 ? 8.460   -9.641  -14.758 1.00 47.67 ? 167 LYS A NZ  1 
ATOM   1302 N  N   . ALA A 1 172 ? 2.779   -9.062  -10.326 1.00 24.03 ? 168 ALA A N   1 
ATOM   1303 C  CA  . ALA A 1 172 ? 2.266   -9.706  -9.102  1.00 20.23 ? 168 ALA A CA  1 
ATOM   1304 C  C   . ALA A 1 172 ? 1.008   -10.512 -9.423  1.00 20.29 ? 168 ALA A C   1 
ATOM   1305 O  O   . ALA A 1 172 ? 0.821   -11.514 -8.802  1.00 23.73 ? 168 ALA A O   1 
ATOM   1306 C  CB  . ALA A 1 172 ? 2.022   -8.681  -8.043  1.00 21.86 ? 168 ALA A CB  1 
ATOM   1307 N  N   . ILE A 1 173 ? 0.194   -10.045 -10.362 1.00 20.90 ? 169 ILE A N   1 
ATOM   1308 C  CA  . ILE A 1 173 ? -0.978  -10.817 -10.773 1.00 22.00 ? 169 ILE A CA  1 
ATOM   1309 C  C   . ILE A 1 173 ? -0.553  -12.149 -11.396 1.00 26.45 ? 169 ILE A C   1 
ATOM   1310 O  O   . ILE A 1 173 ? -1.031  -13.219 -10.992 1.00 26.36 ? 169 ILE A O   1 
ATOM   1311 C  CB  . ILE A 1 173 ? -1.858  -9.990  -11.730 1.00 21.76 ? 169 ILE A CB  1 
ATOM   1312 C  CG1 . ILE A 1 173 ? -2.562  -8.844  -10.986 1.00 22.20 ? 169 ILE A CG1 1 
ATOM   1313 C  CG2 . ILE A 1 173 ? -2.907  -10.877 -12.405 1.00 24.96 ? 169 ILE A CG2 1 
ATOM   1314 C  CD1 . ILE A 1 173 ? -3.242  -7.840  -11.921 1.00 21.36 ? 169 ILE A CD1 1 
ATOM   1315 N  N   . GLU A 1 174 ? 0.351   -12.109 -12.386 1.00 27.35 ? 170 GLU A N   1 
ATOM   1316 C  CA  . GLU A 1 174 ? 0.810   -13.354 -13.014 1.00 27.47 ? 170 GLU A CA  1 
ATOM   1317 C  C   . GLU A 1 174 ? 1.484   -14.263 -11.993 1.00 31.61 ? 170 GLU A C   1 
ATOM   1318 O  O   . GLU A 1 174 ? 1.289   -15.486 -12.013 1.00 31.38 ? 170 GLU A O   1 
ATOM   1319 C  CB  . GLU A 1 174 ? 1.766   -13.073 -14.189 1.00 31.90 ? 170 GLU A CB  1 
ATOM   1320 C  CG  . GLU A 1 174 ? 2.032   -14.329 -15.107 1.00 30.49 ? 170 GLU A CG  1 
ATOM   1321 C  CD  . GLU A 1 174 ? 2.608   -14.009 -16.518 1.00 36.11 ? 170 GLU A CD  1 
ATOM   1322 O  OE1 . GLU A 1 174 ? 2.080   -13.121 -17.235 1.00 25.45 ? 170 GLU A OE1 1 
ATOM   1323 O  OE2 . GLU A 1 174 ? 3.603   -14.674 -16.923 1.00 42.40 ? 170 GLU A OE2 1 
ATOM   1324 N  N   . ALA A 1 175 ? 2.244   -13.679 -11.064 1.00 28.25 ? 171 ALA A N   1 
ATOM   1325 C  CA  . ALA A 1 175 ? 2.927   -14.467 -10.044 1.00 27.62 ? 171 ALA A CA  1 
ATOM   1326 C  C   . ALA A 1 175 ? 1.946   -15.220 -9.148  1.00 32.46 ? 171 ALA A C   1 
ATOM   1327 O  O   . ALA A 1 175 ? 2.287   -16.279 -8.613  1.00 32.63 ? 171 ALA A O   1 
ATOM   1328 C  CB  . ALA A 1 175 ? 3.829   -13.558 -9.205  1.00 28.56 ? 171 ALA A CB  1 
ATOM   1329 N  N   . ALA A 1 176 ? 0.729   -14.701 -8.970  1.00 31.52 ? 172 ALA A N   1 
ATOM   1330 C  CA  . ALA A 1 176 ? -0.245  -15.384 -8.129  1.00 31.04 ? 172 ALA A CA  1 
ATOM   1331 C  C   . ALA A 1 176 ? -0.884  -16.590 -8.815  1.00 35.37 ? 172 ALA A C   1 
ATOM   1332 O  O   . ALA A 1 176 ? -1.492  -17.419 -8.131  1.00 31.96 ? 172 ALA A O   1 
ATOM   1333 C  CB  . ALA A 1 176 ? -1.345  -14.415 -7.684  1.00 26.48 ? 172 ALA A CB  1 
ATOM   1334 N  N   . LYS A 1 177 ? -0.788  -16.701 -10.136 1.00 33.58 ? 173 LYS A N   1 
ATOM   1335 C  CA  . LYS A 1 177 ? -1.315  -17.887 -10.814 1.00 37.76 ? 173 LYS A CA  1 
ATOM   1336 C  C   . LYS A 1 177 ? -0.201  -18.846 -11.226 1.00 37.86 ? 173 LYS A C   1 
ATOM   1337 O  O   . LYS A 1 177 ? 0.443   -19.469 -10.375 1.00 44.44 ? 173 LYS A O   1 
ATOM   1338 C  CB  . LYS A 1 177 ? -2.147  -17.490 -12.030 1.00 34.72 ? 173 LYS A CB  1 
ATOM   1339 C  CG  . LYS A 1 177 ? -1.792  -16.153 -12.610 1.00 35.93 ? 173 LYS A CG  1 
ATOM   1340 C  CD  . LYS A 1 177 ? -2.740  -15.774 -13.730 1.00 35.24 ? 173 LYS A CD  1 
ATOM   1341 C  CE  . LYS A 1 177 ? -4.031  -15.178 -13.209 1.00 38.46 ? 173 LYS A CE  1 
ATOM   1342 N  NZ  . LYS A 1 177 ? -4.527  -14.110 -14.145 1.00 42.54 ? 173 LYS A NZ  1 
HETATM 1343 MG MG  . MG  B 2 .   ? 4.930   -6.801  2.081   1.00 42.56 ? 401 MG  A MG  1 
HETATM 1344 NA NA  . NA  C 3 .   ? 15.626  -1.617  15.579  1.00 51.93 ? 402 NA  A NA  1 
HETATM 1345 O  O   . HOH D 4 .   ? 1.764   8.710   -15.816 1.00 39.47 ? 501 HOH A O   1 
HETATM 1346 O  O   . HOH D 4 .   ? 15.539  4.168   8.178   1.00 28.75 ? 502 HOH A O   1 
HETATM 1347 O  O   . HOH D 4 .   ? 7.645   -11.570 -13.664 1.00 42.16 ? 503 HOH A O   1 
HETATM 1348 O  O   . HOH D 4 .   ? 6.251   -5.684  0.144   1.00 35.01 ? 504 HOH A O   1 
HETATM 1349 O  O   . HOH D 4 .   ? 8.836   15.184  -1.863  1.00 26.06 ? 505 HOH A O   1 
HETATM 1350 O  O   . HOH D 4 .   ? 0.183   5.639   -16.259 1.00 35.11 ? 506 HOH A O   1 
HETATM 1351 O  O   . HOH D 4 .   ? 17.577  -4.211  16.767  1.00 50.32 ? 507 HOH A O   1 
HETATM 1352 O  O   . HOH D 4 .   ? -16.435 -1.768  -7.696  1.00 27.47 ? 508 HOH A O   1 
HETATM 1353 O  O   . HOH D 4 .   ? 19.159  -4.645  0.739   1.00 49.41 ? 509 HOH A O   1 
HETATM 1354 O  O   . HOH D 4 .   ? 5.809   -7.167  -6.038  1.00 38.34 ? 510 HOH A O   1 
HETATM 1355 O  O   . HOH D 4 .   ? -5.828  -1.144  -17.400 1.00 33.42 ? 511 HOH A O   1 
HETATM 1356 O  O   . HOH D 4 .   ? 12.987  -7.705  1.960   1.00 48.17 ? 512 HOH A O   1 
HETATM 1357 O  O   . HOH D 4 .   ? 3.926   -7.983  -0.174  1.00 34.02 ? 513 HOH A O   1 
HETATM 1358 O  O   . HOH D 4 .   ? 0.068   12.489  6.487   1.00 31.16 ? 514 HOH A O   1 
HETATM 1359 O  O   . HOH D 4 .   ? 2.706   -5.724  4.819   1.00 30.13 ? 515 HOH A O   1 
HETATM 1360 O  O   . HOH D 4 .   ? 4.484   15.445  -11.720 1.00 31.77 ? 516 HOH A O   1 
HETATM 1361 O  O   . HOH D 4 .   ? -3.303  -11.503 16.409  1.00 16.27 ? 517 HOH A O   1 
HETATM 1362 O  O   . HOH D 4 .   ? 7.135   12.298  -12.160 1.00 28.81 ? 518 HOH A O   1 
HETATM 1363 O  O   . HOH D 4 .   ? -15.011 11.925  -10.664 1.00 32.44 ? 519 HOH A O   1 
HETATM 1364 O  O   . HOH D 4 .   ? -14.462 -2.547  7.324   1.00 30.37 ? 520 HOH A O   1 
HETATM 1365 O  O   . HOH D 4 .   ? 7.006   9.632   -12.574 1.00 28.61 ? 521 HOH A O   1 
HETATM 1366 O  O   . HOH D 4 .   ? -1.189  7.736   -14.191 1.00 33.80 ? 522 HOH A O   1 
HETATM 1367 O  O   . HOH D 4 .   ? -6.021  13.305  2.359   1.00 25.96 ? 523 HOH A O   1 
HETATM 1368 O  O   . HOH D 4 .   ? -14.370 13.414  -3.269  1.00 17.06 ? 524 HOH A O   1 
HETATM 1369 O  O   . HOH D 4 .   ? -7.384  -11.635 0.452   1.00 27.02 ? 525 HOH A O   1 
HETATM 1370 O  O   . HOH D 4 .   ? -0.522  5.571   15.222  1.00 30.27 ? 526 HOH A O   1 
HETATM 1371 O  O   . HOH D 4 .   ? -7.426  -5.558  -17.656 1.00 31.65 ? 527 HOH A O   1 
HETATM 1372 O  O   . HOH D 4 .   ? -2.387  -14.866 9.742   1.00 36.74 ? 528 HOH A O   1 
HETATM 1373 O  O   . HOH D 4 .   ? 4.650   -2.965  -3.419  1.00 27.50 ? 529 HOH A O   1 
HETATM 1374 O  O   . HOH D 4 .   ? -6.164  13.990  -0.548  1.00 28.18 ? 530 HOH A O   1 
HETATM 1375 O  O   . HOH D 4 .   ? 2.840   -10.932 14.835  1.00 29.23 ? 531 HOH A O   1 
HETATM 1376 O  O   . HOH D 4 .   ? 8.549   -3.083  19.801  1.00 41.75 ? 532 HOH A O   1 
HETATM 1377 O  O   . HOH D 4 .   ? -7.609  0.193   15.189  1.00 34.34 ? 533 HOH A O   1 
HETATM 1378 O  O   . HOH D 4 .   ? 5.103   6.663   -15.257 1.00 26.30 ? 534 HOH A O   1 
HETATM 1379 O  O   . HOH D 4 .   ? -9.985  11.444  -9.001  1.00 28.07 ? 535 HOH A O   1 
HETATM 1380 O  O   . HOH D 4 .   ? 19.054  2.291   -0.543  1.00 49.64 ? 536 HOH A O   1 
HETATM 1381 O  O   . HOH D 4 .   ? -0.755  -11.618 12.521  1.00 29.64 ? 537 HOH A O   1 
HETATM 1382 O  O   . HOH D 4 .   ? -12.437 8.628   8.593   1.00 27.93 ? 538 HOH A O   1 
HETATM 1383 O  O   . HOH D 4 .   ? -8.070  -13.843 2.499   1.00 41.80 ? 539 HOH A O   1 
HETATM 1384 O  O   . HOH D 4 .   ? 7.781   -2.695  -11.995 1.00 29.83 ? 540 HOH A O   1 
HETATM 1385 O  O   . HOH D 4 .   ? -8.605  4.149   -13.673 1.00 34.21 ? 541 HOH A O   1 
HETATM 1386 O  O   . HOH D 4 .   ? 1.805   14.212  -14.237 1.00 34.23 ? 542 HOH A O   1 
HETATM 1387 O  O   . HOH D 4 .   ? 13.823  1.057   10.523  1.00 35.36 ? 543 HOH A O   1 
HETATM 1388 O  O   . HOH D 4 .   ? 5.770   -2.766  20.336  1.00 32.30 ? 544 HOH A O   1 
HETATM 1389 O  O   . HOH D 4 .   ? -0.456  18.469  -8.498  1.00 33.78 ? 545 HOH A O   1 
HETATM 1390 O  O   . HOH D 4 .   ? -9.792  16.039  3.476   1.00 28.55 ? 546 HOH A O   1 
HETATM 1391 O  O   . HOH D 4 .   ? -0.511  -5.550  2.856   1.00 26.46 ? 547 HOH A O   1 
HETATM 1392 O  O   . HOH D 4 .   ? -8.102  6.596   10.986  1.00 20.68 ? 548 HOH A O   1 
HETATM 1393 O  O   . HOH D 4 .   ? 4.262   18.638  -8.596  1.00 41.59 ? 549 HOH A O   1 
HETATM 1394 O  O   . HOH D 4 .   ? 16.163  4.259   10.870  1.00 34.89 ? 550 HOH A O   1 
HETATM 1395 O  O   . HOH D 4 .   ? -2.858  10.431  2.596   1.00 24.77 ? 551 HOH A O   1 
HETATM 1396 O  O   . HOH D 4 .   ? -2.339  4.991   10.589  1.00 17.67 ? 552 HOH A O   1 
HETATM 1397 O  O   . HOH D 4 .   ? 11.598  1.373   9.826   1.00 23.38 ? 553 HOH A O   1 
HETATM 1398 O  O   . HOH D 4 .   ? -10.981 -2.228  -9.767  1.00 16.52 ? 554 HOH A O   1 
HETATM 1399 O  O   . HOH D 4 .   ? -1.583  -8.968  3.795   1.00 32.76 ? 555 HOH A O   1 
HETATM 1400 O  O   . HOH D 4 .   ? -3.778  -13.428 -10.068 1.00 25.69 ? 556 HOH A O   1 
HETATM 1401 O  O   . HOH D 4 .   ? -6.380  16.370  -8.988  1.00 24.13 ? 557 HOH A O   1 
HETATM 1402 O  O   . HOH D 4 .   ? 5.466   15.602  -4.952  1.00 28.81 ? 558 HOH A O   1 
HETATM 1403 O  O   . HOH D 4 .   ? 10.798  -1.674  -10.426 1.00 40.15 ? 559 HOH A O   1 
HETATM 1404 O  O   . HOH D 4 .   ? 5.814   -10.787 -7.834  1.00 40.32 ? 560 HOH A O   1 
HETATM 1405 O  O   . HOH D 4 .   ? 3.185   3.304   19.169  1.00 18.08 ? 561 HOH A O   1 
HETATM 1406 O  O   . HOH D 4 .   ? 0.236   -6.818  5.502   1.00 34.29 ? 562 HOH A O   1 
HETATM 1407 O  O   . HOH D 4 .   ? -8.211  -1.586  -20.608 1.00 37.32 ? 563 HOH A O   1 
HETATM 1408 O  O   . HOH D 4 .   ? -13.155 -0.834  -15.498 1.00 35.93 ? 564 HOH A O   1 
HETATM 1409 O  O   . HOH D 4 .   ? 9.004   0.088   15.723  1.00 21.85 ? 565 HOH A O   1 
HETATM 1410 O  O   . HOH D 4 .   ? -2.096  11.602  6.538   1.00 28.26 ? 566 HOH A O   1 
HETATM 1411 O  O   . HOH D 4 .   ? -6.708  8.644   15.028  1.00 41.42 ? 567 HOH A O   1 
HETATM 1412 O  O   . HOH D 4 .   ? 5.359   -7.359  -8.794  1.00 33.13 ? 568 HOH A O   1 
HETATM 1413 O  O   . HOH D 4 .   ? -12.014 -9.380  11.170  1.00 24.62 ? 569 HOH A O   1 
HETATM 1414 O  O   . HOH D 4 .   ? -8.715  9.433   -10.074 1.00 23.12 ? 570 HOH A O   1 
HETATM 1415 O  O   . HOH D 4 .   ? -2.300  6.506   -12.728 1.00 26.18 ? 571 HOH A O   1 
HETATM 1416 O  O   . HOH D 4 .   ? -9.276  -16.185 -5.912  1.00 48.91 ? 572 HOH A O   1 
HETATM 1417 O  O   . HOH D 4 .   ? 5.594   -12.330 -12.426 1.00 33.24 ? 573 HOH A O   1 
HETATM 1418 O  O   . HOH D 4 .   ? -12.669 -5.008  -17.636 1.00 45.55 ? 574 HOH A O   1 
HETATM 1419 O  O   . HOH D 4 .   ? -8.398  -6.837  -14.250 1.00 22.50 ? 575 HOH A O   1 
HETATM 1420 O  O   . HOH D 4 .   ? -4.492  0.952   13.155  1.00 16.48 ? 576 HOH A O   1 
HETATM 1421 O  O   . HOH D 4 .   ? 2.777   -1.136  11.369  1.00 34.83 ? 577 HOH A O   1 
HETATM 1422 O  O   . HOH D 4 .   ? 1.477   17.436  -13.706 1.00 39.70 ? 578 HOH A O   1 
HETATM 1423 O  O   . HOH D 4 .   ? -6.658  -18.728 11.036  1.00 29.98 ? 579 HOH A O   1 
HETATM 1424 O  O   . HOH D 4 .   ? -5.010  -15.909 -6.706  1.00 35.95 ? 580 HOH A O   1 
HETATM 1425 O  O   . HOH D 4 .   ? 4.478   -6.096  -1.961  1.00 25.42 ? 581 HOH A O   1 
HETATM 1426 O  O   . HOH D 4 .   ? -12.525 -7.582  7.800   1.00 42.49 ? 582 HOH A O   1 
HETATM 1427 O  O   . HOH D 4 .   ? 16.391  0.554   12.940  1.00 41.30 ? 583 HOH A O   1 
HETATM 1428 O  O   . HOH D 4 .   ? -11.929 -8.361  -13.316 1.00 30.96 ? 584 HOH A O   1 
HETATM 1429 O  O   . HOH D 4 .   ? -7.890  -11.138 -10.369 1.00 24.44 ? 585 HOH A O   1 
HETATM 1430 O  O   . HOH D 4 .   ? 9.730   -6.756  20.511  1.00 34.80 ? 586 HOH A O   1 
HETATM 1431 O  O   . HOH D 4 .   ? 11.690  11.378  -6.547  1.00 39.80 ? 587 HOH A O   1 
HETATM 1432 O  O   . HOH D 4 .   ? -16.812 1.971   -8.164  1.00 23.46 ? 588 HOH A O   1 
HETATM 1433 O  O   . HOH D 4 .   ? 0.566   -7.963  1.797   1.00 31.08 ? 589 HOH A O   1 
HETATM 1434 O  O   . HOH D 4 .   ? 8.613   7.037   18.612  1.00 13.56 ? 590 HOH A O   1 
HETATM 1435 O  O   . HOH D 4 .   ? 1.627   -18.712 -7.207  1.00 40.60 ? 591 HOH A O   1 
HETATM 1436 O  O   . HOH D 4 .   ? -7.491  4.097   14.975  1.00 26.49 ? 592 HOH A O   1 
HETATM 1437 O  O   . HOH D 4 .   ? 2.492   18.366  -10.292 1.00 34.98 ? 593 HOH A O   1 
HETATM 1438 O  O   . HOH D 4 .   ? -0.165  -13.293 3.585   1.00 41.51 ? 594 HOH A O   1 
HETATM 1439 O  O   . HOH D 4 .   ? 11.739  -8.295  16.141  1.00 46.51 ? 595 HOH A O   1 
HETATM 1440 O  O   . HOH D 4 .   ? 8.460   -9.439  19.289  1.00 40.35 ? 596 HOH A O   1 
HETATM 1441 O  O   . HOH D 4 .   ? -8.527  13.654  6.476   1.00 29.85 ? 597 HOH A O   1 
HETATM 1442 O  O   . HOH D 4 .   ? 12.377  -2.548  -4.624  1.00 37.07 ? 598 HOH A O   1 
HETATM 1443 O  O   . HOH D 4 .   ? 4.197   -2.198  6.278   1.00 39.63 ? 599 HOH A O   1 
HETATM 1444 O  O   . HOH D 4 .   ? -2.649  -13.876 -2.982  1.00 40.64 ? 600 HOH A O   1 
HETATM 1445 O  O   . HOH D 4 .   ? 4.973   10.365  -16.715 1.00 36.97 ? 601 HOH A O   1 
HETATM 1446 O  O   . HOH D 4 .   ? -2.350  16.937  -5.534  1.00 36.12 ? 602 HOH A O   1 
HETATM 1447 O  O   . HOH D 4 .   ? -12.620 -2.902  11.027  1.00 37.61 ? 603 HOH A O   1 
HETATM 1448 O  O   . HOH D 4 .   ? 11.113  13.270  -1.777  1.00 45.09 ? 604 HOH A O   1 
HETATM 1449 O  O   . HOH D 4 .   ? 3.061   -7.783  3.301   1.00 38.41 ? 605 HOH A O   1 
HETATM 1450 O  O   . HOH D 4 .   ? -13.498 16.064  0.619   1.00 23.58 ? 606 HOH A O   1 
HETATM 1451 O  O   . HOH D 4 .   ? -10.415 4.578   9.909   1.00 28.07 ? 607 HOH A O   1 
HETATM 1452 O  O   . HOH D 4 .   ? -6.242  -11.724 -14.326 1.00 46.21 ? 608 HOH A O   1 
HETATM 1453 O  O   . HOH D 4 .   ? -12.201 2.492   -15.508 1.00 39.87 ? 609 HOH A O   1 
HETATM 1454 O  O   . HOH D 4 .   ? 7.591   -2.287  16.691  1.00 21.44 ? 610 HOH A O   1 
HETATM 1455 O  O   . HOH D 4 .   ? -20.012 6.811   -8.464  1.00 43.01 ? 611 HOH A O   1 
HETATM 1456 O  O   . HOH D 4 .   ? 2.520   -0.275  21.308  1.00 18.21 ? 612 HOH A O   1 
HETATM 1457 O  O   . HOH D 4 .   ? -14.234 -6.392  -15.528 1.00 41.96 ? 613 HOH A O   1 
HETATM 1458 O  O   . HOH D 4 .   ? -6.969  9.929   4.673   1.00 14.89 ? 614 HOH A O   1 
HETATM 1459 O  O   . HOH D 4 .   ? -7.929  11.963  9.841   1.00 27.35 ? 615 HOH A O   1 
HETATM 1460 O  O   . HOH D 4 .   ? 11.861  3.758   -13.587 1.00 38.95 ? 616 HOH A O   1 
HETATM 1461 O  O   . HOH D 4 .   ? 0.232   15.266  4.066   1.00 36.55 ? 617 HOH A O   1 
HETATM 1462 O  O   . HOH D 4 .   ? -10.796 18.014  -9.112  1.00 38.71 ? 618 HOH A O   1 
HETATM 1463 O  O   . HOH D 4 .   ? 2.975   18.364  -6.556  1.00 28.79 ? 619 HOH A O   1 
HETATM 1464 O  O   . HOH D 4 .   ? -4.992  8.800   2.976   1.00 18.93 ? 620 HOH A O   1 
HETATM 1465 O  O   . HOH D 4 .   ? -5.721  -12.618 -2.176  1.00 24.35 ? 621 HOH A O   1 
HETATM 1466 O  O   . HOH D 4 .   ? 19.220  -10.342 4.448   1.00 52.24 ? 622 HOH A O   1 
HETATM 1467 O  O   . HOH D 4 .   ? 13.391  13.234  0.071   1.00 52.85 ? 623 HOH A O   1 
HETATM 1468 O  O   . HOH D 4 .   ? 6.473   17.812  -7.055  1.00 38.00 ? 624 HOH A O   1 
HETATM 1469 O  O   . HOH D 4 .   ? 0.774   -22.376 -11.249 1.00 49.26 ? 625 HOH A O   1 
HETATM 1470 O  O   . HOH D 4 .   ? 4.215   20.165  0.200   1.00 27.71 ? 626 HOH A O   1 
HETATM 1471 O  O   . HOH D 4 .   ? 6.403   -4.580  -5.275  1.00 39.07 ? 627 HOH A O   1 
HETATM 1472 O  O   . HOH D 4 .   ? -17.499 1.227   -13.428 1.00 38.31 ? 628 HOH A O   1 
HETATM 1473 O  O   . HOH D 4 .   ? 14.578  5.071   -7.891  1.00 44.41 ? 629 HOH A O   1 
HETATM 1474 O  O   . HOH D 4 .   ? -9.364  7.010   -12.352 1.00 13.79 ? 630 HOH A O   1 
HETATM 1475 O  O   . HOH D 4 .   ? -1.167  3.556   12.141  1.00 21.27 ? 631 HOH A O   1 
HETATM 1476 O  O   . HOH D 4 .   ? -4.573  6.077   -16.008 1.00 42.12 ? 632 HOH A O   1 
HETATM 1477 O  O   . HOH D 4 .   ? 3.607   -7.690  6.798   1.00 44.84 ? 633 HOH A O   1 
HETATM 1478 O  O   . HOH D 4 .   ? 16.467  6.141   4.415   1.00 36.03 ? 634 HOH A O   1 
HETATM 1479 O  O   . HOH D 4 .   ? 1.954   20.776  -1.400  1.00 35.92 ? 635 HOH A O   1 
HETATM 1480 O  O   . HOH D 4 .   ? -0.117  1.116   12.680  1.00 29.08 ? 636 HOH A O   1 
HETATM 1481 O  O   . HOH D 4 .   ? -2.147  -14.893 6.329   1.00 36.89 ? 637 HOH A O   1 
HETATM 1482 O  O   . HOH D 4 .   ? 9.889   -7.462  1.466   1.00 51.10 ? 638 HOH A O   1 
HETATM 1483 O  O   . HOH D 4 .   ? 3.666   -12.448 11.147  1.00 49.12 ? 639 HOH A O   1 
HETATM 1484 O  O   . HOH D 4 .   ? -7.910  10.502  12.120  1.00 39.39 ? 640 HOH A O   1 
HETATM 1485 O  O   . HOH D 4 .   ? 14.921  3.147   -6.685  1.00 31.24 ? 641 HOH A O   1 
HETATM 1486 O  O   . HOH D 4 .   ? -2.471  -12.106 9.958   1.00 28.81 ? 642 HOH A O   1 
HETATM 1487 O  O   . HOH D 4 .   ? 7.710   -8.034  -1.442  1.00 44.98 ? 643 HOH A O   1 
HETATM 1488 O  O   . HOH D 4 .   ? 4.787   -14.682 -12.886 1.00 38.73 ? 644 HOH A O   1 
HETATM 1489 O  O   . HOH D 4 .   ? -6.058  -13.057 -11.434 1.00 31.44 ? 645 HOH A O   1 
HETATM 1490 O  O   . HOH D 4 .   ? 1.958   -13.327 6.361   1.00 50.61 ? 646 HOH A O   1 
HETATM 1491 O  O   . HOH D 4 .   ? -6.525  17.025  -4.183  1.00 40.53 ? 647 HOH A O   1 
HETATM 1492 O  O   . HOH D 4 .   ? -14.197 -13.428 8.812   1.00 39.37 ? 648 HOH A O   1 
HETATM 1493 O  O   . HOH D 4 .   ? 16.876  10.120  10.710  1.00 35.54 ? 649 HOH A O   1 
HETATM 1494 O  O   . HOH D 4 .   ? 7.626   -5.711  -2.767  1.00 35.91 ? 650 HOH A O   1 
HETATM 1495 O  O   . HOH D 4 .   ? 13.341  9.542   -5.575  1.00 34.64 ? 651 HOH A O   1 
HETATM 1496 O  O   . HOH D 4 .   ? -8.087  -9.252  -12.130 1.00 38.68 ? 652 HOH A O   1 
HETATM 1497 O  O   . HOH D 4 .   ? 12.169  11.657  4.166   1.00 36.37 ? 653 HOH A O   1 
HETATM 1498 O  O   . HOH D 4 .   ? -14.094 6.831   9.142   1.00 38.58 ? 654 HOH A O   1 
HETATM 1499 O  O   . HOH D 4 .   ? -1.398  -12.906 14.899  1.00 20.57 ? 655 HOH A O   1 
HETATM 1500 O  O   . HOH D 4 .   ? -9.916  3.237   -15.734 1.00 44.38 ? 656 HOH A O   1 
HETATM 1501 O  O   . HOH D 4 .   ? -2.172  6.174   -18.247 1.00 43.33 ? 657 HOH A O   1 
HETATM 1502 O  O   . HOH D 4 .   ? 5.772   17.896  -10.584 1.00 43.93 ? 658 HOH A O   1 
HETATM 1503 O  O   . HOH D 4 .   ? -15.237 -8.642  5.059   1.00 34.25 ? 659 HOH A O   1 
HETATM 1504 O  O   . HOH D 4 .   ? -4.725  -15.962 -9.123  1.00 31.68 ? 660 HOH A O   1 
HETATM 1505 O  O   . HOH D 4 .   ? 5.577   -5.348  5.434   1.00 43.28 ? 661 HOH A O   1 
HETATM 1506 O  O   . HOH D 4 .   ? 7.557   20.223  1.488   1.00 35.06 ? 662 HOH A O   1 
HETATM 1507 O  O   . HOH D 4 .   ? 0.170   7.046   -18.805 1.00 42.24 ? 663 HOH A O   1 
HETATM 1508 O  O   . HOH D 4 .   ? -12.368 13.485  -12.203 1.00 45.02 ? 664 HOH A O   1 
HETATM 1509 O  O   . HOH D 4 .   ? -10.042 -13.035 -9.975  1.00 34.48 ? 665 HOH A O   1 
HETATM 1510 O  O   . HOH D 4 .   ? 13.540  10.002  5.507   1.00 35.89 ? 666 HOH A O   1 
HETATM 1511 O  O   . HOH D 4 .   ? -19.091 0.586   -8.846  1.00 38.39 ? 667 HOH A O   1 
HETATM 1512 O  O   . HOH D 4 .   ? -10.166 -10.007 -13.772 1.00 42.16 ? 668 HOH A O   1 
HETATM 1513 O  O   . HOH D 4 .   ? 7.576   9.049   -15.522 1.00 35.30 ? 669 HOH A O   1 
HETATM 1514 O  O   . HOH D 4 .   ? -4.350  7.786   17.562  1.00 35.66 ? 670 HOH A O   1 
HETATM 1515 O  O   . HOH D 4 .   ? -18.798 -3.018  -8.259  1.00 46.61 ? 671 HOH A O   1 
HETATM 1516 O  O   . HOH D 4 .   ? -3.069  11.431  12.966  1.00 29.72 ? 672 HOH A O   1 
HETATM 1517 O  O   . HOH D 4 .   ? -15.436 -5.235  6.915   1.00 35.94 ? 673 HOH A O   1 
HETATM 1518 O  O   . HOH D 4 .   ? -6.828  6.878   17.893  1.00 41.40 ? 674 HOH A O   1 
HETATM 1519 O  O   . HOH D 4 .   ? -3.702  -15.677 -4.387  1.00 45.33 ? 675 HOH A O   1 
HETATM 1520 O  O   . HOH D 4 .   ? 6.467   13.324  -14.509 1.00 44.51 ? 676 HOH A O   1 
HETATM 1521 O  O   . HOH D 4 .   ? 4.652   14.568  -14.398 1.00 42.21 ? 677 HOH A O   1 
HETATM 1522 O  O   . HOH D 4 .   ? -12.721 5.203   10.302  1.00 45.05 ? 678 HOH A O   1 
HETATM 1523 O  O   . HOH D 4 .   ? -7.390  14.704  10.350  1.00 24.65 ? 679 HOH A O   1 
HETATM 1524 O  O   . HOH D 4 .   ? 18.415  2.625   11.187  1.00 46.62 ? 680 HOH A O   1 
HETATM 1525 O  O   . HOH D 4 .   ? 10.461  12.930  -4.972  1.00 42.73 ? 681 HOH A O   1 
HETATM 1526 O  O   . HOH D 4 .   ? -7.099  1.472   13.438  1.00 39.73 ? 682 HOH A O   1 
HETATM 1527 O  O   . HOH D 4 .   ? 1.703   12.192  -16.477 1.00 39.16 ? 683 HOH A O   1 
HETATM 1528 O  O   . HOH D 4 .   ? -11.119 18.422  3.256   1.00 28.98 ? 684 HOH A O   1 
HETATM 1529 O  O   . HOH D 4 .   ? 10.754  -8.924  19.114  1.00 46.81 ? 685 HOH A O   1 
HETATM 1530 O  O   . HOH D 4 .   ? 4.229   -12.930 7.576   1.00 56.12 ? 686 HOH A O   1 
HETATM 1531 O  O   . HOH D 4 .   ? -10.810 16.784  1.257   1.00 38.77 ? 687 HOH A O   1 
HETATM 1532 O  O   . HOH D 4 .   ? -4.836  12.738  12.808  1.00 30.02 ? 688 HOH A O   1 
HETATM 1533 O  O   . HOH D 4 .   ? -3.130  12.965  2.409   1.00 23.66 ? 689 HOH A O   1 
HETATM 1534 O  O   . HOH D 4 .   ? 8.233   17.271  -9.635  1.00 40.67 ? 690 HOH A O   1 
HETATM 1535 O  O   . HOH D 4 .   ? -14.116 3.348   10.747  1.00 40.65 ? 691 HOH A O   1 
HETATM 1536 O  O   . HOH D 4 .   ? 7.819   14.886  -4.451  1.00 27.39 ? 692 HOH A O   1 
HETATM 1537 O  O   . HOH D 4 .   ? -9.170  0.725   12.714  1.00 40.56 ? 693 HOH A O   1 
HETATM 1538 O  O   . HOH D 4 .   ? -4.093  17.990  -8.073  1.00 40.87 ? 694 HOH A O   1 
HETATM 1539 O  O   . HOH D 4 .   ? -6.472  -8.763  -13.998 1.00 37.29 ? 695 HOH A O   1 
HETATM 1540 O  O   . HOH D 4 .   ? -8.106  16.764  -0.839  1.00 42.50 ? 696 HOH A O   1 
HETATM 1541 O  O   . HOH D 4 .   ? -12.948 18.910  -10.399 1.00 36.44 ? 697 HOH A O   1 
HETATM 1542 O  O   . HOH D 4 .   ? -2.209  19.273  -4.313  1.00 43.32 ? 698 HOH A O   1 
HETATM 1543 O  O   . HOH D 4 .   ? -12.276 11.182  9.390   1.00 36.12 ? 699 HOH A O   1 
HETATM 1544 O  O   . HOH D 4 .   ? 16.007  4.607   17.921  1.00 40.29 ? 700 HOH A O   1 
HETATM 1545 O  O   . HOH D 4 .   ? -0.871  16.314  2.055   1.00 33.85 ? 701 HOH A O   1 
HETATM 1546 O  O   . HOH D 4 .   ? -4.054  15.700  -4.029  1.00 34.91 ? 702 HOH A O   1 
HETATM 1547 O  O   . HOH D 4 .   ? -10.156 8.551   11.108  1.00 41.16 ? 703 HOH A O   1 
HETATM 1548 O  O   . HOH D 4 .   ? -3.613  14.795  -1.399  1.00 31.95 ? 704 HOH A O   1 
HETATM 1549 O  O   . HOH D 4 .   ? -2.281  14.901  0.686   1.00 30.37 ? 705 HOH A O   1 
HETATM 1550 O  O   . HOH D 4 .   ? -9.082  3.662   12.475  1.00 37.82 ? 706 HOH A O   1 
# 
